data_8BHI
#
_entry.id   8BHI
#
_cell.length_a   1.00
_cell.length_b   1.00
_cell.length_c   1.00
_cell.angle_alpha   90.00
_cell.angle_beta   90.00
_cell.angle_gamma   90.00
#
_symmetry.space_group_name_H-M   'P 1'
#
loop_
_entity.id
_entity.type
_entity.pdbx_description
1 polymer 'Gamma-aminobutyric acid receptor subunit alpha-5'
2 non-polymer 2-acetamido-2-deoxy-beta-D-glucopyranose
3 non-polymer [1,1-bis(oxidanylidene)-1,4-thiazinan-4-yl]-[6-[[5-methyl-3-(6-methylpyridin-3-yl)-1,2-oxazol-4-yl]methoxy]pyridin-3-yl]methanone
#
_entity_poly.entity_id   1
_entity_poly.type   'polypeptide(L)'
_entity_poly.pdbx_seq_one_letter_code
;QMPTSSVKDETNDNITIFTRILDGLLDGYDNRLRPGLGERITQVRTDMYVNSFGPVSDTEMEYTIDIFFAQTWKDERLRF
KGPMQRLPLNNLLASKIWTPDTFFHNGKKSFAHWMTTPNRMLRIWNDGRVLYTLRLTISAECPMDLEDFPMDEQNCPLKF
GSYAYPNSEVVYVWTNGSTKSVVVAEDGSRLNQYHLMGQTVGTENISTSTGEYTIMTAHFHLKRKIGYFVIQTYLPCIMT
VILSQVSFWLNRESVAARTVFGVTTVLTMTTLSISARNSLPKVAYATAMDWFIAVCYAFVFSALLEFAFVNYITKSQPAR
AAKIDKMSRIVFPILFGTFNLVYWATYLNGTTETSQVAPA
;
_entity_poly.pdbx_strand_id   A,B,C,D,E
#
loop_
_chem_comp.id
_chem_comp.type
_chem_comp.name
_chem_comp.formula
NAG D-saccharide, beta linking 2-acetamido-2-deoxy-beta-D-glucopyranose 'C8 H15 N O6'
QKF non-polymer [1,1-bis(oxidanylidene)-1,4-thiazinan-4-yl]-[6-[[5-methyl-3-(6-methylpyridin-3-yl)-1,2-oxazol-4-yl]methoxy]pyridin-3-yl]methanone 'C21 H22 N4 O5 S'
#
# COMPACT_ATOMS: atom_id res chain seq x y z
N ASN A 14 46.49 -23.56 -20.66
CA ASN A 14 46.42 -22.43 -21.58
C ASN A 14 45.61 -21.29 -20.98
N ILE A 15 44.51 -21.65 -20.30
CA ILE A 15 43.66 -20.65 -19.67
C ILE A 15 44.40 -19.91 -18.57
N THR A 16 45.45 -20.51 -18.00
CA THR A 16 46.15 -19.87 -16.88
C THR A 16 46.75 -18.53 -17.27
N ILE A 17 46.93 -18.28 -18.57
CA ILE A 17 47.46 -16.99 -19.00
C ILE A 17 46.54 -15.87 -18.54
N PHE A 18 45.22 -16.05 -18.67
CA PHE A 18 44.29 -15.01 -18.27
C PHE A 18 44.39 -14.75 -16.78
N THR A 19 44.52 -15.81 -15.97
CA THR A 19 44.55 -15.65 -14.53
C THR A 19 45.73 -14.77 -14.10
N ARG A 20 46.89 -14.98 -14.70
CA ARG A 20 48.07 -14.20 -14.32
C ARG A 20 47.86 -12.73 -14.64
N ILE A 21 47.24 -12.42 -15.78
CA ILE A 21 47.01 -11.03 -16.17
C ILE A 21 46.14 -10.34 -15.13
N LEU A 22 45.06 -11.00 -14.71
CA LEU A 22 44.17 -10.39 -13.73
C LEU A 22 44.90 -10.11 -12.43
N ASP A 23 45.70 -11.08 -11.96
CA ASP A 23 46.48 -10.86 -10.75
C ASP A 23 47.49 -9.73 -10.95
N GLY A 24 48.11 -9.66 -12.13
CA GLY A 24 49.07 -8.61 -12.38
C GLY A 24 48.46 -7.22 -12.33
N LEU A 25 47.24 -7.08 -12.84
CA LEU A 25 46.61 -5.77 -12.88
C LEU A 25 46.41 -5.21 -11.48
N LEU A 26 45.92 -6.05 -10.55
CA LEU A 26 45.67 -5.59 -9.20
C LEU A 26 46.95 -5.36 -8.42
N ASP A 27 48.10 -5.80 -8.94
CA ASP A 27 49.37 -5.59 -8.26
C ASP A 27 49.69 -4.11 -8.22
N GLY A 28 49.87 -3.56 -7.02
CA GLY A 28 50.17 -2.16 -6.88
C GLY A 28 49.09 -1.25 -7.42
N TYR A 29 47.83 -1.65 -7.26
CA TYR A 29 46.69 -0.87 -7.72
C TYR A 29 45.92 -0.38 -6.51
N ASP A 30 45.74 0.94 -6.41
CA ASP A 30 45.01 1.55 -5.30
C ASP A 30 43.62 1.93 -5.81
N ASN A 31 42.61 1.24 -5.30
CA ASN A 31 41.24 1.49 -5.71
C ASN A 31 40.71 2.82 -5.18
N ARG A 32 41.44 3.47 -4.29
CA ARG A 32 40.99 4.70 -3.67
C ARG A 32 41.44 5.94 -4.44
N LEU A 33 42.16 5.78 -5.54
CA LEU A 33 42.72 6.89 -6.30
C LEU A 33 42.20 6.85 -7.72
N ARG A 34 41.71 7.99 -8.20
CA ARG A 34 41.24 8.08 -9.55
C ARG A 34 42.41 8.06 -10.54
N PRO A 35 42.20 7.54 -11.74
CA PRO A 35 43.25 7.61 -12.76
C PRO A 35 43.54 9.03 -13.16
N GLY A 36 44.79 9.28 -13.55
CA GLY A 36 45.20 10.61 -13.92
C GLY A 36 45.34 11.58 -12.78
N LEU A 37 45.31 11.09 -11.55
CA LEU A 37 45.39 11.98 -10.39
C LEU A 37 46.70 12.75 -10.41
N GLY A 38 46.58 14.07 -10.21
CA GLY A 38 47.74 14.93 -10.27
C GLY A 38 48.40 15.01 -11.62
N GLU A 39 47.75 14.51 -12.67
CA GLU A 39 48.33 14.49 -14.01
C GLU A 39 47.38 15.10 -15.02
N ARG A 40 46.08 14.88 -14.83
CA ARG A 40 45.07 15.33 -15.78
C ARG A 40 43.71 15.25 -15.10
N ILE A 41 42.66 15.44 -15.89
CA ILE A 41 41.28 15.39 -15.41
C ILE A 41 40.64 14.12 -15.93
N THR A 42 40.06 13.34 -15.02
CA THR A 42 39.37 12.13 -15.42
C THR A 42 38.12 12.47 -16.21
N GLN A 43 37.96 11.82 -17.35
CA GLN A 43 36.85 12.08 -18.26
C GLN A 43 36.03 10.82 -18.41
N VAL A 44 34.72 10.96 -18.20
CA VAL A 44 33.80 9.83 -18.17
C VAL A 44 32.76 10.02 -19.27
N ARG A 45 32.59 9.02 -20.11
CA ARG A 45 31.60 9.03 -21.17
C ARG A 45 30.41 8.17 -20.75
N THR A 46 29.23 8.75 -20.81
CA THR A 46 28.02 8.13 -20.31
C THR A 46 27.04 7.91 -21.44
N ASP A 47 26.47 6.72 -21.48
CA ASP A 47 25.38 6.39 -22.37
C ASP A 47 24.31 5.64 -21.58
N MET A 48 23.08 5.77 -22.03
CA MET A 48 21.93 5.23 -21.31
C MET A 48 21.01 4.51 -22.28
N TYR A 49 20.42 3.41 -21.81
CA TYR A 49 19.39 2.69 -22.54
C TYR A 49 18.23 2.46 -21.60
N VAL A 50 17.04 2.91 -22.01
CA VAL A 50 15.86 2.85 -21.17
C VAL A 50 15.09 1.59 -21.55
N ASN A 51 15.19 0.57 -20.71
CA ASN A 51 14.48 -0.68 -20.96
C ASN A 51 12.97 -0.47 -20.88
N SER A 52 12.51 0.31 -19.91
CA SER A 52 11.08 0.56 -19.74
C SER A 52 10.91 1.84 -18.95
N PHE A 53 10.18 2.80 -19.53
CA PHE A 53 9.85 4.04 -18.84
C PHE A 53 8.65 3.76 -17.94
N GLY A 54 8.92 3.57 -16.66
CA GLY A 54 7.93 3.09 -15.73
C GLY A 54 6.77 4.05 -15.57
N PRO A 55 5.86 3.72 -14.66
CA PRO A 55 4.67 4.55 -14.48
C PRO A 55 5.03 5.93 -13.96
N VAL A 56 4.18 6.90 -14.31
CA VAL A 56 4.31 8.27 -13.84
C VAL A 56 3.20 8.52 -12.85
N SER A 57 3.58 8.76 -11.59
CA SER A 57 2.62 9.04 -10.54
C SER A 57 2.45 10.56 -10.44
N ASP A 58 1.34 11.05 -10.97
CA ASP A 58 1.06 12.48 -10.89
C ASP A 58 0.92 12.94 -9.44
N THR A 59 0.26 12.13 -8.62
CA THR A 59 0.04 12.50 -7.23
C THR A 59 1.36 12.71 -6.51
N GLU A 60 2.31 11.82 -6.71
CA GLU A 60 3.62 11.90 -6.07
C GLU A 60 4.62 12.72 -6.87
N MET A 61 4.26 13.18 -8.06
CA MET A 61 5.14 13.97 -8.91
C MET A 61 6.47 13.24 -9.13
N GLU A 62 6.37 11.93 -9.33
CA GLU A 62 7.53 11.09 -9.56
C GLU A 62 7.29 10.24 -10.80
N TYR A 63 8.32 9.50 -11.19
CA TYR A 63 8.23 8.57 -12.29
C TYR A 63 9.32 7.53 -12.13
N THR A 64 8.97 6.29 -12.45
CA THR A 64 9.90 5.18 -12.37
C THR A 64 10.50 4.90 -13.74
N ILE A 65 11.77 4.51 -13.75
CA ILE A 65 12.49 4.25 -14.99
C ILE A 65 13.53 3.17 -14.73
N ASP A 66 13.64 2.24 -15.67
CA ASP A 66 14.63 1.18 -15.63
C ASP A 66 15.60 1.39 -16.79
N ILE A 67 16.89 1.44 -16.48
CA ILE A 67 17.91 1.79 -17.45
C ILE A 67 19.10 0.86 -17.32
N PHE A 68 19.89 0.81 -18.40
CA PHE A 68 21.21 0.21 -18.41
C PHE A 68 22.21 1.36 -18.47
N PHE A 69 22.79 1.69 -17.33
CA PHE A 69 23.66 2.84 -17.22
C PHE A 69 25.11 2.40 -17.48
N ALA A 70 25.71 2.97 -18.51
CA ALA A 70 27.07 2.64 -18.93
C ALA A 70 27.98 3.83 -18.74
N GLN A 71 29.13 3.61 -18.14
CA GLN A 71 30.14 4.62 -17.96
C GLN A 71 31.46 4.10 -18.51
N THR A 72 32.14 4.93 -19.30
CA THR A 72 33.42 4.59 -19.90
C THR A 72 34.44 5.63 -19.52
N TRP A 73 35.66 5.19 -19.23
CA TRP A 73 36.74 6.10 -18.90
C TRP A 73 38.07 5.42 -19.23
N LYS A 74 39.15 6.02 -18.77
CA LYS A 74 40.50 5.59 -19.07
C LYS A 74 41.30 5.46 -17.79
N ASP A 75 42.06 4.37 -17.68
CA ASP A 75 42.92 4.15 -16.52
C ASP A 75 44.17 3.43 -17.01
N GLU A 76 45.29 4.15 -17.05
CA GLU A 76 46.53 3.58 -17.55
C GLU A 76 47.08 2.49 -16.64
N ARG A 77 46.64 2.45 -15.38
CA ARG A 77 47.10 1.43 -14.46
C ARG A 77 46.63 0.04 -14.84
N LEU A 78 45.67 -0.06 -15.76
CA LEU A 78 45.09 -1.34 -16.13
C LEU A 78 45.55 -1.81 -17.51
N ARG A 79 46.58 -1.19 -18.07
CA ARG A 79 47.11 -1.64 -19.35
C ARG A 79 47.66 -3.05 -19.22
N PHE A 80 47.51 -3.83 -20.29
CA PHE A 80 47.98 -5.20 -20.30
C PHE A 80 48.24 -5.63 -21.74
N LYS A 81 48.99 -6.71 -21.87
CA LYS A 81 49.28 -7.31 -23.17
C LYS A 81 48.92 -8.78 -23.12
N GLY A 82 48.23 -9.25 -24.15
CA GLY A 82 47.79 -10.63 -24.21
C GLY A 82 47.18 -10.98 -25.54
N PRO A 83 46.84 -12.25 -25.72
CA PRO A 83 46.23 -12.67 -26.99
C PRO A 83 44.93 -11.95 -27.29
N MET A 84 44.13 -11.66 -26.27
CA MET A 84 42.84 -11.02 -26.45
C MET A 84 42.96 -9.51 -26.30
N GLN A 85 42.10 -8.79 -27.01
CA GLN A 85 42.04 -7.34 -26.93
C GLN A 85 41.04 -6.87 -25.89
N ARG A 86 40.38 -7.78 -25.19
CA ARG A 86 39.36 -7.42 -24.22
C ARG A 86 39.28 -8.48 -23.14
N LEU A 87 38.77 -8.08 -21.98
CA LEU A 87 38.62 -8.95 -20.82
C LEU A 87 37.22 -8.84 -20.26
N PRO A 88 36.26 -9.56 -20.83
CA PRO A 88 34.92 -9.59 -20.25
C PRO A 88 34.97 -10.09 -18.80
N LEU A 89 34.17 -9.45 -17.95
CA LEU A 89 34.16 -9.77 -16.53
C LEU A 89 32.76 -9.50 -16.00
N ASN A 90 32.64 -9.38 -14.68
CA ASN A 90 31.36 -9.20 -14.02
C ASN A 90 31.59 -8.38 -12.75
N ASN A 91 30.61 -8.40 -11.85
CA ASN A 91 30.70 -7.62 -10.62
C ASN A 91 31.81 -8.10 -9.69
N LEU A 92 32.37 -9.28 -9.93
CA LEU A 92 33.38 -9.81 -9.01
C LEU A 92 34.55 -8.87 -8.88
N LEU A 93 35.05 -8.36 -10.00
CA LEU A 93 36.23 -7.50 -10.01
C LEU A 93 35.90 -6.03 -9.88
N ALA A 94 34.61 -5.65 -9.93
CA ALA A 94 34.26 -4.24 -9.92
C ALA A 94 34.69 -3.56 -8.63
N SER A 95 34.49 -4.24 -7.48
CA SER A 95 34.85 -3.65 -6.20
C SER A 95 36.34 -3.49 -6.03
N LYS A 96 37.14 -4.20 -6.83
CA LYS A 96 38.59 -4.20 -6.64
C LYS A 96 39.27 -3.02 -7.30
N ILE A 97 38.56 -2.26 -8.13
CA ILE A 97 39.16 -1.12 -8.83
C ILE A 97 38.38 0.14 -8.50
N TRP A 98 38.78 1.25 -9.10
CA TRP A 98 38.15 2.53 -8.87
C TRP A 98 37.02 2.76 -9.87
N THR A 99 35.86 3.15 -9.36
CA THR A 99 34.73 3.51 -10.19
C THR A 99 34.18 4.84 -9.72
N PRO A 100 33.62 5.64 -10.63
CA PRO A 100 33.11 6.96 -10.25
C PRO A 100 31.95 6.85 -9.29
N ASP A 101 31.84 7.84 -8.42
CA ASP A 101 30.80 7.89 -7.40
C ASP A 101 29.54 8.56 -7.95
N THR A 102 29.07 8.07 -9.09
CA THR A 102 27.94 8.68 -9.76
C THR A 102 26.66 8.46 -8.97
N PHE A 103 25.84 9.51 -8.89
CA PHE A 103 24.59 9.44 -8.17
C PHE A 103 23.59 10.36 -8.86
N PHE A 104 22.31 10.15 -8.54
CA PHE A 104 21.22 10.87 -9.17
C PHE A 104 20.66 11.88 -8.20
N HIS A 105 20.78 13.16 -8.56
CA HIS A 105 20.40 14.23 -7.64
C HIS A 105 18.90 14.20 -7.34
N ASN A 106 18.09 13.95 -8.35
CA ASN A 106 16.64 13.97 -8.22
C ASN A 106 16.05 12.59 -7.97
N GLY A 107 16.88 11.58 -7.80
CA GLY A 107 16.38 10.24 -7.53
C GLY A 107 15.97 10.05 -6.08
N LYS A 108 14.65 9.99 -5.86
CA LYS A 108 14.15 9.82 -4.50
C LYS A 108 14.53 8.46 -3.94
N LYS A 109 14.46 7.43 -4.77
CA LYS A 109 14.75 6.07 -4.31
C LYS A 109 15.19 5.25 -5.51
N SER A 110 16.38 4.68 -5.45
CA SER A 110 16.93 3.88 -6.52
C SER A 110 17.44 2.56 -5.96
N PHE A 111 17.28 1.50 -6.74
CA PHE A 111 17.76 0.19 -6.34
C PHE A 111 18.25 -0.54 -7.57
N ALA A 112 19.11 -1.52 -7.33
CA ALA A 112 19.67 -2.34 -8.39
C ALA A 112 18.98 -3.69 -8.45
N HIS A 113 19.37 -4.50 -9.42
CA HIS A 113 18.81 -5.83 -9.62
C HIS A 113 19.90 -6.85 -9.37
N TRP A 114 19.62 -7.81 -8.48
CA TRP A 114 20.62 -8.74 -8.01
C TRP A 114 20.30 -10.19 -8.33
N MET A 115 19.36 -10.43 -9.24
CA MET A 115 18.96 -11.78 -9.61
C MET A 115 19.10 -11.96 -11.12
N THR A 116 19.63 -13.11 -11.54
CA THR A 116 20.15 -14.19 -10.70
C THR A 116 21.49 -13.78 -10.12
N THR A 117 22.17 -12.91 -10.86
CA THR A 117 23.46 -12.35 -10.49
C THR A 117 23.38 -10.84 -10.65
N PRO A 118 24.11 -10.08 -9.83
CA PRO A 118 24.09 -8.62 -9.99
C PRO A 118 24.26 -8.19 -11.43
N ASN A 119 23.28 -7.44 -11.95
CA ASN A 119 23.29 -7.02 -13.35
C ASN A 119 24.35 -5.94 -13.52
N ARG A 120 25.60 -6.40 -13.55
CA ARG A 120 26.75 -5.53 -13.74
C ARG A 120 27.70 -6.17 -14.74
N MET A 121 28.46 -5.31 -15.41
CA MET A 121 29.46 -5.77 -16.35
C MET A 121 30.69 -4.90 -16.23
N LEU A 122 31.83 -5.48 -16.56
CA LEU A 122 33.11 -4.78 -16.48
C LEU A 122 34.00 -5.31 -17.59
N ARG A 123 34.41 -4.44 -18.49
CA ARG A 123 35.24 -4.82 -19.62
C ARG A 123 36.44 -3.90 -19.68
N ILE A 124 37.58 -4.47 -20.06
CA ILE A 124 38.85 -3.76 -20.07
C ILE A 124 39.57 -4.07 -21.38
N TRP A 125 40.16 -3.04 -21.98
CA TRP A 125 40.92 -3.18 -23.20
C TRP A 125 42.41 -3.02 -22.90
N ASN A 126 43.21 -3.29 -23.92
CA ASN A 126 44.67 -3.21 -23.76
C ASN A 126 45.10 -1.80 -23.37
N ASP A 127 44.53 -0.79 -24.02
CA ASP A 127 44.91 0.59 -23.78
C ASP A 127 44.54 1.08 -22.39
N GLY A 128 43.73 0.32 -21.65
CA GLY A 128 43.29 0.74 -20.35
C GLY A 128 41.89 1.29 -20.31
N ARG A 129 41.20 1.33 -21.46
CA ARG A 129 39.83 1.80 -21.46
C ARG A 129 38.95 0.84 -20.67
N VAL A 130 38.05 1.41 -19.87
CA VAL A 130 37.21 0.66 -18.96
C VAL A 130 35.76 0.94 -19.29
N LEU A 131 34.95 -0.12 -19.34
CA LEU A 131 33.52 -0.01 -19.53
C LEU A 131 32.83 -0.63 -18.33
N TYR A 132 31.96 0.15 -17.68
CA TYR A 132 31.21 -0.30 -16.52
C TYR A 132 29.73 -0.08 -16.80
N THR A 133 29.00 -1.18 -16.95
CA THR A 133 27.58 -1.16 -17.25
C THR A 133 26.80 -1.66 -16.05
N LEU A 134 25.74 -0.95 -15.72
CA LEU A 134 24.93 -1.26 -14.55
C LEU A 134 23.47 -1.10 -14.90
N ARG A 135 22.63 -1.92 -14.28
CA ARG A 135 21.18 -1.84 -14.47
C ARG A 135 20.55 -1.26 -13.21
N LEU A 136 19.65 -0.30 -13.42
CA LEU A 136 19.07 0.45 -12.32
C LEU A 136 17.58 0.62 -12.54
N THR A 137 16.88 0.84 -11.42
CA THR A 137 15.46 1.18 -11.43
C THR A 137 15.32 2.41 -10.53
N ILE A 138 15.18 3.56 -11.15
CA ILE A 138 15.15 4.83 -10.44
C ILE A 138 13.71 5.25 -10.21
N SER A 139 13.52 6.06 -9.17
CA SER A 139 12.24 6.68 -8.85
C SER A 139 12.52 8.16 -8.64
N ALA A 140 12.46 8.92 -9.73
CA ALA A 140 12.82 10.33 -9.71
C ALA A 140 11.59 11.20 -9.55
N GLU A 141 11.83 12.48 -9.27
CA GLU A 141 10.78 13.45 -9.07
C GLU A 141 10.61 14.29 -10.32
N CYS A 142 9.37 14.45 -10.76
CA CYS A 142 9.04 15.19 -11.97
C CYS A 142 8.02 16.27 -11.61
N PRO A 143 8.48 17.45 -11.22
CA PRO A 143 7.53 18.54 -10.95
C PRO A 143 6.73 18.86 -12.21
N MET A 144 5.44 19.16 -12.00
CA MET A 144 4.54 19.38 -13.11
C MET A 144 3.65 20.58 -12.83
N ASP A 145 3.31 21.30 -13.90
CA ASP A 145 2.39 22.44 -13.84
C ASP A 145 1.09 22.00 -14.51
N LEU A 146 0.12 21.62 -13.70
CA LEU A 146 -1.15 21.11 -14.19
C LEU A 146 -2.15 22.23 -14.45
N GLU A 147 -1.71 23.25 -15.16
CA GLU A 147 -2.58 24.37 -15.51
C GLU A 147 -3.39 24.09 -16.76
N ASP A 148 -2.79 23.40 -17.73
CA ASP A 148 -3.47 22.99 -18.94
C ASP A 148 -3.95 21.55 -18.88
N PHE A 149 -3.96 20.95 -17.69
CA PHE A 149 -4.37 19.58 -17.56
C PHE A 149 -5.81 19.41 -18.05
N PRO A 150 -6.12 18.34 -18.77
CA PRO A 150 -5.24 17.23 -19.19
C PRO A 150 -4.50 17.48 -20.51
N MET A 151 -4.62 18.66 -21.10
CA MET A 151 -3.86 18.98 -22.32
C MET A 151 -2.51 19.59 -21.94
N ASP A 152 -1.76 18.84 -21.15
CA ASP A 152 -0.51 19.31 -20.58
C ASP A 152 0.65 18.50 -21.11
N GLU A 153 1.74 19.19 -21.41
CA GLU A 153 3.00 18.57 -21.82
C GLU A 153 4.01 18.73 -20.69
N GLN A 154 4.64 17.63 -20.31
CA GLN A 154 5.56 17.60 -19.19
C GLN A 154 6.95 17.22 -19.65
N ASN A 155 7.95 17.71 -18.93
CA ASN A 155 9.35 17.49 -19.24
C ASN A 155 10.00 16.90 -17.97
N CYS A 156 9.92 15.59 -17.84
CA CYS A 156 10.47 14.92 -16.67
C CYS A 156 11.97 14.73 -16.83
N PRO A 157 12.80 15.29 -15.95
CA PRO A 157 14.25 15.21 -16.12
C PRO A 157 14.86 14.04 -15.37
N LEU A 158 16.16 13.86 -15.59
CA LEU A 158 16.94 12.85 -14.88
C LEU A 158 18.36 13.38 -14.77
N LYS A 159 18.76 13.74 -13.56
CA LYS A 159 20.05 14.38 -13.32
C LYS A 159 20.98 13.42 -12.59
N PHE A 160 22.24 13.42 -12.99
CA PHE A 160 23.24 12.62 -12.31
C PHE A 160 24.59 13.29 -12.44
N GLY A 161 25.48 12.92 -11.53
CA GLY A 161 26.82 13.46 -11.52
C GLY A 161 27.59 12.87 -10.37
N SER A 162 28.81 13.39 -10.18
CA SER A 162 29.65 12.90 -9.12
C SER A 162 29.23 13.48 -7.78
N TYR A 163 29.49 12.71 -6.73
CA TYR A 163 29.17 13.14 -5.37
C TYR A 163 30.36 13.71 -4.63
N ALA A 164 31.58 13.30 -4.99
CA ALA A 164 32.77 13.70 -4.28
C ALA A 164 33.87 14.27 -5.16
N TYR A 165 33.78 14.13 -6.47
CA TYR A 165 34.82 14.58 -7.37
C TYR A 165 34.37 15.82 -8.12
N PRO A 166 34.93 16.99 -7.85
CA PRO A 166 34.48 18.20 -8.54
C PRO A 166 34.82 18.22 -10.02
N ASN A 167 34.41 19.31 -10.67
CA ASN A 167 34.65 19.46 -12.11
C ASN A 167 36.13 19.50 -12.45
N SER A 168 36.98 19.84 -11.49
CA SER A 168 38.40 19.90 -11.72
C SER A 168 39.07 18.53 -11.69
N GLU A 169 38.33 17.49 -11.31
CA GLU A 169 38.88 16.15 -11.20
C GLU A 169 38.16 15.17 -12.11
N VAL A 170 36.83 15.20 -12.14
CA VAL A 170 36.03 14.28 -12.92
C VAL A 170 35.02 15.08 -13.73
N VAL A 171 34.90 14.76 -15.01
CA VAL A 171 33.95 15.40 -15.91
C VAL A 171 33.16 14.32 -16.62
N TYR A 172 31.85 14.49 -16.67
CA TYR A 172 30.97 13.60 -17.40
C TYR A 172 30.58 14.24 -18.72
N VAL A 173 30.66 13.47 -19.79
CA VAL A 173 30.27 13.93 -21.12
C VAL A 173 29.50 12.82 -21.81
N TRP A 174 28.45 13.19 -22.52
CA TRP A 174 27.74 12.21 -23.33
C TRP A 174 28.62 11.77 -24.49
N THR A 175 28.39 10.53 -24.94
CA THR A 175 29.17 9.94 -26.02
C THR A 175 28.43 10.10 -27.33
N ASN A 176 29.16 10.52 -28.37
CA ASN A 176 28.60 10.69 -29.71
C ASN A 176 27.46 11.71 -29.61
N GLY A 177 26.46 11.57 -30.49
CA GLY A 177 25.34 12.49 -30.52
C GLY A 177 24.29 12.17 -29.48
N SER A 178 23.21 12.96 -29.52
CA SER A 178 22.13 12.77 -28.56
C SER A 178 21.44 11.43 -28.75
N THR A 179 21.23 11.02 -30.01
CA THR A 179 20.51 9.78 -30.27
C THR A 179 21.24 8.58 -29.69
N LYS A 180 22.56 8.50 -29.89
CA LYS A 180 23.33 7.41 -29.35
C LYS A 180 23.54 7.53 -27.85
N SER A 181 23.40 8.74 -27.30
CA SER A 181 23.66 8.94 -25.87
C SER A 181 22.54 8.35 -25.03
N VAL A 182 21.29 8.58 -25.42
CA VAL A 182 20.13 8.05 -24.72
C VAL A 182 19.26 7.31 -25.72
N VAL A 183 18.89 6.09 -25.39
CA VAL A 183 18.09 5.24 -26.26
C VAL A 183 16.93 4.67 -25.44
N VAL A 184 15.77 4.58 -26.07
CA VAL A 184 14.57 4.07 -25.43
C VAL A 184 14.06 2.89 -26.24
N ALA A 185 13.79 1.78 -25.56
CA ALA A 185 13.29 0.59 -26.24
C ALA A 185 11.92 0.86 -26.82
N GLU A 186 11.60 0.17 -27.91
CA GLU A 186 10.33 0.39 -28.59
C GLU A 186 9.16 0.09 -27.67
N ASP A 187 9.22 -1.02 -26.94
CA ASP A 187 8.15 -1.37 -26.02
C ASP A 187 8.25 -0.62 -24.70
N GLY A 188 9.39 -0.02 -24.40
CA GLY A 188 9.52 0.71 -23.15
C GLY A 188 8.66 1.96 -23.11
N SER A 189 8.55 2.65 -24.25
CA SER A 189 7.78 3.89 -24.33
C SER A 189 6.29 3.58 -24.42
N ARG A 190 5.79 2.89 -23.41
CA ARG A 190 4.39 2.51 -23.31
C ARG A 190 3.86 2.95 -21.96
N LEU A 191 2.90 3.88 -21.98
CA LEU A 191 2.27 4.36 -20.77
C LEU A 191 0.78 4.48 -21.02
N ASN A 192 0.01 4.38 -19.94
CA ASN A 192 -1.44 4.40 -20.04
C ASN A 192 -2.01 5.80 -20.16
N GLN A 193 -1.22 6.84 -19.83
CA GLN A 193 -1.74 8.19 -19.83
C GLN A 193 -0.74 9.21 -20.39
N TYR A 194 0.31 8.75 -21.06
CA TYR A 194 1.31 9.67 -21.60
C TYR A 194 1.89 9.11 -22.88
N HIS A 195 2.38 10.02 -23.72
CA HIS A 195 3.15 9.69 -24.90
C HIS A 195 4.57 10.19 -24.72
N LEU A 196 5.55 9.35 -25.01
CA LEU A 196 6.96 9.72 -24.91
C LEU A 196 7.37 10.30 -26.26
N MET A 197 7.24 11.62 -26.38
CA MET A 197 7.50 12.27 -27.66
C MET A 197 8.97 12.15 -28.05
N GLY A 198 9.87 12.35 -27.09
CA GLY A 198 11.29 12.32 -27.41
C GLY A 198 12.11 12.59 -26.18
N GLN A 199 13.42 12.67 -26.40
CA GLN A 199 14.37 12.87 -25.32
C GLN A 199 15.41 13.91 -25.74
N THR A 200 15.97 14.58 -24.74
CA THR A 200 17.06 15.52 -24.95
C THR A 200 18.03 15.39 -23.79
N VAL A 201 19.28 15.79 -24.04
CA VAL A 201 20.35 15.69 -23.06
C VAL A 201 21.07 17.01 -22.99
N GLY A 202 21.73 17.23 -21.86
CA GLY A 202 22.49 18.45 -21.67
C GLY A 202 23.41 18.31 -20.48
N THR A 203 24.30 19.30 -20.36
CA THR A 203 25.25 19.37 -19.27
C THR A 203 25.26 20.78 -18.74
N GLU A 204 25.64 20.92 -17.47
CA GLU A 204 25.75 22.23 -16.86
C GLU A 204 26.50 22.13 -15.54
N ASN A 205 27.47 23.01 -15.34
CA ASN A 205 28.19 23.07 -14.08
C ASN A 205 27.30 23.67 -13.00
N ILE A 206 27.55 23.27 -11.76
CA ILE A 206 26.88 23.81 -10.61
C ILE A 206 27.91 24.11 -9.53
N SER A 207 27.69 25.19 -8.79
CA SER A 207 28.57 25.57 -7.70
C SER A 207 27.90 25.25 -6.38
N THR A 208 28.64 24.59 -5.50
CA THR A 208 28.13 24.20 -4.19
C THR A 208 29.15 24.59 -3.13
N SER A 209 28.84 24.24 -1.89
CA SER A 209 29.76 24.51 -0.79
C SER A 209 31.02 23.66 -0.91
N THR A 210 30.89 22.44 -1.42
CA THR A 210 32.02 21.52 -1.54
C THR A 210 32.82 21.74 -2.82
N GLY A 211 32.32 22.55 -3.75
CA GLY A 211 33.05 22.84 -4.97
C GLY A 211 32.15 22.84 -6.18
N GLU A 212 32.74 22.99 -7.35
CA GLU A 212 32.00 23.00 -8.61
C GLU A 212 31.90 21.59 -9.16
N TYR A 213 30.72 21.23 -9.63
CA TYR A 213 30.45 19.92 -10.18
C TYR A 213 29.72 20.07 -11.51
N THR A 214 29.91 19.08 -12.38
CA THR A 214 29.22 19.01 -13.65
C THR A 214 28.00 18.11 -13.51
N ILE A 215 26.88 18.56 -14.06
CA ILE A 215 25.61 17.86 -13.95
C ILE A 215 25.17 17.45 -15.34
N MET A 216 24.87 16.17 -15.51
CA MET A 216 24.37 15.62 -16.75
C MET A 216 22.87 15.43 -16.62
N THR A 217 22.11 15.98 -17.56
CA THR A 217 20.66 15.99 -17.50
C THR A 217 20.08 15.35 -18.75
N ALA A 218 19.07 14.52 -18.55
CA ALA A 218 18.29 13.93 -19.63
C ALA A 218 16.84 14.27 -19.41
N HIS A 219 16.21 14.87 -20.40
CA HIS A 219 14.83 15.30 -20.32
C HIS A 219 13.97 14.43 -21.22
N PHE A 220 12.84 13.98 -20.70
CA PHE A 220 11.87 13.20 -21.45
C PHE A 220 10.63 14.06 -21.65
N HIS A 221 10.24 14.24 -22.91
CA HIS A 221 9.07 15.04 -23.23
C HIS A 221 7.83 14.15 -23.24
N LEU A 222 6.87 14.48 -22.39
CA LEU A 222 5.66 13.70 -22.23
C LEU A 222 4.46 14.51 -22.71
N LYS A 223 3.66 13.91 -23.57
CA LYS A 223 2.42 14.49 -24.08
C LYS A 223 1.29 13.61 -23.58
N ARG A 224 0.48 14.14 -22.68
CA ARG A 224 -0.60 13.35 -22.10
C ARG A 224 -1.56 12.90 -23.19
N LYS A 225 -1.91 11.62 -23.18
CA LYS A 225 -2.83 11.06 -24.15
C LYS A 225 -4.23 11.14 -23.56
N ILE A 226 -5.00 12.11 -24.04
CA ILE A 226 -6.37 12.26 -23.58
C ILE A 226 -7.23 11.15 -24.14
N GLY A 227 -8.34 10.90 -23.48
CA GLY A 227 -9.25 9.85 -23.88
C GLY A 227 -9.79 9.09 -22.69
N TYR A 228 -8.99 9.00 -21.63
CA TYR A 228 -9.49 8.45 -20.39
C TYR A 228 -10.39 9.44 -19.67
N PHE A 229 -10.02 10.72 -19.70
CA PHE A 229 -10.81 11.74 -19.04
C PHE A 229 -12.05 12.09 -19.84
N VAL A 230 -11.99 11.91 -21.15
CA VAL A 230 -13.18 12.09 -21.98
C VAL A 230 -14.26 11.10 -21.59
N ILE A 231 -13.87 9.83 -21.39
CA ILE A 231 -14.82 8.81 -21.01
C ILE A 231 -15.18 8.88 -19.53
N GLN A 232 -14.36 9.54 -18.73
CA GLN A 232 -14.51 9.57 -17.29
C GLN A 232 -15.20 10.83 -16.79
N THR A 233 -14.86 11.99 -17.32
CA THR A 233 -15.35 13.27 -16.82
C THR A 233 -16.14 14.05 -17.85
N TYR A 234 -15.55 14.29 -19.03
CA TYR A 234 -16.16 15.19 -19.98
C TYR A 234 -17.53 14.70 -20.43
N LEU A 235 -17.59 13.45 -20.88
CA LEU A 235 -18.86 12.92 -21.38
C LEU A 235 -19.94 12.92 -20.32
N PRO A 236 -19.72 12.39 -19.12
CA PRO A 236 -20.76 12.50 -18.08
C PRO A 236 -21.18 13.92 -17.82
N CYS A 237 -20.23 14.86 -17.83
CA CYS A 237 -20.57 16.26 -17.67
C CYS A 237 -21.39 16.75 -18.85
N ILE A 238 -21.02 16.35 -20.07
CA ILE A 238 -21.73 16.82 -21.26
C ILE A 238 -23.14 16.27 -21.29
N MET A 239 -23.29 14.97 -21.08
CA MET A 239 -24.62 14.36 -21.14
C MET A 239 -25.50 14.85 -20.02
N THR A 240 -24.91 15.15 -18.86
CA THR A 240 -25.69 15.69 -17.76
C THR A 240 -26.28 17.04 -18.11
N VAL A 241 -25.51 17.88 -18.82
CA VAL A 241 -26.03 19.16 -19.26
C VAL A 241 -27.20 18.96 -20.21
N ILE A 242 -27.05 18.06 -21.17
CA ILE A 242 -28.12 17.78 -22.12
C ILE A 242 -29.36 17.30 -21.40
N LEU A 243 -29.17 16.49 -20.36
CA LEU A 243 -30.28 16.02 -19.56
C LEU A 243 -31.06 17.17 -18.96
N SER A 244 -30.34 18.17 -18.43
CA SER A 244 -30.99 19.31 -17.80
C SER A 244 -31.84 20.08 -18.81
N GLN A 245 -31.31 20.26 -20.02
CA GLN A 245 -32.03 21.03 -21.03
C GLN A 245 -33.36 20.39 -21.42
N VAL A 246 -33.52 19.09 -21.16
CA VAL A 246 -34.79 18.43 -21.45
C VAL A 246 -35.91 19.06 -20.65
N SER A 247 -35.61 19.62 -19.48
CA SER A 247 -36.63 20.22 -18.65
C SER A 247 -37.33 21.36 -19.36
N PHE A 248 -36.65 22.01 -20.31
CA PHE A 248 -37.25 23.11 -21.04
C PHE A 248 -38.37 22.65 -21.97
N TRP A 249 -38.42 21.37 -22.29
CA TRP A 249 -39.43 20.83 -23.18
C TRP A 249 -40.66 20.33 -22.43
N LEU A 250 -40.69 20.48 -21.11
CA LEU A 250 -41.84 20.12 -20.31
C LEU A 250 -42.67 21.36 -19.98
N ASN A 251 -43.93 21.11 -19.66
CA ASN A 251 -44.83 22.21 -19.33
C ASN A 251 -44.48 22.78 -17.96
N ARG A 252 -44.81 24.07 -17.78
CA ARG A 252 -44.47 24.73 -16.54
C ARG A 252 -45.24 24.14 -15.37
N GLU A 253 -46.49 23.76 -15.58
CA GLU A 253 -47.30 23.24 -14.49
C GLU A 253 -46.73 21.96 -13.89
N SER A 254 -45.85 21.26 -14.62
CA SER A 254 -45.20 20.05 -14.11
C SER A 254 -44.03 20.47 -13.23
N VAL A 255 -44.39 21.07 -12.09
CA VAL A 255 -43.37 21.62 -11.20
C VAL A 255 -42.50 20.52 -10.65
N ALA A 256 -43.11 19.43 -10.19
CA ALA A 256 -42.34 18.34 -9.59
C ALA A 256 -41.39 17.72 -10.62
N ALA A 257 -41.87 17.51 -11.83
CA ALA A 257 -41.04 16.87 -12.85
C ALA A 257 -39.81 17.71 -13.16
N ARG A 258 -40.00 18.99 -13.47
CA ARG A 258 -38.87 19.83 -13.82
C ARG A 258 -37.92 20.02 -12.64
N THR A 259 -38.45 19.96 -11.42
CA THR A 259 -37.60 20.06 -10.26
C THR A 259 -36.62 18.90 -10.18
N VAL A 260 -37.09 17.69 -10.49
CA VAL A 260 -36.21 16.53 -10.43
C VAL A 260 -35.06 16.68 -11.41
N PHE A 261 -35.34 17.12 -12.63
CA PHE A 261 -34.29 17.34 -13.61
C PHE A 261 -33.22 18.28 -13.05
N GLY A 262 -33.65 19.44 -12.57
CA GLY A 262 -32.68 20.43 -12.12
C GLY A 262 -31.90 19.98 -10.90
N VAL A 263 -32.61 19.42 -9.91
CA VAL A 263 -31.95 19.05 -8.66
C VAL A 263 -30.98 17.91 -8.88
N THR A 264 -31.43 16.85 -9.55
CA THR A 264 -30.57 15.69 -9.75
C THR A 264 -29.34 16.05 -10.56
N THR A 265 -29.52 16.84 -11.61
CA THR A 265 -28.40 17.22 -12.46
C THR A 265 -27.37 18.03 -11.70
N VAL A 266 -27.81 18.97 -10.86
CA VAL A 266 -26.89 19.80 -10.11
C VAL A 266 -26.05 18.93 -9.18
N LEU A 267 -26.71 18.01 -8.47
CA LEU A 267 -25.98 17.11 -7.57
C LEU A 267 -25.06 16.20 -8.35
N THR A 268 -25.50 15.72 -9.51
CA THR A 268 -24.68 14.85 -10.34
C THR A 268 -23.39 15.55 -10.75
N MET A 269 -23.48 16.81 -11.16
CA MET A 269 -22.28 17.56 -11.50
C MET A 269 -21.41 17.75 -10.28
N THR A 270 -22.02 17.96 -9.11
CA THR A 270 -21.25 18.17 -7.90
C THR A 270 -20.40 16.95 -7.57
N THR A 271 -20.99 15.75 -7.62
CA THR A 271 -20.24 14.55 -7.31
C THR A 271 -19.17 14.27 -8.36
N LEU A 272 -19.43 14.62 -9.62
CA LEU A 272 -18.43 14.43 -10.66
C LEU A 272 -17.18 15.23 -10.36
N SER A 273 -17.35 16.45 -9.87
CA SER A 273 -16.21 17.26 -9.48
C SER A 273 -15.38 16.55 -8.42
N ILE A 274 -16.06 15.97 -7.42
CA ILE A 274 -15.35 15.26 -6.37
C ILE A 274 -14.68 14.01 -6.92
N SER A 275 -15.43 13.22 -7.69
CA SER A 275 -14.88 11.98 -8.23
C SER A 275 -13.72 12.26 -9.16
N ALA A 276 -13.83 13.31 -9.97
CA ALA A 276 -12.82 13.59 -10.97
C ALA A 276 -11.46 13.85 -10.33
N ARG A 277 -11.45 14.60 -9.23
CA ARG A 277 -10.21 14.99 -8.58
C ARG A 277 -9.67 13.95 -7.62
N ASN A 278 -10.37 12.82 -7.45
CA ASN A 278 -9.87 11.78 -6.57
C ASN A 278 -8.52 11.26 -7.04
N SER A 279 -8.41 10.97 -8.34
CA SER A 279 -7.14 10.53 -8.89
C SER A 279 -6.19 11.71 -9.09
N LEU A 280 -6.71 12.88 -9.41
CA LEU A 280 -5.87 14.03 -9.67
C LEU A 280 -5.13 14.44 -8.39
N PRO A 281 -3.91 14.97 -8.51
CA PRO A 281 -3.20 15.45 -7.33
C PRO A 281 -3.91 16.63 -6.70
N LYS A 282 -3.69 16.80 -5.39
CA LYS A 282 -4.35 17.84 -4.62
C LYS A 282 -3.61 19.16 -4.80
N VAL A 283 -3.67 19.67 -6.02
CA VAL A 283 -3.03 20.94 -6.36
C VAL A 283 -3.96 22.08 -5.96
N ALA A 284 -3.37 23.17 -5.49
CA ALA A 284 -4.12 24.32 -5.01
C ALA A 284 -4.34 25.36 -6.10
N TYR A 285 -4.80 24.90 -7.25
CA TYR A 285 -5.16 25.81 -8.33
C TYR A 285 -6.06 25.06 -9.31
N ALA A 286 -6.74 25.84 -10.14
CA ALA A 286 -7.74 25.31 -11.05
C ALA A 286 -7.11 24.87 -12.36
N THR A 287 -7.53 23.70 -12.83
CA THR A 287 -7.09 23.17 -14.11
C THR A 287 -8.12 23.47 -15.19
N ALA A 288 -7.76 23.13 -16.43
CA ALA A 288 -8.69 23.32 -17.53
C ALA A 288 -9.93 22.46 -17.35
N MET A 289 -9.76 21.24 -16.85
CA MET A 289 -10.91 20.37 -16.61
C MET A 289 -11.83 20.97 -15.56
N ASP A 290 -11.25 21.61 -14.55
CA ASP A 290 -12.07 22.23 -13.51
C ASP A 290 -12.93 23.35 -14.10
N TRP A 291 -12.37 24.15 -15.00
CA TRP A 291 -13.16 25.18 -15.65
C TRP A 291 -14.30 24.59 -16.46
N PHE A 292 -14.04 23.49 -17.16
CA PHE A 292 -15.10 22.83 -17.92
C PHE A 292 -16.21 22.37 -17.01
N ILE A 293 -15.86 21.79 -15.86
CA ILE A 293 -16.87 21.36 -14.90
C ILE A 293 -17.66 22.55 -14.38
N ALA A 294 -16.95 23.64 -14.06
CA ALA A 294 -17.63 24.81 -13.51
C ALA A 294 -18.66 25.35 -14.48
N VAL A 295 -18.29 25.44 -15.75
CA VAL A 295 -19.25 25.88 -16.77
C VAL A 295 -20.43 24.93 -16.85
N CYS A 296 -20.14 23.62 -16.88
CA CYS A 296 -21.23 22.65 -16.92
C CYS A 296 -22.13 22.79 -15.69
N TYR A 297 -21.54 23.09 -14.54
CA TYR A 297 -22.34 23.33 -13.35
C TYR A 297 -23.20 24.57 -13.52
N ALA A 298 -22.67 25.60 -14.16
CA ALA A 298 -23.44 26.81 -14.38
C ALA A 298 -24.64 26.56 -15.28
N PHE A 299 -24.45 25.77 -16.34
CA PHE A 299 -25.54 25.50 -17.26
C PHE A 299 -26.68 24.77 -16.56
N VAL A 300 -26.37 23.70 -15.83
CA VAL A 300 -27.40 22.95 -15.12
C VAL A 300 -28.04 23.83 -14.06
N PHE A 301 -27.23 24.57 -13.32
CA PHE A 301 -27.76 25.46 -12.30
C PHE A 301 -28.59 26.57 -12.94
N SER A 302 -28.13 27.10 -14.07
CA SER A 302 -28.86 28.15 -14.75
C SER A 302 -30.22 27.65 -15.23
N ALA A 303 -30.27 26.41 -15.71
CA ALA A 303 -31.54 25.85 -16.16
C ALA A 303 -32.54 25.81 -15.01
N LEU A 304 -32.10 25.42 -13.82
CA LEU A 304 -32.98 25.38 -12.67
C LEU A 304 -33.51 26.77 -12.34
N LEU A 305 -32.65 27.78 -12.42
CA LEU A 305 -33.10 29.14 -12.15
C LEU A 305 -34.17 29.58 -13.14
N GLU A 306 -34.00 29.21 -14.40
CA GLU A 306 -35.00 29.55 -15.40
C GLU A 306 -36.36 28.99 -15.03
N PHE A 307 -36.40 27.72 -14.60
CA PHE A 307 -37.66 27.13 -14.18
C PHE A 307 -38.22 27.85 -12.97
N ALA A 308 -37.37 28.16 -11.99
CA ALA A 308 -37.83 28.87 -10.82
C ALA A 308 -38.34 30.25 -11.18
N PHE A 309 -37.61 30.97 -12.02
CA PHE A 309 -38.05 32.28 -12.47
C PHE A 309 -39.35 32.18 -13.25
N VAL A 310 -39.45 31.17 -14.12
CA VAL A 310 -40.66 30.96 -14.91
C VAL A 310 -41.84 30.66 -14.00
N ASN A 311 -41.65 29.75 -13.05
CA ASN A 311 -42.73 29.36 -12.15
C ASN A 311 -43.15 30.50 -11.25
N TYR A 312 -42.30 31.51 -11.08
CA TYR A 312 -42.60 32.64 -10.22
C TYR A 312 -43.44 33.71 -10.90
N ILE A 313 -43.57 33.66 -12.22
CA ILE A 313 -44.30 34.68 -12.96
C ILE A 313 -45.26 34.01 -13.93
N THR A 314 -45.45 32.71 -13.79
CA THR A 314 -46.35 32.00 -14.68
C THR A 314 -47.81 32.43 -14.50
N LYS A 315 -48.12 33.14 -13.42
CA LYS A 315 -49.46 33.65 -13.17
C LYS A 315 -49.59 35.11 -13.56
N SER A 316 -48.69 35.97 -13.08
CA SER A 316 -48.80 37.40 -13.33
C SER A 316 -48.71 37.70 -14.82
N GLN A 317 -47.67 37.20 -15.48
CA GLN A 317 -47.44 37.43 -16.91
C GLN A 317 -47.10 36.11 -17.56
N PRO A 318 -48.10 35.27 -17.82
CA PRO A 318 -47.83 33.97 -18.47
C PRO A 318 -47.20 34.11 -19.84
N ALA A 319 -47.53 35.16 -20.58
CA ALA A 319 -47.04 35.28 -21.95
C ALA A 319 -45.53 35.30 -22.00
N ARG A 320 -44.90 36.08 -21.13
CA ARG A 320 -43.44 36.15 -21.14
C ARG A 320 -42.81 34.84 -20.71
N ALA A 321 -43.46 34.11 -19.80
CA ALA A 321 -42.91 32.85 -19.33
C ALA A 321 -42.75 31.86 -20.47
N ALA A 322 -43.75 31.78 -21.35
CA ALA A 322 -43.67 30.87 -22.48
C ALA A 322 -42.52 31.25 -23.41
N LYS A 323 -42.35 32.55 -23.66
CA LYS A 323 -41.27 32.99 -24.52
C LYS A 323 -39.92 32.59 -23.95
N ILE A 324 -39.72 32.79 -22.65
CA ILE A 324 -38.45 32.46 -22.03
C ILE A 324 -38.21 30.96 -22.10
N ASP A 325 -39.23 30.16 -21.78
CA ASP A 325 -39.08 28.71 -21.85
C ASP A 325 -38.84 28.26 -23.28
N LYS A 326 -39.59 28.82 -24.23
CA LYS A 326 -39.38 28.47 -25.63
C LYS A 326 -38.03 28.94 -26.12
N MET A 327 -37.63 30.15 -25.77
CA MET A 327 -36.34 30.68 -26.19
C MET A 327 -35.20 29.86 -25.62
N SER A 328 -35.32 29.48 -24.35
CA SER A 328 -34.25 28.73 -23.70
C SER A 328 -33.98 27.40 -24.40
N ARG A 329 -34.97 26.86 -25.10
CA ARG A 329 -34.75 25.61 -25.81
C ARG A 329 -33.70 25.75 -26.90
N ILE A 330 -33.40 26.97 -27.32
CA ILE A 330 -32.45 27.22 -28.38
C ILE A 330 -31.16 27.82 -27.83
N VAL A 331 -31.26 28.75 -26.88
CA VAL A 331 -30.09 29.45 -26.39
C VAL A 331 -29.13 28.50 -25.69
N PHE A 332 -29.65 27.71 -24.76
CA PHE A 332 -28.77 26.85 -23.95
C PHE A 332 -27.99 25.86 -24.79
N PRO A 333 -28.60 25.10 -25.69
CA PRO A 333 -27.81 24.18 -26.52
C PRO A 333 -26.76 24.90 -27.35
N ILE A 334 -27.09 26.08 -27.86
CA ILE A 334 -26.16 26.82 -28.72
C ILE A 334 -24.95 27.27 -27.92
N LEU A 335 -25.17 27.85 -26.75
CA LEU A 335 -24.07 28.34 -25.94
C LEU A 335 -23.14 27.22 -25.52
N PHE A 336 -23.72 26.09 -25.09
CA PHE A 336 -22.90 24.97 -24.67
C PHE A 336 -22.07 24.44 -25.83
N GLY A 337 -22.67 24.31 -27.00
CA GLY A 337 -21.91 23.92 -28.17
C GLY A 337 -20.85 24.94 -28.54
N THR A 338 -21.19 26.22 -28.44
CA THR A 338 -20.22 27.28 -28.71
C THR A 338 -19.07 27.21 -27.72
N PHE A 339 -19.36 26.99 -26.45
CA PHE A 339 -18.31 26.93 -25.44
C PHE A 339 -17.34 25.80 -25.72
N ASN A 340 -17.86 24.63 -26.11
CA ASN A 340 -17.00 23.49 -26.35
C ASN A 340 -15.98 23.78 -27.45
N LEU A 341 -16.42 24.42 -28.53
CA LEU A 341 -15.49 24.77 -29.60
C LEU A 341 -14.39 25.67 -29.08
N VAL A 342 -14.75 26.69 -28.30
CA VAL A 342 -13.75 27.58 -27.72
C VAL A 342 -12.83 26.81 -26.79
N TYR A 343 -13.41 25.97 -25.94
CA TYR A 343 -12.61 25.24 -24.96
C TYR A 343 -11.65 24.27 -25.66
N TRP A 344 -12.18 23.43 -26.54
CA TRP A 344 -11.34 22.44 -27.20
C TRP A 344 -10.32 23.09 -28.11
N ALA A 345 -10.76 24.07 -28.91
CA ALA A 345 -9.84 24.74 -29.80
C ALA A 345 -8.74 25.46 -29.02
N THR A 346 -9.10 26.10 -27.91
CA THR A 346 -8.13 26.85 -27.13
C THR A 346 -7.02 25.95 -26.59
N TYR A 347 -7.39 24.80 -26.05
CA TYR A 347 -6.42 23.91 -25.42
C TYR A 347 -5.82 22.90 -26.38
N LEU A 348 -6.33 22.80 -27.60
CA LEU A 348 -5.79 21.91 -28.61
C LEU A 348 -5.00 22.65 -29.68
N ASN A 349 -4.68 23.92 -29.46
CA ASN A 349 -3.94 24.71 -30.43
C ASN A 349 -2.93 25.63 -29.72
N ASN B 14 36.03 -42.44 6.67
CA ASN B 14 35.56 -42.81 5.34
C ASN B 14 34.99 -41.59 4.62
N ILE B 15 34.25 -40.76 5.37
CA ILE B 15 33.67 -39.56 4.81
C ILE B 15 34.74 -38.57 4.34
N THR B 16 35.95 -38.66 4.89
CA THR B 16 36.99 -37.71 4.54
C THR B 16 37.34 -37.74 3.06
N ILE B 17 37.00 -38.84 2.38
CA ILE B 17 37.25 -38.92 0.95
C ILE B 17 36.54 -37.78 0.22
N PHE B 18 35.28 -37.52 0.58
CA PHE B 18 34.53 -36.46 -0.08
C PHE B 18 35.17 -35.11 0.15
N THR B 19 35.66 -34.86 1.37
CA THR B 19 36.24 -33.56 1.68
C THR B 19 37.44 -33.26 0.80
N ARG B 20 38.29 -34.26 0.58
CA ARG B 20 39.48 -34.04 -0.23
C ARG B 20 39.11 -33.69 -1.66
N ILE B 21 38.08 -34.36 -2.20
CA ILE B 21 37.67 -34.09 -3.57
C ILE B 21 37.23 -32.64 -3.72
N LEU B 22 36.42 -32.16 -2.78
CA LEU B 22 35.95 -30.78 -2.85
C LEU B 22 37.11 -29.80 -2.81
N ASP B 23 38.07 -30.03 -1.92
CA ASP B 23 39.25 -29.18 -1.86
C ASP B 23 40.04 -29.26 -3.16
N GLY B 24 40.15 -30.47 -3.72
CA GLY B 24 40.91 -30.63 -4.95
C GLY B 24 40.30 -29.85 -6.10
N LEU B 25 38.97 -29.84 -6.19
CA LEU B 25 38.32 -29.17 -7.30
C LEU B 25 38.64 -27.67 -7.32
N LEU B 26 38.57 -27.02 -6.16
CA LEU B 26 38.85 -25.60 -6.09
C LEU B 26 40.32 -25.28 -6.28
N ASP B 27 41.19 -26.28 -6.27
CA ASP B 27 42.61 -26.04 -6.46
C ASP B 27 42.86 -25.56 -7.88
N GLY B 28 43.46 -24.39 -8.01
CA GLY B 28 43.73 -23.85 -9.33
C GLY B 28 42.49 -23.61 -10.16
N TYR B 29 41.40 -23.20 -9.50
CA TYR B 29 40.15 -22.91 -10.18
C TYR B 29 39.87 -21.42 -10.09
N ASP B 30 39.69 -20.78 -11.25
CA ASP B 30 39.41 -19.36 -11.33
C ASP B 30 37.92 -19.18 -11.59
N ASN B 31 37.21 -18.65 -10.59
CA ASN B 31 35.77 -18.45 -10.72
C ASN B 31 35.43 -17.31 -11.67
N ARG B 32 36.41 -16.55 -12.12
CA ARG B 32 36.18 -15.40 -12.99
C ARG B 32 36.25 -15.76 -14.46
N LEU B 33 36.50 -17.01 -14.80
CA LEU B 33 36.67 -17.44 -16.18
C LEU B 33 35.64 -18.52 -16.52
N ARG B 34 34.97 -18.34 -17.64
CA ARG B 34 34.01 -19.32 -18.09
C ARG B 34 34.71 -20.57 -18.60
N PRO B 35 34.08 -21.73 -18.47
CA PRO B 35 34.66 -22.94 -19.06
C PRO B 35 34.70 -22.86 -20.57
N GLY B 36 35.70 -23.52 -21.14
CA GLY B 36 35.87 -23.50 -22.58
C GLY B 36 36.39 -22.19 -23.13
N LEU B 37 36.87 -21.30 -22.26
CA LEU B 37 37.34 -20.00 -22.72
C LEU B 37 38.50 -20.17 -23.69
N GLY B 38 38.42 -19.47 -24.82
CA GLY B 38 39.43 -19.60 -25.84
C GLY B 38 39.50 -20.96 -26.48
N GLU B 39 38.53 -21.83 -26.24
CA GLU B 39 38.55 -23.19 -26.77
C GLU B 39 37.26 -23.51 -27.50
N ARG B 40 36.15 -22.99 -27.00
CA ARG B 40 34.83 -23.31 -27.53
C ARG B 40 33.83 -22.29 -27.00
N ILE B 41 32.56 -22.53 -27.25
CA ILE B 41 31.47 -21.67 -26.80
C ILE B 41 30.74 -22.37 -25.67
N THR B 42 30.59 -21.68 -24.55
CA THR B 42 29.86 -22.25 -23.43
C THR B 42 28.39 -22.37 -23.77
N GLN B 43 27.82 -23.54 -23.51
CA GLN B 43 26.44 -23.86 -23.86
C GLN B 43 25.68 -24.17 -22.59
N VAL B 44 24.55 -23.49 -22.40
CA VAL B 44 23.76 -23.57 -21.18
C VAL B 44 22.38 -24.10 -21.53
N ARG B 45 21.94 -25.14 -20.83
CA ARG B 45 20.63 -25.72 -21.02
C ARG B 45 19.73 -25.27 -19.87
N THR B 46 18.59 -24.69 -20.22
CA THR B 46 17.69 -24.08 -19.25
C THR B 46 16.36 -24.81 -19.24
N ASP B 47 15.87 -25.10 -18.04
CA ASP B 47 14.54 -25.62 -17.84
C ASP B 47 13.89 -24.85 -16.70
N MET B 48 12.57 -24.77 -16.73
CA MET B 48 11.81 -23.97 -15.79
C MET B 48 10.62 -24.75 -15.27
N TYR B 49 10.32 -24.55 -14.00
CA TYR B 49 9.12 -25.10 -13.38
C TYR B 49 8.41 -23.98 -12.64
N VAL B 50 7.14 -23.76 -12.98
CA VAL B 50 6.37 -22.65 -12.43
C VAL B 50 5.57 -23.19 -11.25
N ASN B 51 6.03 -22.88 -10.04
CA ASN B 51 5.34 -23.32 -8.84
C ASN B 51 3.98 -22.66 -8.72
N SER B 52 3.88 -21.37 -9.06
CA SER B 52 2.62 -20.65 -8.97
C SER B 52 2.70 -19.43 -9.88
N PHE B 53 1.77 -19.33 -10.81
CA PHE B 53 1.67 -18.15 -11.68
C PHE B 53 0.93 -17.08 -10.92
N GLY B 54 1.67 -16.14 -10.36
CA GLY B 54 1.13 -15.17 -9.44
C GLY B 54 0.08 -14.28 -10.07
N PRO B 55 -0.40 -13.31 -9.30
CA PRO B 55 -1.46 -12.44 -9.79
C PRO B 55 -1.00 -11.60 -10.97
N VAL B 56 -1.95 -11.26 -11.83
CA VAL B 56 -1.72 -10.38 -12.97
C VAL B 56 -2.36 -9.04 -12.67
N SER B 57 -1.56 -8.01 -12.55
CA SER B 57 -2.05 -6.66 -12.29
C SER B 57 -2.23 -5.96 -13.63
N ASP B 58 -3.48 -5.85 -14.06
CA ASP B 58 -3.77 -5.17 -15.31
C ASP B 58 -3.38 -3.70 -15.24
N THR B 59 -3.63 -3.06 -14.09
CA THR B 59 -3.31 -1.65 -13.94
C THR B 59 -1.83 -1.39 -14.15
N GLU B 60 -0.99 -2.23 -13.56
CA GLU B 60 0.46 -2.09 -13.65
C GLU B 60 1.03 -2.81 -14.87
N MET B 61 0.22 -3.55 -15.61
CA MET B 61 0.68 -4.28 -16.78
C MET B 61 1.85 -5.20 -16.41
N GLU B 62 1.75 -5.82 -15.24
CA GLU B 62 2.76 -6.73 -14.76
C GLU B 62 2.11 -8.04 -14.33
N TYR B 63 2.95 -8.99 -13.97
CA TYR B 63 2.48 -10.26 -13.45
C TYR B 63 3.60 -10.89 -12.63
N THR B 64 3.21 -11.50 -11.52
CA THR B 64 4.15 -12.16 -10.62
C THR B 64 4.19 -13.64 -10.93
N ILE B 65 5.37 -14.23 -10.81
CA ILE B 65 5.57 -15.65 -11.09
C ILE B 65 6.68 -16.18 -10.19
N ASP B 66 6.47 -17.37 -9.66
CA ASP B 66 7.45 -18.08 -8.84
C ASP B 66 7.89 -19.32 -9.60
N ILE B 67 9.20 -19.48 -9.78
CA ILE B 67 9.74 -20.54 -10.61
C ILE B 67 10.93 -21.19 -9.92
N PHE B 68 11.24 -22.39 -10.37
CA PHE B 68 12.49 -23.07 -10.05
C PHE B 68 13.32 -23.04 -11.32
N PHE B 69 14.30 -22.13 -11.36
CA PHE B 69 15.10 -21.91 -12.55
C PHE B 69 16.34 -22.78 -12.49
N ALA B 70 16.49 -23.67 -13.47
CA ALA B 70 17.59 -24.61 -13.53
C ALA B 70 18.44 -24.32 -14.75
N GLN B 71 19.75 -24.27 -14.55
CA GLN B 71 20.71 -24.09 -15.62
C GLN B 71 21.74 -25.20 -15.56
N THR B 72 22.02 -25.81 -16.70
CA THR B 72 22.98 -26.89 -16.82
C THR B 72 24.03 -26.52 -17.85
N TRP B 73 25.28 -26.84 -17.56
CA TRP B 73 26.36 -26.59 -18.49
C TRP B 73 27.49 -27.58 -18.21
N LYS B 74 28.65 -27.32 -18.81
CA LYS B 74 29.79 -28.22 -18.75
C LYS B 74 31.03 -27.43 -18.37
N ASP B 75 31.82 -27.99 -17.46
CA ASP B 75 33.06 -27.37 -17.02
C ASP B 75 34.07 -28.48 -16.75
N GLU B 76 35.05 -28.62 -17.63
CA GLU B 76 36.03 -29.70 -17.49
C GLU B 76 36.93 -29.50 -16.29
N ARG B 77 37.02 -28.27 -15.76
CA ARG B 77 37.84 -28.02 -14.59
C ARG B 77 37.32 -28.71 -13.34
N LEU B 78 36.09 -29.20 -13.36
CA LEU B 78 35.46 -29.81 -12.20
C LEU B 78 35.39 -31.33 -12.30
N ARG B 79 36.10 -31.94 -13.25
CA ARG B 79 36.11 -33.39 -13.34
C ARG B 79 36.73 -33.99 -12.09
N PHE B 80 36.22 -35.15 -11.70
CA PHE B 80 36.71 -35.83 -10.51
C PHE B 80 36.41 -37.31 -10.64
N LYS B 81 37.11 -38.09 -9.82
CA LYS B 81 36.91 -39.53 -9.74
C LYS B 81 36.66 -39.91 -8.28
N GLY B 82 35.64 -40.74 -8.07
CA GLY B 82 35.29 -41.15 -6.73
C GLY B 82 34.22 -42.23 -6.73
N PRO B 83 33.91 -42.74 -5.54
CA PRO B 83 32.87 -43.79 -5.47
C PRO B 83 31.52 -43.33 -5.99
N MET B 84 31.16 -42.07 -5.78
CA MET B 84 29.87 -41.55 -6.20
C MET B 84 29.98 -40.90 -7.57
N GLN B 85 28.88 -40.97 -8.31
CA GLN B 85 28.79 -40.34 -9.61
C GLN B 85 28.24 -38.92 -9.53
N ARG B 86 27.95 -38.42 -8.33
CA ARG B 86 27.35 -37.11 -8.17
C ARG B 86 27.75 -36.54 -6.83
N LEU B 87 27.70 -35.22 -6.73
CA LEU B 87 28.05 -34.49 -5.50
C LEU B 87 26.96 -33.48 -5.18
N PRO B 88 25.90 -33.92 -4.52
CA PRO B 88 24.88 -32.97 -4.05
C PRO B 88 25.50 -31.93 -3.13
N LEU B 89 25.07 -30.68 -3.30
CA LEU B 89 25.62 -29.56 -2.53
C LEU B 89 24.51 -28.53 -2.35
N ASN B 90 24.90 -27.31 -2.02
CA ASN B 90 23.96 -26.24 -1.73
C ASN B 90 24.62 -24.92 -2.11
N ASN B 91 24.07 -23.80 -1.63
CA ASN B 91 24.58 -22.49 -1.96
C ASN B 91 25.98 -22.23 -1.42
N LEU B 92 26.47 -23.07 -0.50
CA LEU B 92 27.76 -22.82 0.12
C LEU B 92 28.87 -22.76 -0.93
N LEU B 93 28.86 -23.70 -1.87
CA LEU B 93 29.91 -23.80 -2.87
C LEU B 93 29.59 -23.02 -4.14
N ALA B 94 28.38 -22.49 -4.26
CA ALA B 94 27.98 -21.83 -5.51
C ALA B 94 28.85 -20.61 -5.79
N SER B 95 29.13 -19.81 -4.76
CA SER B 95 29.92 -18.60 -4.95
C SER B 95 31.36 -18.91 -5.31
N LYS B 96 31.83 -20.13 -5.06
CA LYS B 96 33.23 -20.47 -5.26
C LYS B 96 33.55 -20.82 -6.70
N ILE B 97 32.55 -21.02 -7.54
CA ILE B 97 32.79 -21.40 -8.93
C ILE B 97 32.13 -20.39 -9.85
N TRP B 98 32.22 -20.64 -11.15
CA TRP B 98 31.67 -19.73 -12.16
C TRP B 98 30.24 -20.13 -12.48
N THR B 99 29.34 -19.15 -12.47
CA THR B 99 27.97 -19.35 -12.87
C THR B 99 27.57 -18.26 -13.86
N PRO B 100 26.68 -18.57 -14.79
CA PRO B 100 26.31 -17.57 -15.79
C PRO B 100 25.59 -16.38 -15.17
N ASP B 101 25.78 -15.22 -15.78
CA ASP B 101 25.21 -13.96 -15.31
C ASP B 101 23.80 -13.76 -15.87
N THR B 102 22.96 -14.78 -15.72
CA THR B 102 21.63 -14.74 -16.30
C THR B 102 20.76 -13.71 -15.60
N PHE B 103 19.99 -12.97 -16.39
CA PHE B 103 19.11 -11.94 -15.87
C PHE B 103 17.88 -11.86 -16.76
N PHE B 104 16.83 -11.24 -16.23
CA PHE B 104 15.55 -11.14 -16.91
C PHE B 104 15.36 -9.73 -17.43
N HIS B 105 15.29 -9.60 -18.76
CA HIS B 105 15.23 -8.28 -19.38
C HIS B 105 13.97 -7.54 -18.97
N ASN B 106 12.84 -8.22 -18.93
CA ASN B 106 11.55 -7.60 -18.64
C ASN B 106 11.17 -7.69 -17.18
N GLY B 107 12.04 -8.21 -16.32
CA GLY B 107 11.75 -8.30 -14.92
C GLY B 107 11.93 -6.99 -14.19
N LYS B 108 10.81 -6.36 -13.82
CA LYS B 108 10.87 -5.08 -13.12
C LYS B 108 11.49 -5.24 -11.75
N LYS B 109 11.16 -6.31 -11.04
CA LYS B 109 11.67 -6.52 -9.70
C LYS B 109 11.64 -8.00 -9.41
N SER B 110 12.79 -8.57 -9.07
CA SER B 110 12.93 -9.98 -8.78
C SER B 110 13.67 -10.16 -7.47
N PHE B 111 13.28 -11.18 -6.71
CA PHE B 111 13.94 -11.48 -5.45
C PHE B 111 13.95 -12.99 -5.26
N ALA B 112 14.88 -13.44 -4.43
CA ALA B 112 15.02 -14.85 -4.13
C ALA B 112 14.42 -15.16 -2.76
N HIS B 113 14.44 -16.43 -2.41
CA HIS B 113 13.92 -16.92 -1.14
C HIS B 113 15.07 -17.45 -0.30
N TRP B 114 15.19 -16.93 0.92
CA TRP B 114 16.34 -17.21 1.77
C TRP B 114 15.98 -17.93 3.05
N MET B 115 14.77 -18.47 3.15
CA MET B 115 14.33 -19.16 4.35
C MET B 115 13.88 -20.58 4.00
N THR B 116 14.27 -21.55 4.83
CA THR B 116 15.12 -21.41 6.02
C THR B 116 16.56 -21.21 5.58
N THR B 117 16.86 -21.76 4.42
CA THR B 117 18.16 -21.67 3.78
C THR B 117 17.96 -21.20 2.35
N PRO B 118 18.91 -20.48 1.77
CA PRO B 118 18.76 -20.06 0.37
C PRO B 118 18.36 -21.21 -0.53
N ASN B 119 17.23 -21.04 -1.21
CA ASN B 119 16.67 -22.10 -2.07
C ASN B 119 17.55 -22.21 -3.31
N ARG B 120 18.70 -22.82 -3.13
CA ARG B 120 19.65 -23.05 -4.20
C ARG B 120 20.17 -24.48 -4.12
N MET B 121 20.58 -25.01 -5.26
CA MET B 121 21.16 -26.33 -5.33
C MET B 121 22.31 -26.32 -6.32
N LEU B 122 23.26 -27.21 -6.09
CA LEU B 122 24.43 -27.31 -6.95
C LEU B 122 24.86 -28.77 -6.98
N ARG B 123 24.85 -29.37 -8.17
CA ARG B 123 25.20 -30.76 -8.33
C ARG B 123 26.24 -30.89 -9.43
N ILE B 124 27.18 -31.80 -9.22
CA ILE B 124 28.31 -31.99 -10.12
C ILE B 124 28.48 -33.47 -10.38
N TRP B 125 28.75 -33.81 -11.64
CA TRP B 125 29.00 -35.18 -12.05
C TRP B 125 30.47 -35.36 -12.38
N ASN B 126 30.84 -36.63 -12.62
CA ASN B 126 32.23 -36.94 -12.89
C ASN B 126 32.72 -36.24 -14.15
N ASP B 127 31.90 -36.23 -15.19
CA ASP B 127 32.28 -35.64 -16.46
C ASP B 127 32.45 -34.13 -16.39
N GLY B 128 32.03 -33.50 -15.31
CA GLY B 128 32.10 -32.06 -15.18
C GLY B 128 30.79 -31.36 -15.43
N ARG B 129 29.72 -32.09 -15.72
CA ARG B 129 28.42 -31.45 -15.90
C ARG B 129 27.97 -30.83 -14.60
N VAL B 130 27.42 -29.63 -14.70
CA VAL B 130 27.02 -28.82 -13.55
C VAL B 130 25.54 -28.51 -13.66
N LEU B 131 24.83 -28.67 -12.55
CA LEU B 131 23.43 -28.31 -12.45
C LEU B 131 23.27 -27.26 -11.35
N TYR B 132 22.68 -26.13 -11.71
CA TYR B 132 22.47 -25.04 -10.77
C TYR B 132 20.98 -24.70 -10.80
N THR B 133 20.30 -24.97 -9.69
CA THR B 133 18.88 -24.75 -9.57
C THR B 133 18.64 -23.64 -8.56
N LEU B 134 17.74 -22.72 -8.91
CA LEU B 134 17.47 -21.55 -8.11
C LEU B 134 15.98 -21.29 -8.10
N ARG B 135 15.47 -20.78 -6.98
CA ARG B 135 14.07 -20.42 -6.85
C ARG B 135 13.93 -18.91 -6.87
N LEU B 136 12.99 -18.41 -7.66
CA LEU B 136 12.84 -17.00 -7.90
C LEU B 136 11.38 -16.61 -7.85
N THR B 137 11.15 -15.34 -7.56
CA THR B 137 9.82 -14.72 -7.62
C THR B 137 9.97 -13.45 -8.44
N ILE B 138 9.56 -13.51 -9.69
CA ILE B 138 9.75 -12.41 -10.62
C ILE B 138 8.48 -11.57 -10.67
N SER B 139 8.67 -10.31 -11.05
CA SER B 139 7.58 -9.36 -11.29
C SER B 139 7.86 -8.73 -12.64
N ALA B 140 7.35 -9.36 -13.70
CA ALA B 140 7.62 -8.94 -15.06
C ALA B 140 6.51 -8.06 -15.60
N GLU B 141 6.78 -7.43 -16.73
CA GLU B 141 5.85 -6.53 -17.38
C GLU B 141 5.18 -7.24 -18.54
N CYS B 142 3.85 -7.14 -18.60
CA CYS B 142 3.05 -7.80 -19.63
C CYS B 142 2.20 -6.74 -20.32
N PRO B 143 2.72 -6.13 -21.38
CA PRO B 143 1.89 -5.17 -22.12
C PRO B 143 0.66 -5.85 -22.69
N MET B 144 -0.45 -5.14 -22.66
CA MET B 144 -1.73 -5.70 -23.07
C MET B 144 -2.49 -4.71 -23.93
N ASP B 145 -3.25 -5.24 -24.88
CA ASP B 145 -4.13 -4.46 -25.75
C ASP B 145 -5.56 -4.76 -25.33
N LEU B 146 -6.13 -3.86 -24.53
CA LEU B 146 -7.48 -4.06 -23.99
C LEU B 146 -8.54 -3.51 -24.94
N GLU B 147 -8.45 -3.90 -26.20
CA GLU B 147 -9.43 -3.49 -27.19
C GLU B 147 -10.65 -4.40 -27.20
N ASP B 148 -10.44 -5.69 -26.97
CA ASP B 148 -11.52 -6.67 -26.87
C ASP B 148 -11.87 -6.98 -25.43
N PHE B 149 -11.39 -6.18 -24.49
CA PHE B 149 -11.66 -6.43 -23.09
C PHE B 149 -13.17 -6.43 -22.84
N PRO B 150 -13.69 -7.35 -22.02
CA PRO B 150 -12.99 -8.42 -21.30
C PRO B 150 -12.82 -9.71 -22.09
N MET B 151 -13.21 -9.76 -23.35
CA MET B 151 -12.99 -10.94 -24.18
C MET B 151 -11.63 -10.85 -24.88
N ASP B 152 -10.60 -10.70 -24.06
CA ASP B 152 -9.24 -10.45 -24.53
C ASP B 152 -8.34 -11.61 -24.16
N GLU B 153 -7.48 -11.99 -25.11
CA GLU B 153 -6.45 -12.99 -24.89
C GLU B 153 -5.09 -12.30 -24.85
N GLN B 154 -4.32 -12.61 -23.82
CA GLN B 154 -3.04 -11.96 -23.59
C GLN B 154 -1.92 -12.97 -23.63
N ASN B 155 -0.74 -12.51 -24.04
CA ASN B 155 0.46 -13.33 -24.19
C ASN B 155 1.56 -12.68 -23.36
N CYS B 156 1.60 -13.03 -22.08
CA CYS B 156 2.59 -12.44 -21.17
C CYS B 156 3.91 -13.17 -21.33
N PRO B 157 4.99 -12.48 -21.72
CA PRO B 157 6.26 -13.15 -21.95
C PRO B 157 7.17 -13.14 -20.73
N LEU B 158 8.30 -13.85 -20.87
CA LEU B 158 9.33 -13.87 -19.84
C LEU B 158 10.66 -14.06 -20.56
N LYS B 159 11.48 -13.02 -20.57
CA LYS B 159 12.73 -13.01 -21.31
C LYS B 159 13.90 -13.06 -20.35
N PHE B 160 14.92 -13.82 -20.71
CA PHE B 160 16.13 -13.89 -19.93
C PHE B 160 17.31 -14.20 -20.84
N GLY B 161 18.49 -13.86 -20.35
CA GLY B 161 19.70 -14.11 -21.10
C GLY B 161 20.89 -13.60 -20.32
N SER B 162 22.05 -13.65 -20.96
CA SER B 162 23.26 -13.21 -20.31
C SER B 162 23.35 -11.69 -20.33
N TYR B 163 24.04 -11.15 -19.32
CA TYR B 163 24.25 -9.72 -19.21
C TYR B 163 25.61 -9.27 -19.71
N ALA B 164 26.61 -10.15 -19.67
CA ALA B 164 27.96 -9.78 -20.03
C ALA B 164 28.61 -10.71 -21.05
N TYR B 165 28.02 -11.87 -21.33
CA TYR B 165 28.63 -12.83 -22.23
C TYR B 165 27.86 -12.87 -23.54
N PRO B 166 28.43 -12.38 -24.64
CA PRO B 166 27.69 -12.37 -25.90
C PRO B 166 27.45 -13.76 -26.47
N ASN B 167 26.78 -13.79 -27.62
CA ASN B 167 26.43 -15.04 -28.27
C ASN B 167 27.66 -15.82 -28.69
N SER B 168 28.80 -15.16 -28.85
CA SER B 168 30.03 -15.82 -29.23
C SER B 168 30.71 -16.53 -28.07
N GLU B 169 30.23 -16.35 -26.86
CA GLU B 169 30.83 -16.93 -25.68
C GLU B 169 29.86 -17.85 -24.93
N VAL B 170 28.63 -17.40 -24.73
CA VAL B 170 27.63 -18.15 -23.99
C VAL B 170 26.35 -18.20 -24.80
N VAL B 171 25.77 -19.39 -24.91
CA VAL B 171 24.51 -19.59 -25.63
C VAL B 171 23.56 -20.35 -24.72
N TYR B 172 22.33 -19.89 -24.65
CA TYR B 172 21.27 -20.55 -23.90
C TYR B 172 20.39 -21.31 -24.87
N VAL B 173 20.07 -22.55 -24.51
CA VAL B 173 19.19 -23.39 -25.31
C VAL B 173 18.26 -24.14 -24.36
N TRP B 174 17.00 -24.26 -24.75
CA TRP B 174 16.09 -25.09 -23.98
C TRP B 174 16.47 -26.56 -24.10
N THR B 175 16.15 -27.31 -23.07
CA THR B 175 16.48 -28.73 -23.01
C THR B 175 15.29 -29.57 -23.46
N ASN B 176 15.55 -30.55 -24.32
CA ASN B 176 14.51 -31.45 -24.82
C ASN B 176 13.44 -30.60 -25.51
N GLY B 177 12.19 -31.06 -25.50
CA GLY B 177 11.11 -30.38 -26.16
C GLY B 177 10.55 -29.24 -25.33
N SER B 178 9.50 -28.61 -25.87
CA SER B 178 8.89 -27.49 -25.19
C SER B 178 8.24 -27.92 -23.89
N THR B 179 7.57 -29.08 -23.88
CA THR B 179 6.87 -29.53 -22.69
C THR B 179 7.82 -29.71 -21.51
N LYS B 180 8.95 -30.37 -21.75
CA LYS B 180 9.93 -30.57 -20.70
C LYS B 180 10.70 -29.30 -20.36
N SER B 181 10.72 -28.32 -21.27
CA SER B 181 11.50 -27.11 -21.04
C SER B 181 10.81 -26.22 -20.01
N VAL B 182 9.51 -26.04 -20.12
CA VAL B 182 8.72 -25.25 -19.19
C VAL B 182 7.57 -26.08 -18.68
N VAL B 183 7.40 -26.12 -17.37
CA VAL B 183 6.38 -26.91 -16.72
C VAL B 183 5.65 -26.04 -15.72
N VAL B 184 4.34 -26.21 -15.62
CA VAL B 184 3.50 -25.44 -14.72
C VAL B 184 2.78 -26.42 -13.80
N ALA B 185 2.84 -26.14 -12.50
CA ALA B 185 2.17 -26.99 -11.53
C ALA B 185 0.66 -26.93 -11.72
N GLU B 186 -0.01 -28.03 -11.38
CA GLU B 186 -1.45 -28.10 -11.58
C GLU B 186 -2.17 -27.01 -10.78
N ASP B 187 -1.79 -26.81 -9.53
CA ASP B 187 -2.40 -25.78 -8.71
C ASP B 187 -1.85 -24.40 -8.98
N GLY B 188 -0.70 -24.31 -9.66
CA GLY B 188 -0.13 -23.00 -9.95
C GLY B 188 -0.96 -22.21 -10.94
N SER B 189 -1.54 -22.90 -11.93
CA SER B 189 -2.34 -22.24 -12.97
C SER B 189 -3.74 -21.94 -12.44
N ARG B 190 -3.77 -21.14 -11.38
CA ARG B 190 -5.02 -20.72 -10.74
C ARG B 190 -5.01 -19.22 -10.60
N LEU B 191 -5.93 -18.56 -11.31
CA LEU B 191 -6.08 -17.12 -11.24
C LEU B 191 -7.56 -16.79 -11.16
N ASN B 192 -7.84 -15.63 -10.57
CA ASN B 192 -9.22 -15.22 -10.36
C ASN B 192 -9.85 -14.59 -11.59
N GLN B 193 -9.05 -14.21 -12.58
CA GLN B 193 -9.58 -13.52 -13.75
C GLN B 193 -8.93 -13.97 -15.05
N TYR B 194 -8.20 -15.08 -15.05
CA TYR B 194 -7.52 -15.53 -16.26
C TYR B 194 -7.46 -17.05 -16.26
N HIS B 195 -7.35 -17.60 -17.47
CA HIS B 195 -7.08 -19.01 -17.69
C HIS B 195 -5.73 -19.14 -18.36
N LEU B 196 -4.91 -20.04 -17.85
CA LEU B 196 -3.58 -20.30 -18.41
C LEU B 196 -3.74 -21.39 -19.47
N MET B 197 -3.96 -20.97 -20.70
CA MET B 197 -4.25 -21.92 -21.78
C MET B 197 -3.03 -22.80 -22.06
N GLY B 198 -1.84 -22.21 -22.10
CA GLY B 198 -0.67 -22.97 -22.44
C GLY B 198 0.56 -22.09 -22.41
N GLN B 199 1.68 -22.69 -22.82
CA GLN B 199 2.96 -22.01 -22.82
C GLN B 199 3.71 -22.34 -24.09
N THR B 200 4.58 -21.42 -24.50
CA THR B 200 5.46 -21.62 -25.63
C THR B 200 6.81 -20.99 -25.32
N VAL B 201 7.84 -21.49 -25.99
CA VAL B 201 9.21 -21.04 -25.77
C VAL B 201 9.84 -20.74 -27.11
N GLY B 202 10.88 -19.91 -27.06
CA GLY B 202 11.60 -19.55 -28.26
C GLY B 202 12.92 -18.88 -27.91
N THR B 203 13.73 -18.73 -28.95
CA THR B 203 15.02 -18.07 -28.83
C THR B 203 15.17 -17.09 -29.97
N GLU B 204 16.00 -16.07 -29.75
CA GLU B 204 16.28 -15.10 -30.79
C GLU B 204 17.48 -14.24 -30.41
N ASN B 205 18.41 -14.08 -31.33
CA ASN B 205 19.55 -13.21 -31.09
C ASN B 205 19.12 -11.76 -31.14
N ILE B 206 19.85 -10.92 -30.40
CA ILE B 206 19.65 -9.48 -30.41
C ILE B 206 20.99 -8.80 -30.52
N SER B 207 21.03 -7.69 -31.24
CA SER B 207 22.24 -6.90 -31.40
C SER B 207 22.14 -5.65 -30.54
N THR B 208 23.19 -5.39 -29.78
CA THR B 208 23.24 -4.23 -28.89
C THR B 208 24.57 -3.52 -29.09
N SER B 209 24.77 -2.47 -28.30
CA SER B 209 26.03 -1.74 -28.35
C SER B 209 27.18 -2.58 -27.84
N THR B 210 26.92 -3.43 -26.85
CA THR B 210 27.95 -4.26 -26.25
C THR B 210 28.20 -5.56 -27.02
N GLY B 211 27.35 -5.89 -27.98
CA GLY B 211 27.53 -7.08 -28.78
C GLY B 211 26.24 -7.82 -29.01
N GLU B 212 26.33 -8.98 -29.65
CA GLU B 212 25.17 -9.81 -29.93
C GLU B 212 24.93 -10.78 -28.79
N TYR B 213 23.67 -10.92 -28.40
CA TYR B 213 23.27 -11.78 -27.31
C TYR B 213 22.09 -12.63 -27.75
N THR B 214 21.98 -13.81 -27.15
CA THR B 214 20.85 -14.69 -27.38
C THR B 214 19.83 -14.49 -26.28
N ILE B 215 18.56 -14.42 -26.67
CA ILE B 215 17.46 -14.16 -25.76
C ILE B 215 16.54 -15.36 -25.75
N MET B 216 16.25 -15.88 -24.56
CA MET B 216 15.34 -16.99 -24.37
C MET B 216 14.02 -16.43 -23.88
N THR B 217 12.94 -16.79 -24.56
CA THR B 217 11.63 -16.23 -24.29
C THR B 217 10.64 -17.36 -24.00
N ALA B 218 9.82 -17.15 -22.98
CA ALA B 218 8.72 -18.04 -22.64
C ALA B 218 7.43 -17.22 -22.62
N HIS B 219 6.45 -17.65 -23.40
CA HIS B 219 5.18 -16.94 -23.51
C HIS B 219 4.09 -17.76 -22.85
N PHE B 220 3.27 -17.08 -22.06
CA PHE B 220 2.12 -17.69 -21.40
C PHE B 220 0.86 -17.12 -22.03
N HIS B 221 0.01 -18.01 -22.54
CA HIS B 221 -1.23 -17.60 -23.18
C HIS B 221 -2.33 -17.51 -22.14
N LEU B 222 -2.91 -16.33 -21.98
CA LEU B 222 -3.93 -16.07 -20.99
C LEU B 222 -5.25 -15.77 -21.68
N LYS B 223 -6.30 -16.48 -21.26
CA LYS B 223 -7.66 -16.26 -21.74
C LYS B 223 -8.48 -15.79 -20.56
N ARG B 224 -8.90 -14.53 -20.60
CA ARG B 224 -9.64 -13.96 -19.48
C ARG B 224 -10.93 -14.73 -19.26
N LYS B 225 -11.18 -15.08 -18.00
CA LYS B 225 -12.38 -15.82 -17.63
C LYS B 225 -13.45 -14.81 -17.25
N ILE B 226 -14.38 -14.59 -18.18
CA ILE B 226 -15.47 -13.67 -17.92
C ILE B 226 -16.44 -14.29 -16.91
N GLY B 227 -17.21 -13.42 -16.26
CA GLY B 227 -18.14 -13.85 -15.25
C GLY B 227 -18.15 -12.92 -14.07
N TYR B 228 -17.01 -12.31 -13.78
CA TYR B 228 -16.97 -11.27 -12.77
C TYR B 228 -17.58 -9.98 -13.30
N PHE B 229 -17.29 -9.65 -14.55
CA PHE B 229 -17.81 -8.43 -15.14
C PHE B 229 -19.29 -8.57 -15.49
N VAL B 230 -19.72 -9.80 -15.78
CA VAL B 230 -21.14 -10.04 -16.00
C VAL B 230 -21.94 -9.70 -14.75
N ILE B 231 -21.45 -10.14 -13.59
CA ILE B 231 -22.13 -9.87 -12.33
C ILE B 231 -21.90 -8.44 -11.86
N GLN B 232 -20.87 -7.78 -12.36
CA GLN B 232 -20.46 -6.47 -11.88
C GLN B 232 -20.96 -5.33 -12.76
N THR B 233 -20.90 -5.48 -14.08
CA THR B 233 -21.22 -4.40 -15.00
C THR B 233 -22.38 -4.75 -15.93
N TYR B 234 -22.30 -5.86 -16.64
CA TYR B 234 -23.27 -6.15 -17.69
C TYR B 234 -24.68 -6.26 -17.12
N LEU B 235 -24.86 -7.08 -16.10
CA LEU B 235 -26.20 -7.28 -15.54
C LEU B 235 -26.79 -5.99 -15.00
N PRO B 236 -26.09 -5.23 -14.15
CA PRO B 236 -26.66 -3.95 -13.72
C PRO B 236 -27.01 -3.04 -14.88
N CYS B 237 -26.18 -3.03 -15.92
CA CYS B 237 -26.50 -2.25 -17.11
C CYS B 237 -27.73 -2.81 -17.81
N ILE B 238 -27.84 -4.14 -17.90
CA ILE B 238 -28.97 -4.75 -18.60
C ILE B 238 -30.27 -4.50 -17.84
N MET B 239 -30.26 -4.75 -16.53
CA MET B 239 -31.48 -4.58 -15.75
C MET B 239 -31.89 -3.12 -15.67
N THR B 240 -30.91 -2.22 -15.67
CA THR B 240 -31.23 -0.79 -15.68
C THR B 240 -31.98 -0.40 -16.94
N VAL B 241 -31.58 -0.96 -18.09
CA VAL B 241 -32.29 -0.68 -19.33
C VAL B 241 -33.71 -1.18 -19.25
N ILE B 242 -33.90 -2.40 -18.75
CA ILE B 242 -35.24 -2.97 -18.62
C ILE B 242 -36.09 -2.09 -17.70
N LEU B 243 -35.47 -1.56 -16.65
CA LEU B 243 -36.19 -0.68 -15.74
C LEU B 243 -36.71 0.55 -16.48
N SER B 244 -35.89 1.12 -17.35
CA SER B 244 -36.30 2.31 -18.09
C SER B 244 -37.50 2.02 -18.99
N GLN B 245 -37.50 0.86 -19.64
CA GLN B 245 -38.58 0.52 -20.56
C GLN B 245 -39.92 0.39 -19.85
N VAL B 246 -39.91 0.20 -18.53
CA VAL B 246 -41.16 0.13 -17.78
C VAL B 246 -41.93 1.44 -17.89
N SER B 247 -41.22 2.55 -18.09
CA SER B 247 -41.88 3.84 -18.19
C SER B 247 -42.85 3.88 -19.35
N PHE B 248 -42.61 3.08 -20.39
CA PHE B 248 -43.49 3.06 -21.55
C PHE B 248 -44.86 2.48 -21.21
N TRP B 249 -44.97 1.73 -20.12
CA TRP B 249 -46.22 1.11 -19.73
C TRP B 249 -47.05 1.99 -18.80
N LEU B 250 -46.58 3.19 -18.51
CA LEU B 250 -47.31 4.15 -17.69
C LEU B 250 -48.00 5.18 -18.58
N ASN B 251 -49.04 5.79 -18.02
CA ASN B 251 -49.79 6.79 -18.76
C ASN B 251 -48.97 8.06 -18.92
N ARG B 252 -49.26 8.80 -19.98
CA ARG B 252 -48.51 10.02 -20.26
C ARG B 252 -48.73 11.07 -19.19
N GLU B 253 -49.96 11.17 -18.68
CA GLU B 253 -50.26 12.19 -17.69
C GLU B 253 -49.44 12.03 -16.41
N SER B 254 -48.89 10.85 -16.17
CA SER B 254 -48.05 10.61 -14.99
C SER B 254 -46.63 11.13 -15.29
N VAL B 255 -46.55 12.46 -15.42
CA VAL B 255 -45.31 13.10 -15.83
C VAL B 255 -44.23 12.86 -14.78
N ALA B 256 -44.57 13.06 -13.50
CA ALA B 256 -43.58 12.90 -12.44
C ALA B 256 -43.08 11.47 -12.37
N ALA B 257 -43.97 10.50 -12.50
CA ALA B 257 -43.57 9.11 -12.38
C ALA B 257 -42.58 8.73 -13.48
N ARG B 258 -42.94 9.01 -14.73
CA ARG B 258 -42.07 8.62 -15.84
C ARG B 258 -40.75 9.39 -15.80
N THR B 259 -40.77 10.60 -15.25
CA THR B 259 -39.54 11.37 -15.12
C THR B 259 -38.55 10.67 -14.19
N VAL B 260 -39.05 10.11 -13.09
CA VAL B 260 -38.17 9.42 -12.15
C VAL B 260 -37.48 8.24 -12.83
N PHE B 261 -38.25 7.45 -13.58
CA PHE B 261 -37.64 6.33 -14.29
C PHE B 261 -36.50 6.79 -15.16
N GLY B 262 -36.75 7.79 -16.02
CA GLY B 262 -35.73 8.21 -16.96
C GLY B 262 -34.53 8.84 -16.28
N VAL B 263 -34.77 9.72 -15.32
CA VAL B 263 -33.67 10.44 -14.69
C VAL B 263 -32.81 9.49 -13.87
N THR B 264 -33.43 8.67 -13.03
CA THR B 264 -32.67 7.78 -12.18
C THR B 264 -31.85 6.79 -13.00
N THR B 265 -32.46 6.24 -14.04
CA THR B 265 -31.77 5.27 -14.87
C THR B 265 -30.56 5.88 -15.56
N VAL B 266 -30.70 7.09 -16.07
CA VAL B 266 -29.60 7.75 -16.77
C VAL B 266 -28.43 7.94 -15.81
N LEU B 267 -28.71 8.44 -14.61
CA LEU B 267 -27.66 8.63 -13.61
C LEU B 267 -27.07 7.29 -13.19
N THR B 268 -27.91 6.27 -13.04
CA THR B 268 -27.41 4.96 -12.65
C THR B 268 -26.42 4.42 -13.67
N MET B 269 -26.72 4.57 -14.95
CA MET B 269 -25.78 4.15 -15.99
C MET B 269 -24.51 4.97 -15.92
N THR B 270 -24.64 6.27 -15.63
CA THR B 270 -23.47 7.14 -15.55
C THR B 270 -22.50 6.67 -14.47
N THR B 271 -23.02 6.39 -13.28
CA THR B 271 -22.15 5.95 -12.19
C THR B 271 -21.56 4.57 -12.47
N LEU B 272 -22.29 3.70 -13.16
CA LEU B 272 -21.76 2.39 -13.50
C LEU B 272 -20.53 2.52 -14.38
N SER B 273 -20.55 3.46 -15.32
CA SER B 273 -19.38 3.71 -16.15
C SER B 273 -18.18 4.09 -15.29
N ILE B 274 -18.40 4.96 -14.31
CA ILE B 274 -17.31 5.37 -13.43
C ILE B 274 -16.84 4.19 -12.58
N SER B 275 -17.79 3.50 -11.95
CA SER B 275 -17.44 2.38 -11.08
C SER B 275 -16.73 1.28 -11.86
N ALA B 276 -17.20 1.01 -13.07
CA ALA B 276 -16.66 -0.10 -13.85
C ALA B 276 -15.17 0.10 -14.12
N ARG B 277 -14.78 1.32 -14.46
CA ARG B 277 -13.40 1.60 -14.84
C ARG B 277 -12.49 1.87 -13.65
N ASN B 278 -13.02 1.83 -12.43
CA ASN B 278 -12.17 2.03 -11.26
C ASN B 278 -11.09 0.97 -11.17
N SER B 279 -11.47 -0.30 -11.35
CA SER B 279 -10.49 -1.37 -11.37
C SER B 279 -9.74 -1.43 -12.68
N LEU B 280 -10.39 -1.09 -13.78
CA LEU B 280 -9.77 -1.17 -15.09
C LEU B 280 -8.62 -0.17 -15.19
N PRO B 281 -7.57 -0.49 -15.94
CA PRO B 281 -6.48 0.47 -16.12
C PRO B 281 -6.94 1.70 -16.89
N LYS B 282 -6.25 2.81 -16.65
CA LYS B 282 -6.61 4.10 -17.24
C LYS B 282 -6.05 4.17 -18.66
N VAL B 283 -6.60 3.33 -19.52
CA VAL B 283 -6.20 3.29 -20.92
C VAL B 283 -6.96 4.38 -21.69
N ALA B 284 -6.27 4.98 -22.65
CA ALA B 284 -6.83 6.09 -23.41
C ALA B 284 -7.51 5.60 -24.69
N TYR B 285 -8.35 4.59 -24.57
CA TYR B 285 -9.14 4.12 -25.70
C TYR B 285 -10.31 3.31 -25.17
N ALA B 286 -11.29 3.10 -26.04
CA ALA B 286 -12.54 2.47 -25.66
C ALA B 286 -12.44 0.96 -25.79
N THR B 287 -12.95 0.26 -24.79
CA THR B 287 -13.02 -1.19 -24.80
C THR B 287 -14.39 -1.67 -25.24
N ALA B 288 -14.52 -2.99 -25.39
CA ALA B 288 -15.80 -3.55 -25.76
C ALA B 288 -16.84 -3.29 -24.69
N MET B 289 -16.44 -3.37 -23.42
CA MET B 289 -17.37 -3.09 -22.33
C MET B 289 -17.84 -1.65 -22.37
N ASP B 290 -16.95 -0.73 -22.74
CA ASP B 290 -17.34 0.67 -22.84
C ASP B 290 -18.41 0.88 -23.89
N TRP B 291 -18.27 0.19 -25.04
CA TRP B 291 -19.28 0.29 -26.07
C TRP B 291 -20.62 -0.24 -25.57
N PHE B 292 -20.61 -1.34 -24.83
CA PHE B 292 -21.84 -1.88 -24.29
C PHE B 292 -22.50 -0.89 -23.35
N ILE B 293 -21.71 -0.23 -22.51
CA ILE B 293 -22.25 0.78 -21.60
C ILE B 293 -22.84 1.94 -22.40
N ALA B 294 -22.12 2.38 -23.43
CA ALA B 294 -22.58 3.52 -24.21
C ALA B 294 -23.93 3.24 -24.84
N VAL B 295 -24.09 2.04 -25.40
CA VAL B 295 -25.36 1.65 -25.98
C VAL B 295 -26.44 1.62 -24.90
N CYS B 296 -26.14 1.03 -23.76
CA CYS B 296 -27.11 1.00 -22.67
C CYS B 296 -27.48 2.42 -22.24
N TYR B 297 -26.51 3.32 -22.23
CA TYR B 297 -26.79 4.72 -21.93
C TYR B 297 -27.72 5.32 -22.98
N ALA B 298 -27.52 4.96 -24.24
CA ALA B 298 -28.36 5.49 -25.30
C ALA B 298 -29.81 5.03 -25.14
N PHE B 299 -30.00 3.76 -24.79
CA PHE B 299 -31.35 3.23 -24.64
C PHE B 299 -32.10 3.96 -23.53
N VAL B 300 -31.48 4.08 -22.36
CA VAL B 300 -32.13 4.75 -21.24
C VAL B 300 -32.35 6.22 -21.59
N PHE B 301 -31.35 6.86 -22.18
CA PHE B 301 -31.49 8.26 -22.58
C PHE B 301 -32.56 8.39 -23.66
N SER B 302 -32.59 7.47 -24.61
CA SER B 302 -33.57 7.51 -25.67
C SER B 302 -34.98 7.38 -25.13
N ALA B 303 -35.16 6.51 -24.12
CA ALA B 303 -36.47 6.36 -23.51
C ALA B 303 -36.96 7.66 -22.92
N LEU B 304 -36.07 8.40 -22.25
CA LEU B 304 -36.45 9.68 -21.68
C LEU B 304 -36.87 10.67 -22.76
N LEU B 305 -36.16 10.68 -23.88
CA LEU B 305 -36.53 11.57 -24.97
C LEU B 305 -37.91 11.23 -25.51
N GLU B 306 -38.23 9.95 -25.61
CA GLU B 306 -39.55 9.56 -26.08
C GLU B 306 -40.63 10.14 -25.18
N PHE B 307 -40.44 10.04 -23.87
CA PHE B 307 -41.42 10.62 -22.95
C PHE B 307 -41.51 12.13 -23.11
N ALA B 308 -40.36 12.79 -23.24
CA ALA B 308 -40.37 14.23 -23.43
C ALA B 308 -41.04 14.61 -24.74
N PHE B 309 -40.72 13.89 -25.81
CA PHE B 309 -41.36 14.15 -27.08
C PHE B 309 -42.85 13.87 -27.02
N VAL B 310 -43.23 12.79 -26.34
CA VAL B 310 -44.64 12.44 -26.19
C VAL B 310 -45.37 13.51 -25.40
N ASN B 311 -44.79 13.92 -24.27
CA ASN B 311 -45.43 14.92 -23.43
C ASN B 311 -45.51 16.28 -24.12
N TYR B 312 -44.72 16.51 -25.15
CA TYR B 312 -44.71 17.78 -25.86
C TYR B 312 -45.79 17.87 -26.92
N ILE B 313 -46.42 16.76 -27.29
CA ILE B 313 -47.42 16.74 -28.34
C ILE B 313 -48.65 15.98 -27.87
N THR B 314 -48.71 15.68 -26.58
CA THR B 314 -49.86 14.95 -26.04
C THR B 314 -51.15 15.76 -26.13
N LYS B 315 -51.05 17.07 -26.36
CA LYS B 315 -52.22 17.93 -26.52
C LYS B 315 -52.55 18.18 -27.98
N SER B 316 -51.58 18.62 -28.78
CA SER B 316 -51.84 18.96 -30.17
C SER B 316 -52.35 17.76 -30.94
N GLN B 317 -51.62 16.65 -30.89
CA GLN B 317 -51.96 15.42 -31.61
C GLN B 317 -51.83 14.24 -30.66
N PRO B 318 -52.82 14.06 -29.78
CA PRO B 318 -52.75 12.92 -28.85
C PRO B 318 -52.70 11.57 -29.53
N ALA B 319 -53.33 11.44 -30.69
CA ALA B 319 -53.43 10.13 -31.34
C ALA B 319 -52.04 9.57 -31.65
N ARG B 320 -51.17 10.41 -32.21
CA ARG B 320 -49.83 9.93 -32.54
C ARG B 320 -49.03 9.60 -31.30
N ALA B 321 -49.25 10.34 -30.22
CA ALA B 321 -48.50 10.09 -28.98
C ALA B 321 -48.74 8.67 -28.47
N ALA B 322 -50.01 8.23 -28.50
CA ALA B 322 -50.31 6.88 -28.04
C ALA B 322 -49.63 5.84 -28.90
N LYS B 323 -49.62 6.05 -30.22
CA LYS B 323 -48.98 5.10 -31.12
C LYS B 323 -47.50 4.98 -30.80
N ILE B 324 -46.83 6.11 -30.60
CA ILE B 324 -45.40 6.09 -30.31
C ILE B 324 -45.13 5.38 -28.98
N ASP B 325 -45.92 5.72 -27.96
CA ASP B 325 -45.74 5.07 -26.67
C ASP B 325 -46.05 3.58 -26.76
N LYS B 326 -47.13 3.22 -27.46
CA LYS B 326 -47.46 1.82 -27.62
C LYS B 326 -46.42 1.10 -28.47
N MET B 327 -45.97 1.73 -29.55
CA MET B 327 -44.97 1.12 -30.41
C MET B 327 -43.66 0.92 -29.67
N SER B 328 -43.26 1.91 -28.88
CA SER B 328 -41.99 1.83 -28.16
C SER B 328 -41.95 0.65 -27.22
N ARG B 329 -43.11 0.18 -26.76
CA ARG B 329 -43.13 -0.98 -25.87
C ARG B 329 -42.58 -2.22 -26.55
N ILE B 330 -42.52 -2.24 -27.88
CA ILE B 330 -42.05 -3.38 -28.64
C ILE B 330 -40.68 -3.13 -29.25
N VAL B 331 -40.45 -1.93 -29.77
CA VAL B 331 -39.22 -1.64 -30.48
C VAL B 331 -38.02 -1.71 -29.53
N PHE B 332 -38.10 -1.03 -28.40
CA PHE B 332 -36.95 -0.95 -27.51
C PHE B 332 -36.50 -2.30 -27.00
N PRO B 333 -37.38 -3.17 -26.47
CA PRO B 333 -36.93 -4.49 -26.05
C PRO B 333 -36.30 -5.29 -27.17
N ILE B 334 -36.86 -5.18 -28.37
CA ILE B 334 -36.37 -5.96 -29.51
C ILE B 334 -34.97 -5.53 -29.88
N LEU B 335 -34.75 -4.22 -29.99
CA LEU B 335 -33.44 -3.72 -30.40
C LEU B 335 -32.38 -4.08 -29.37
N PHE B 336 -32.69 -3.93 -28.09
CA PHE B 336 -31.72 -4.26 -27.05
C PHE B 336 -31.37 -5.74 -27.10
N GLY B 337 -32.38 -6.61 -27.25
CA GLY B 337 -32.10 -8.02 -27.41
C GLY B 337 -31.31 -8.31 -28.66
N THR B 338 -31.65 -7.64 -29.76
CA THR B 338 -30.91 -7.81 -31.00
C THR B 338 -29.46 -7.38 -30.83
N PHE B 339 -29.23 -6.25 -30.14
CA PHE B 339 -27.88 -5.76 -29.96
C PHE B 339 -27.03 -6.76 -29.17
N ASN B 340 -27.61 -7.35 -28.13
CA ASN B 340 -26.86 -8.28 -27.30
C ASN B 340 -26.35 -9.46 -28.13
N LEU B 341 -27.20 -10.01 -28.99
CA LEU B 341 -26.76 -11.12 -29.83
C LEU B 341 -25.59 -10.71 -30.70
N VAL B 342 -25.67 -9.54 -31.31
CA VAL B 342 -24.57 -9.05 -32.13
C VAL B 342 -23.33 -8.84 -31.28
N TYR B 343 -23.50 -8.22 -30.12
CA TYR B 343 -22.35 -7.92 -29.27
C TYR B 343 -21.69 -9.20 -28.78
N TRP B 344 -22.48 -10.10 -28.19
CA TRP B 344 -21.91 -11.32 -27.63
C TRP B 344 -21.35 -12.22 -28.72
N ALA B 345 -22.10 -12.40 -29.81
CA ALA B 345 -21.62 -13.23 -30.90
C ALA B 345 -20.35 -12.66 -31.51
N THR B 346 -20.29 -11.34 -31.66
CA THR B 346 -19.13 -10.72 -32.28
C THR B 346 -17.86 -10.96 -31.48
N TYR B 347 -17.93 -10.80 -30.17
CA TYR B 347 -16.75 -10.91 -29.31
C TYR B 347 -16.53 -12.32 -28.80
N LEU B 348 -17.46 -13.25 -29.01
CA LEU B 348 -17.31 -14.64 -28.62
C LEU B 348 -17.01 -15.54 -29.80
N ASN B 349 -16.70 -14.98 -30.96
CA ASN B 349 -16.41 -15.79 -32.15
C ASN B 349 -15.27 -15.18 -32.95
N ASN C 14 37.75 -22.23 35.00
CA ASN C 14 36.82 -23.34 34.99
C ASN C 14 35.97 -23.32 33.73
N ILE C 15 35.53 -22.11 33.34
CA ILE C 15 34.73 -21.96 32.14
C ILE C 15 35.49 -22.35 30.89
N THR C 16 36.82 -22.33 30.92
CA THR C 16 37.61 -22.63 29.73
C THR C 16 37.36 -24.04 29.23
N ILE C 17 36.83 -24.92 30.08
CA ILE C 17 36.52 -26.28 29.64
C ILE C 17 35.53 -26.24 28.48
N PHE C 18 34.50 -25.41 28.59
CA PHE C 18 33.50 -25.33 27.53
C PHE C 18 34.12 -24.85 26.23
N THR C 19 35.02 -23.87 26.30
CA THR C 19 35.62 -23.31 25.10
C THR C 19 36.37 -24.38 24.32
N ARG C 20 37.13 -25.22 25.02
CA ARG C 20 37.90 -26.25 24.33
C ARG C 20 36.99 -27.23 23.61
N ILE C 21 35.88 -27.59 24.24
CA ILE C 21 34.95 -28.54 23.62
C ILE C 21 34.42 -27.98 22.31
N LEU C 22 34.01 -26.71 22.32
CA LEU C 22 33.49 -26.11 21.09
C LEU C 22 34.53 -26.11 19.99
N ASP C 23 35.77 -25.74 20.32
CA ASP C 23 36.83 -25.78 19.33
C ASP C 23 37.07 -27.20 18.85
N GLY C 24 37.01 -28.17 19.76
CA GLY C 24 37.25 -29.56 19.37
C GLY C 24 36.21 -30.06 18.39
N LEU C 25 34.95 -29.67 18.58
CA LEU C 25 33.89 -30.16 17.72
C LEU C 25 34.11 -29.74 16.28
N LEU C 26 34.46 -28.47 16.06
CA LEU C 26 34.68 -27.97 14.70
C LEU C 26 35.95 -28.53 14.08
N ASP C 27 36.80 -29.18 14.86
CA ASP C 27 38.03 -29.74 14.32
C ASP C 27 37.69 -30.88 13.37
N GLY C 28 38.14 -30.77 12.12
CA GLY C 28 37.86 -31.81 11.14
C GLY C 28 36.39 -32.00 10.88
N TYR C 29 35.61 -30.92 10.90
CA TYR C 29 34.18 -30.96 10.65
C TYR C 29 33.89 -30.24 9.35
N ASP C 30 33.25 -30.94 8.41
CA ASP C 30 32.90 -30.39 7.12
C ASP C 30 31.41 -30.04 7.14
N ASN C 31 31.12 -28.74 7.10
CA ASN C 31 29.74 -28.29 7.12
C ASN C 31 29.00 -28.57 5.83
N ARG C 32 29.70 -29.02 4.79
CA ARG C 32 29.10 -29.26 3.49
C ARG C 32 28.62 -30.69 3.32
N LEU C 33 28.77 -31.53 4.34
CA LEU C 33 28.42 -32.94 4.25
C LEU C 33 27.40 -33.28 5.32
N ARG C 34 26.34 -33.96 4.91
CA ARG C 34 25.32 -34.38 5.85
C ARG C 34 25.83 -35.52 6.73
N PRO C 35 25.35 -35.63 7.96
CA PRO C 35 25.72 -36.78 8.78
C PRO C 35 25.17 -38.07 8.21
N GLY C 36 25.90 -39.15 8.45
CA GLY C 36 25.51 -40.44 7.94
C GLY C 36 25.72 -40.61 6.46
N LEU C 37 26.44 -39.70 5.82
CA LEU C 37 26.64 -39.76 4.39
C LEU C 37 27.36 -41.06 4.01
N GLY C 38 26.81 -41.75 3.01
CA GLY C 38 27.35 -43.03 2.61
C GLY C 38 27.25 -44.12 3.65
N GLU C 39 26.48 -43.89 4.72
CA GLU C 39 26.36 -44.87 5.80
C GLU C 39 24.90 -45.17 6.09
N ARG C 40 24.04 -44.16 5.98
CA ARG C 40 22.63 -44.29 6.33
C ARG C 40 21.88 -43.11 5.75
N ILE C 41 20.62 -42.98 6.13
CA ILE C 41 19.75 -41.90 5.67
C ILE C 41 19.54 -40.94 6.82
N THR C 42 19.80 -39.67 6.57
CA THR C 42 19.58 -38.65 7.59
C THR C 42 18.10 -38.50 7.86
N GLN C 43 17.73 -38.51 9.14
CA GLN C 43 16.34 -38.46 9.56
C GLN C 43 16.14 -37.21 10.41
N VAL C 44 15.13 -36.42 10.05
CA VAL C 44 14.88 -35.13 10.66
C VAL C 44 13.49 -35.15 11.29
N ARG C 45 13.41 -34.79 12.56
CA ARG C 45 12.15 -34.71 13.28
C ARG C 45 11.74 -33.25 13.39
N THR C 46 10.53 -32.94 12.95
CA THR C 46 10.04 -31.57 12.87
C THR C 46 8.86 -31.38 13.79
N ASP C 47 8.88 -30.29 14.53
CA ASP C 47 7.74 -29.85 15.33
C ASP C 47 7.56 -28.36 15.10
N MET C 48 6.32 -27.91 15.25
CA MET C 48 5.95 -26.54 14.95
C MET C 48 5.08 -25.97 16.06
N TYR C 49 5.28 -24.70 16.34
CA TYR C 49 4.44 -23.95 17.28
C TYR C 49 4.01 -22.66 16.60
N VAL C 50 2.71 -22.44 16.52
CA VAL C 50 2.15 -21.30 15.81
C VAL C 50 1.90 -20.20 16.84
N ASN C 51 2.77 -19.19 16.85
CA ASN C 51 2.61 -18.09 17.78
C ASN C 51 1.37 -17.27 17.46
N SER C 52 1.11 -17.05 16.17
CA SER C 52 -0.07 -16.28 15.76
C SER C 52 -0.40 -16.64 14.31
N PHE C 53 -1.62 -17.10 14.08
CA PHE C 53 -2.10 -17.38 12.74
C PHE C 53 -2.54 -16.06 12.12
N GLY C 54 -1.68 -15.48 11.29
CA GLY C 54 -1.88 -14.15 10.79
C GLY C 54 -3.12 -14.01 9.95
N PRO C 55 -3.32 -12.82 9.39
CA PRO C 55 -4.52 -12.57 8.61
C PRO C 55 -4.58 -13.43 7.37
N VAL C 56 -5.81 -13.72 6.95
CA VAL C 56 -6.08 -14.46 5.72
C VAL C 56 -6.62 -13.49 4.70
N SER C 57 -5.87 -13.28 3.62
CA SER C 57 -6.29 -12.38 2.55
C SER C 57 -7.01 -13.23 1.50
N ASP C 58 -8.34 -13.13 1.48
CA ASP C 58 -9.11 -13.86 0.49
C ASP C 58 -8.79 -13.38 -0.92
N THR C 59 -8.61 -12.07 -1.09
CA THR C 59 -8.33 -11.53 -2.41
C THR C 59 -7.05 -12.11 -2.99
N GLU C 60 -6.01 -12.20 -2.17
CA GLU C 60 -4.72 -12.74 -2.61
C GLU C 60 -4.62 -14.24 -2.43
N MET C 61 -5.62 -14.89 -1.83
CA MET C 61 -5.61 -16.33 -1.62
C MET C 61 -4.35 -16.74 -0.86
N GLU C 62 -3.97 -15.93 0.12
CA GLU C 62 -2.80 -16.19 0.94
C GLU C 62 -3.18 -16.08 2.40
N TYR C 63 -2.22 -16.41 3.26
CA TYR C 63 -2.39 -16.27 4.70
C TYR C 63 -1.02 -16.17 5.33
N THR C 64 -0.92 -15.30 6.34
CA THR C 64 0.31 -15.10 7.07
C THR C 64 0.30 -15.92 8.34
N ILE C 65 1.47 -16.44 8.71
CA ILE C 65 1.60 -17.27 9.90
C ILE C 65 2.99 -17.07 10.48
N ASP C 66 3.06 -16.98 11.80
CA ASP C 66 4.31 -16.87 12.53
C ASP C 66 4.49 -18.13 13.37
N ILE C 67 5.63 -18.79 13.22
CA ILE C 67 5.86 -20.09 13.83
C ILE C 67 7.26 -20.13 14.44
N PHE C 68 7.43 -21.07 15.35
CA PHE C 68 8.73 -21.48 15.86
C PHE C 68 9.01 -22.85 15.27
N PHE C 69 9.85 -22.87 14.25
CA PHE C 69 10.12 -24.09 13.49
C PHE C 69 11.33 -24.79 14.09
N ALA C 70 11.13 -26.01 14.58
CA ALA C 70 12.17 -26.79 15.23
C ALA C 70 12.48 -28.03 14.41
N GLN C 71 13.76 -28.29 14.20
CA GLN C 71 14.22 -29.47 13.50
C GLN C 71 15.24 -30.18 14.37
N THR C 72 15.10 -31.49 14.50
CA THR C 72 15.99 -32.32 15.30
C THR C 72 16.55 -33.42 14.43
N TRP C 73 17.82 -33.73 14.61
CA TRP C 73 18.45 -34.81 13.87
C TRP C 73 19.65 -35.31 14.67
N LYS C 74 20.46 -36.12 14.02
CA LYS C 74 21.59 -36.80 14.66
C LYS C 74 22.84 -36.60 13.83
N ASP C 75 23.95 -36.29 14.52
CA ASP C 75 25.23 -36.11 13.84
C ASP C 75 26.32 -36.63 14.78
N GLU C 76 26.89 -37.78 14.45
CA GLU C 76 27.89 -38.39 15.31
C GLU C 76 29.18 -37.58 15.36
N ARG C 77 29.41 -36.70 14.38
CA ARG C 77 30.60 -35.88 14.38
C ARG C 77 30.63 -34.87 15.52
N LEU C 78 29.51 -34.66 16.19
CA LEU C 78 29.40 -33.66 17.25
C LEU C 78 29.37 -34.28 18.63
N ARG C 79 29.69 -35.57 18.76
CA ARG C 79 29.73 -36.19 20.07
C ARG C 79 30.80 -35.55 20.93
N PHE C 80 30.54 -35.46 22.22
CA PHE C 80 31.48 -34.86 23.14
C PHE C 80 31.23 -35.40 24.54
N LYS C 81 32.22 -35.22 25.41
CA LYS C 81 32.14 -35.62 26.81
C LYS C 81 32.48 -34.43 27.68
N GLY C 82 31.66 -34.19 28.70
CA GLY C 82 31.87 -33.07 29.58
C GLY C 82 30.93 -33.10 30.77
N PRO C 83 31.12 -32.16 31.70
CA PRO C 83 30.25 -32.12 32.88
C PRO C 83 28.78 -31.95 32.53
N MET C 84 28.47 -31.18 31.50
CA MET C 84 27.10 -30.90 31.11
C MET C 84 26.64 -31.88 30.03
N GLN C 85 25.34 -32.18 30.06
CA GLN C 85 24.72 -33.05 29.06
C GLN C 85 24.19 -32.26 27.86
N ARG C 86 24.35 -30.94 27.86
CA ARG C 86 23.80 -30.12 26.80
C ARG C 86 24.67 -28.87 26.64
N LEU C 87 24.59 -28.28 25.45
CA LEU C 87 25.36 -27.08 25.11
C LEU C 87 24.43 -26.05 24.49
N PRO C 88 23.72 -25.28 25.29
CA PRO C 88 22.91 -24.18 24.75
C PRO C 88 23.79 -23.21 23.97
N LEU C 89 23.28 -22.75 22.83
CA LEU C 89 24.02 -21.86 21.95
C LEU C 89 23.02 -20.94 21.25
N ASN C 90 23.46 -20.33 20.16
CA ASN C 90 22.65 -19.37 19.42
C ASN C 90 23.05 -19.44 17.95
N ASN C 91 22.67 -18.42 17.17
CA ASN C 91 22.96 -18.39 15.75
C ASN C 91 24.45 -18.31 15.44
N LEU C 92 25.29 -17.99 16.43
CA LEU C 92 26.72 -17.81 16.17
C LEU C 92 27.32 -19.06 15.56
N LEU C 93 27.00 -20.22 16.14
CA LEU C 93 27.58 -21.49 15.70
C LEU C 93 26.78 -22.18 14.63
N ALA C 94 25.57 -21.69 14.32
CA ALA C 94 24.71 -22.38 13.38
C ALA C 94 25.34 -22.47 12.00
N SER C 95 25.96 -21.38 11.54
CA SER C 95 26.55 -21.36 10.21
C SER C 95 27.76 -22.28 10.11
N LYS C 96 28.35 -22.67 11.25
CA LYS C 96 29.58 -23.45 11.24
C LYS C 96 29.34 -24.93 11.04
N ILE C 97 28.10 -25.40 11.13
CA ILE C 97 27.80 -26.82 10.99
C ILE C 97 26.80 -27.02 9.87
N TRP C 98 26.39 -28.26 9.66
CA TRP C 98 25.46 -28.61 8.60
C TRP C 98 24.03 -28.55 9.12
N THR C 99 23.17 -27.86 8.38
CA THR C 99 21.75 -27.82 8.68
C THR C 99 20.96 -28.13 7.42
N PRO C 100 19.79 -28.75 7.56
CA PRO C 100 19.01 -29.11 6.38
C PRO C 100 18.54 -27.90 5.61
N ASP C 101 18.43 -28.06 4.30
CA ASP C 101 18.02 -26.99 3.40
C ASP C 101 16.50 -26.92 3.28
N THR C 102 15.83 -26.88 4.43
CA THR C 102 14.38 -26.91 4.45
C THR C 102 13.80 -25.63 3.87
N PHE C 103 12.75 -25.78 3.07
CA PHE C 103 12.09 -24.65 2.44
C PHE C 103 10.61 -24.97 2.29
N PHE C 104 9.82 -23.93 2.08
CA PHE C 104 8.38 -24.04 2.00
C PHE C 104 7.94 -23.91 0.56
N HIS C 105 7.35 -24.98 0.02
CA HIS C 105 7.00 -25.01 -1.39
C HIS C 105 5.95 -23.95 -1.73
N ASN C 106 4.96 -23.79 -0.87
CA ASN C 106 3.86 -22.86 -1.12
C ASN C 106 4.07 -21.50 -0.48
N GLY C 107 5.22 -21.26 0.11
CA GLY C 107 5.50 -19.97 0.71
C GLY C 107 5.88 -18.92 -0.30
N LYS C 108 4.97 -17.98 -0.56
CA LYS C 108 5.23 -16.93 -1.53
C LYS C 108 6.34 -16.01 -1.06
N LYS C 109 6.34 -15.69 0.23
CA LYS C 109 7.34 -14.78 0.77
C LYS C 109 7.50 -15.06 2.25
N SER C 110 8.72 -15.38 2.67
CA SER C 110 9.02 -15.69 4.05
C SER C 110 10.21 -14.87 4.51
N PHE C 111 10.19 -14.47 5.77
CA PHE C 111 11.29 -13.72 6.33
C PHE C 111 11.45 -14.11 7.79
N ALA C 112 12.64 -13.88 8.32
CA ALA C 112 12.96 -14.18 9.70
C ALA C 112 12.95 -12.91 10.53
N HIS C 113 13.16 -13.08 11.83
CA HIS C 113 13.19 -11.99 12.79
C HIS C 113 14.59 -11.86 13.35
N TRP C 114 15.15 -10.65 13.24
CA TRP C 114 16.55 -10.41 13.57
C TRP C 114 16.74 -9.44 14.72
N MET C 115 15.70 -9.14 15.48
CA MET C 115 15.78 -8.21 16.59
C MET C 115 15.30 -8.89 17.87
N THR C 116 16.01 -8.65 18.97
CA THR C 116 17.25 -7.88 19.07
C THR C 116 18.40 -8.67 18.48
N THR C 117 18.25 -9.99 18.55
CA THR C 117 19.20 -10.94 18.02
C THR C 117 18.44 -11.94 17.16
N PRO C 118 19.08 -12.50 16.13
CA PRO C 118 18.37 -13.50 15.32
C PRO C 118 17.71 -14.56 16.17
N ASN C 119 16.39 -14.71 16.00
CA ASN C 119 15.61 -15.65 16.80
C ASN C 119 15.94 -17.05 16.33
N ARG C 120 17.10 -17.52 16.75
CA ARG C 120 17.58 -18.86 16.46
C ARG C 120 18.16 -19.49 17.71
N MET C 121 18.12 -20.81 17.75
CA MET C 121 18.69 -21.56 18.85
C MET C 121 19.36 -22.80 18.31
N LEU C 122 20.37 -23.26 19.04
CA LEU C 122 21.13 -24.44 18.64
C LEU C 122 21.58 -25.15 19.90
N ARG C 123 21.15 -26.39 20.07
CA ARG C 123 21.46 -27.17 21.25
C ARG C 123 22.01 -28.51 20.82
N ILE C 124 23.00 -29.00 21.56
CA ILE C 124 23.70 -30.23 21.25
C ILE C 124 23.83 -31.06 22.50
N TRP C 125 23.61 -32.36 22.36
CA TRP C 125 23.75 -33.32 23.45
C TRP C 125 24.99 -34.16 23.25
N ASN C 126 25.30 -34.96 24.28
CA ASN C 126 26.49 -35.79 24.23
C ASN C 126 26.43 -36.78 23.08
N ASP C 127 25.26 -37.40 22.87
CA ASP C 127 25.11 -38.42 21.84
C ASP C 127 25.22 -37.86 20.43
N GLY C 128 25.21 -36.55 20.28
CA GLY C 128 25.26 -35.92 18.98
C GLY C 128 23.93 -35.43 18.47
N ARG C 129 22.86 -35.58 19.25
CA ARG C 129 21.57 -35.06 18.84
C ARG C 129 21.61 -33.55 18.78
N VAL C 130 21.01 -33.00 17.72
CA VAL C 130 21.06 -31.59 17.43
C VAL C 130 19.63 -31.06 17.36
N LEU C 131 19.41 -29.91 18.00
CA LEU C 131 18.14 -29.22 17.95
C LEU C 131 18.37 -27.83 17.37
N TYR C 132 17.64 -27.51 16.30
CA TYR C 132 17.75 -26.23 15.63
C TYR C 132 16.36 -25.62 15.58
N THR C 133 16.16 -24.54 16.33
CA THR C 133 14.88 -23.86 16.42
C THR C 133 15.00 -22.49 15.76
N LEU C 134 14.01 -22.15 14.96
CA LEU C 134 14.00 -20.93 14.18
C LEU C 134 12.61 -20.33 14.21
N ARG C 135 12.55 -19.00 14.19
CA ARG C 135 11.30 -18.27 14.16
C ARG C 135 11.10 -17.68 12.77
N LEU C 136 9.90 -17.86 12.24
CA LEU C 136 9.60 -17.50 10.86
C LEU C 136 8.25 -16.81 10.79
N THR C 137 8.09 -16.01 9.74
CA THR C 137 6.81 -15.38 9.39
C THR C 137 6.58 -15.67 7.92
N ILE C 138 5.72 -16.63 7.64
CA ILE C 138 5.49 -17.10 6.28
C ILE C 138 4.27 -16.39 5.71
N SER C 139 4.23 -16.33 4.38
CA SER C 139 3.10 -15.80 3.62
C SER C 139 2.80 -16.84 2.55
N ALA C 140 1.96 -17.80 2.89
CA ALA C 140 1.67 -18.93 2.01
C ALA C 140 0.40 -18.68 1.22
N GLU C 141 0.18 -19.52 0.21
CA GLU C 141 -0.97 -19.43 -0.66
C GLU C 141 -2.00 -20.46 -0.25
N CYS C 142 -3.25 -20.03 -0.13
CA CYS C 142 -4.36 -20.89 0.29
C CYS C 142 -5.45 -20.81 -0.76
N PRO C 143 -5.41 -21.67 -1.77
CA PRO C 143 -6.51 -21.68 -2.75
C PRO C 143 -7.82 -22.01 -2.08
N MET C 144 -8.88 -21.34 -2.54
CA MET C 144 -10.18 -21.46 -1.91
C MET C 144 -11.25 -21.58 -2.97
N ASP C 145 -12.30 -22.33 -2.65
CA ASP C 145 -13.48 -22.50 -3.49
C ASP C 145 -14.62 -21.76 -2.82
N LEU C 146 -14.89 -20.55 -3.29
CA LEU C 146 -15.91 -19.69 -2.69
C LEU C 146 -17.27 -19.94 -3.31
N GLU C 147 -17.66 -21.21 -3.37
CA GLU C 147 -18.97 -21.57 -3.89
C GLU C 147 -20.05 -21.51 -2.84
N ASP C 148 -19.71 -21.86 -1.60
CA ASP C 148 -20.62 -21.77 -0.47
C ASP C 148 -20.38 -20.51 0.35
N PHE C 149 -19.62 -19.57 -0.17
CA PHE C 149 -19.31 -18.36 0.57
C PHE C 149 -20.60 -17.62 0.92
N PRO C 150 -20.73 -17.09 2.14
CA PRO C 150 -19.76 -17.09 3.25
C PRO C 150 -19.84 -18.31 4.14
N MET C 151 -20.69 -19.29 3.85
CA MET C 151 -20.75 -20.52 4.64
C MET C 151 -19.77 -21.55 4.09
N ASP C 152 -18.51 -21.14 4.03
CA ASP C 152 -17.45 -21.91 3.40
C ASP C 152 -16.42 -22.33 4.43
N GLU C 153 -15.97 -23.58 4.31
CA GLU C 153 -14.89 -24.12 5.12
C GLU C 153 -13.66 -24.29 4.26
N GLN C 154 -12.53 -23.77 4.73
CA GLN C 154 -11.30 -23.77 3.97
C GLN C 154 -10.23 -24.58 4.69
N ASN C 155 -9.32 -25.16 3.91
CA ASN C 155 -8.24 -25.99 4.41
C ASN C 155 -6.93 -25.40 3.88
N CYS C 156 -6.39 -24.44 4.61
CA CYS C 156 -5.17 -23.79 4.18
C CYS C 156 -3.96 -24.63 4.56
N PRO C 157 -3.15 -25.09 3.61
CA PRO C 157 -2.04 -25.97 3.92
C PRO C 157 -0.73 -25.22 4.14
N LEU C 158 0.29 -25.99 4.55
CA LEU C 158 1.63 -25.47 4.72
C LEU C 158 2.60 -26.60 4.42
N LYS C 159 3.30 -26.51 3.30
CA LYS C 159 4.17 -27.57 2.82
C LYS C 159 5.62 -27.16 2.96
N PHE C 160 6.46 -28.11 3.37
CA PHE C 160 7.88 -27.86 3.46
C PHE C 160 8.63 -29.16 3.25
N GLY C 161 9.89 -29.03 2.87
CA GLY C 161 10.73 -30.18 2.64
C GLY C 161 12.11 -29.72 2.20
N SER C 162 12.93 -30.69 1.84
CA SER C 162 14.28 -30.38 1.41
C SER C 162 14.28 -29.86 -0.01
N TYR C 163 15.28 -29.02 -0.32
CA TYR C 163 15.44 -28.46 -1.65
C TYR C 163 16.48 -29.21 -2.47
N ALA C 164 17.45 -29.84 -1.82
CA ALA C 164 18.56 -30.48 -2.52
C ALA C 164 18.81 -31.92 -2.12
N TYR C 165 18.22 -32.38 -1.02
CA TYR C 165 18.48 -33.73 -0.53
C TYR C 165 17.27 -34.61 -0.79
N PRO C 166 17.34 -35.57 -1.70
CA PRO C 166 16.18 -36.41 -1.98
C PRO C 166 15.80 -37.33 -0.84
N ASN C 167 14.73 -38.10 -1.06
CA ASN C 167 14.23 -39.01 -0.04
C ASN C 167 15.24 -40.09 0.33
N SER C 168 16.20 -40.36 -0.55
CA SER C 168 17.22 -41.36 -0.29
C SER C 168 18.32 -40.85 0.63
N GLU C 169 18.33 -39.57 0.93
CA GLU C 169 19.37 -38.97 1.75
C GLU C 169 18.81 -38.33 3.02
N VAL C 170 17.72 -37.58 2.90
CA VAL C 170 17.12 -36.86 4.02
C VAL C 170 15.63 -37.15 4.03
N VAL C 171 15.10 -37.49 5.20
CA VAL C 171 13.69 -37.76 5.39
C VAL C 171 13.19 -36.93 6.56
N TYR C 172 12.06 -36.28 6.38
CA TYR C 172 11.40 -35.52 7.42
C TYR C 172 10.25 -36.33 7.98
N VAL C 173 10.16 -36.37 9.30
CA VAL C 173 9.07 -37.07 9.99
C VAL C 173 8.62 -36.21 11.16
N TRP C 174 7.31 -36.16 11.38
CA TRP C 174 6.79 -35.49 12.55
C TRP C 174 7.18 -36.27 13.81
N THR C 175 7.31 -35.55 14.91
CA THR C 175 7.70 -36.13 16.18
C THR C 175 6.46 -36.42 17.02
N ASN C 176 6.43 -37.61 17.61
CA ASN C 176 5.31 -38.02 18.47
C ASN C 176 4.02 -37.95 17.65
N GLY C 177 2.90 -37.68 18.31
CA GLY C 177 1.61 -37.63 17.65
C GLY C 177 1.37 -36.30 16.97
N SER C 178 0.16 -36.18 16.41
CA SER C 178 -0.19 -34.96 15.70
C SER C 178 -0.27 -33.78 16.64
N THR C 179 -0.83 -33.97 17.83
CA THR C 179 -1.00 -32.87 18.76
C THR C 179 0.34 -32.25 19.15
N LYS C 180 1.32 -33.08 19.46
CA LYS C 180 2.64 -32.58 19.82
C LYS C 180 3.41 -32.08 18.62
N SER C 181 3.03 -32.51 17.41
CA SER C 181 3.78 -32.13 16.21
C SER C 181 3.51 -30.68 15.85
N VAL C 182 2.25 -30.27 15.89
CA VAL C 182 1.85 -28.90 15.59
C VAL C 182 1.02 -28.37 16.74
N VAL C 183 1.37 -27.20 17.24
CA VAL C 183 0.70 -26.58 18.38
C VAL C 183 0.39 -25.13 18.02
N VAL C 184 -0.78 -24.68 18.45
CA VAL C 184 -1.24 -23.32 18.18
C VAL C 184 -1.51 -22.64 19.51
N ALA C 185 -0.97 -21.45 19.67
CA ALA C 185 -1.18 -20.69 20.89
C ALA C 185 -2.64 -20.31 21.04
N GLU C 186 -3.08 -20.19 22.30
CA GLU C 186 -4.48 -19.90 22.57
C GLU C 186 -4.89 -18.57 21.95
N ASP C 187 -4.06 -17.55 22.10
CA ASP C 187 -4.37 -16.24 21.53
C ASP C 187 -4.01 -16.16 20.05
N GLY C 188 -3.22 -17.10 19.53
CA GLY C 188 -2.88 -17.06 18.12
C GLY C 188 -4.06 -17.34 17.23
N SER C 189 -4.94 -18.26 17.64
CA SER C 189 -6.10 -18.64 16.85
C SER C 189 -7.21 -17.59 16.98
N ARG C 190 -6.86 -16.36 16.60
CA ARG C 190 -7.78 -15.24 16.65
C ARG C 190 -7.80 -14.56 15.28
N LEU C 191 -8.95 -14.62 14.62
CA LEU C 191 -9.13 -13.97 13.33
C LEU C 191 -10.47 -13.28 13.31
N ASN C 192 -10.57 -12.25 12.48
CA ASN C 192 -11.78 -11.43 12.42
C ASN C 192 -12.86 -12.06 11.55
N GLN C 193 -12.51 -13.04 10.72
CA GLN C 193 -13.49 -13.62 9.81
C GLN C 193 -13.36 -15.13 9.68
N TYR C 194 -12.63 -15.79 10.57
CA TYR C 194 -12.46 -17.22 10.49
C TYR C 194 -12.33 -17.82 11.88
N HIS C 195 -12.67 -19.10 11.98
CA HIS C 195 -12.44 -19.90 13.16
C HIS C 195 -11.44 -21.00 12.83
N LEU C 196 -10.45 -21.16 13.69
CA LEU C 196 -9.42 -22.20 13.49
C LEU C 196 -9.92 -23.45 14.19
N MET C 197 -10.64 -24.29 13.43
CA MET C 197 -11.25 -25.48 14.01
C MET C 197 -10.21 -26.46 14.53
N GLY C 198 -9.16 -26.68 13.75
CA GLY C 198 -8.16 -27.66 14.13
C GLY C 198 -7.06 -27.73 13.09
N GLN C 199 -6.15 -28.68 13.32
CA GLN C 199 -5.00 -28.87 12.46
C GLN C 199 -4.79 -30.36 12.21
N THR C 200 -4.18 -30.65 11.07
CA THR C 200 -3.80 -32.02 10.73
C THR C 200 -2.46 -31.97 10.00
N VAL C 201 -1.74 -33.09 10.06
CA VAL C 201 -0.42 -33.19 9.47
C VAL C 201 -0.36 -34.45 8.62
N GLY C 202 0.57 -34.46 7.69
CA GLY C 202 0.76 -35.61 6.83
C GLY C 202 2.07 -35.51 6.10
N THR C 203 2.42 -36.62 5.46
CA THR C 203 3.63 -36.72 4.65
C THR C 203 3.29 -37.40 3.34
N GLU C 204 4.09 -37.11 2.32
CA GLU C 204 3.91 -37.75 1.03
C GLU C 204 5.12 -37.51 0.15
N ASN C 205 5.62 -38.56 -0.48
CA ASN C 205 6.72 -38.43 -1.41
C ASN C 205 6.23 -37.79 -2.71
N ILE C 206 7.14 -37.08 -3.37
CA ILE C 206 6.89 -36.49 -4.67
C ILE C 206 8.06 -36.80 -5.58
N SER C 207 7.77 -37.02 -6.85
CA SER C 207 8.79 -37.28 -7.86
C SER C 207 8.97 -36.04 -8.72
N THR C 208 10.21 -35.63 -8.91
CA THR C 208 10.55 -34.47 -9.70
C THR C 208 11.67 -34.83 -10.67
N SER C 209 12.11 -33.82 -11.43
CA SER C 209 13.21 -34.03 -12.35
C SER C 209 14.51 -34.30 -11.60
N THR C 210 14.69 -33.66 -10.45
CA THR C 210 15.91 -33.80 -9.67
C THR C 210 15.90 -35.03 -8.76
N GLY C 211 14.76 -35.69 -8.62
CA GLY C 211 14.68 -36.89 -7.80
C GLY C 211 13.43 -36.92 -6.96
N GLU C 212 13.32 -37.93 -6.10
CA GLU C 212 12.19 -38.08 -5.21
C GLU C 212 12.46 -37.37 -3.90
N TYR C 213 11.45 -36.65 -3.42
CA TYR C 213 11.54 -35.90 -2.18
C TYR C 213 10.32 -36.18 -1.33
N THR C 214 10.50 -36.07 -0.02
CA THR C 214 9.41 -36.21 0.94
C THR C 214 8.87 -34.83 1.29
N ILE C 215 7.56 -34.71 1.33
CA ILE C 215 6.88 -33.45 1.59
C ILE C 215 6.09 -33.58 2.87
N MET C 216 6.31 -32.65 3.78
CA MET C 216 5.59 -32.58 5.04
C MET C 216 4.53 -31.49 4.93
N THR C 217 3.28 -31.85 5.23
CA THR C 217 2.15 -30.96 5.04
C THR C 217 1.40 -30.79 6.36
N ALA C 218 1.03 -29.55 6.64
CA ALA C 218 0.18 -29.21 7.78
C ALA C 218 -1.02 -28.45 7.27
N HIS C 219 -2.21 -28.95 7.58
CA HIS C 219 -3.45 -28.35 7.13
C HIS C 219 -4.17 -27.71 8.29
N PHE C 220 -4.66 -26.49 8.09
CA PHE C 220 -5.44 -25.77 9.06
C PHE C 220 -6.86 -25.67 8.56
N HIS C 221 -7.81 -26.14 9.37
CA HIS C 221 -9.21 -26.12 9.01
C HIS C 221 -9.83 -24.82 9.47
N LEU C 222 -10.36 -24.04 8.52
CA LEU C 222 -10.94 -22.75 8.79
C LEU C 222 -12.43 -22.78 8.54
N LYS C 223 -13.20 -22.32 9.51
CA LYS C 223 -14.65 -22.20 9.40
C LYS C 223 -14.97 -20.72 9.49
N ARG C 224 -15.44 -20.14 8.39
CA ARG C 224 -15.72 -18.72 8.36
C ARG C 224 -16.79 -18.36 9.39
N LYS C 225 -16.52 -17.32 10.16
CA LYS C 225 -17.45 -16.86 11.19
C LYS C 225 -18.33 -15.80 10.57
N ILE C 226 -19.56 -16.19 10.23
CA ILE C 226 -20.51 -15.27 9.66
C ILE C 226 -20.99 -14.29 10.74
N GLY C 227 -21.49 -13.15 10.28
CA GLY C 227 -21.94 -12.12 11.18
C GLY C 227 -21.54 -10.74 10.71
N TYR C 228 -20.39 -10.66 10.03
CA TYR C 228 -20.02 -9.42 9.38
C TYR C 228 -20.85 -9.18 8.12
N PHE C 229 -21.08 -10.25 7.36
CA PHE C 229 -21.84 -10.13 6.12
C PHE C 229 -23.32 -9.99 6.41
N VAL C 230 -23.79 -10.53 7.54
CA VAL C 230 -25.17 -10.33 7.95
C VAL C 230 -25.44 -8.86 8.19
N ILE C 231 -24.53 -8.18 8.88
CA ILE C 231 -24.69 -6.76 9.16
C ILE C 231 -24.36 -5.90 7.94
N GLN C 232 -23.63 -6.45 6.98
CA GLN C 232 -23.13 -5.69 5.85
C GLN C 232 -23.98 -5.85 4.60
N THR C 233 -24.42 -7.07 4.30
CA THR C 233 -25.13 -7.36 3.05
C THR C 233 -26.53 -7.89 3.28
N TYR C 234 -26.67 -8.94 4.08
CA TYR C 234 -27.97 -9.62 4.17
C TYR C 234 -29.04 -8.70 4.71
N LEU C 235 -28.78 -8.06 5.85
CA LEU C 235 -29.78 -7.20 6.45
C LEU C 235 -30.18 -6.04 5.54
N PRO C 236 -29.25 -5.27 4.98
CA PRO C 236 -29.67 -4.22 4.04
C PRO C 236 -30.48 -4.78 2.88
N CYS C 237 -30.11 -5.95 2.38
CA CYS C 237 -30.90 -6.58 1.33
C CYS C 237 -32.28 -6.97 1.84
N ILE C 238 -32.35 -7.51 3.06
CA ILE C 238 -33.63 -7.95 3.61
C ILE C 238 -34.55 -6.76 3.85
N MET C 239 -34.03 -5.73 4.53
CA MET C 239 -34.86 -4.58 4.85
C MET C 239 -35.28 -3.83 3.58
N THR C 240 -34.42 -3.83 2.56
CA THR C 240 -34.78 -3.20 1.30
C THR C 240 -35.97 -3.89 0.66
N VAL C 241 -36.01 -5.22 0.73
CA VAL C 241 -37.16 -5.95 0.20
C VAL C 241 -38.42 -5.58 0.96
N ILE C 242 -38.35 -5.53 2.29
CA ILE C 242 -39.50 -5.17 3.09
C ILE C 242 -39.97 -3.77 2.73
N LEU C 243 -39.03 -2.87 2.46
CA LEU C 243 -39.38 -1.51 2.07
C LEU C 243 -40.20 -1.52 0.79
N SER C 244 -39.81 -2.35 -0.17
CA SER C 244 -40.53 -2.40 -1.44
C SER C 244 -41.96 -2.87 -1.24
N GLN C 245 -42.16 -3.87 -0.38
CA GLN C 245 -43.48 -4.42 -0.17
C GLN C 245 -44.45 -3.39 0.42
N VAL C 246 -43.93 -2.33 1.03
CA VAL C 246 -44.79 -1.28 1.56
C VAL C 246 -45.59 -0.64 0.46
N SER C 247 -45.07 -0.64 -0.77
CA SER C 247 -45.77 -0.02 -1.88
C SER C 247 -47.12 -0.69 -2.12
N PHE C 248 -47.26 -1.95 -1.76
CA PHE C 248 -48.52 -2.66 -1.95
C PHE C 248 -49.62 -2.12 -1.05
N TRP C 249 -49.27 -1.42 0.01
CA TRP C 249 -50.25 -0.88 0.95
C TRP C 249 -50.69 0.53 0.59
N LEU C 250 -50.21 1.07 -0.53
CA LEU C 250 -50.61 2.37 -1.01
C LEU C 250 -51.64 2.22 -2.13
N ASN C 251 -52.41 3.28 -2.34
CA ASN C 251 -53.43 3.27 -3.37
C ASN C 251 -52.79 3.33 -4.75
N ARG C 252 -53.50 2.78 -5.73
CA ARG C 252 -52.98 2.73 -7.08
C ARG C 252 -52.81 4.13 -7.66
N GLU C 253 -53.75 5.02 -7.37
CA GLU C 253 -53.70 6.36 -7.94
C GLU C 253 -52.45 7.13 -7.53
N SER C 254 -51.79 6.71 -6.44
CA SER C 254 -50.55 7.34 -6.01
C SER C 254 -49.39 6.79 -6.84
N VAL C 255 -49.43 7.15 -8.13
CA VAL C 255 -48.45 6.61 -9.08
C VAL C 255 -47.05 7.07 -8.71
N ALA C 256 -46.89 8.35 -8.43
CA ALA C 256 -45.57 8.87 -8.11
C ALA C 256 -45.00 8.23 -6.85
N ALA C 257 -45.83 8.07 -5.82
CA ALA C 257 -45.35 7.52 -4.58
C ALA C 257 -44.85 6.10 -4.75
N ARG C 258 -45.67 5.23 -5.35
CA ARG C 258 -45.27 3.85 -5.52
C ARG C 258 -44.08 3.71 -6.46
N THR C 259 -43.94 4.64 -7.40
CA THR C 259 -42.79 4.61 -8.29
C THR C 259 -41.49 4.83 -7.52
N VAL C 260 -41.50 5.74 -6.55
CA VAL C 260 -40.30 5.99 -5.77
C VAL C 260 -39.87 4.75 -5.02
N PHE C 261 -40.82 4.06 -4.39
CA PHE C 261 -40.49 2.83 -3.69
C PHE C 261 -39.79 1.84 -4.61
N GLY C 262 -40.40 1.56 -5.77
CA GLY C 262 -39.84 0.56 -6.66
C GLY C 262 -38.50 0.97 -7.24
N VAL C 263 -38.39 2.21 -7.70
CA VAL C 263 -37.17 2.65 -8.35
C VAL C 263 -36.02 2.71 -7.36
N THR C 264 -36.23 3.34 -6.22
CA THR C 264 -35.15 3.49 -5.25
C THR C 264 -34.68 2.14 -4.75
N THR C 265 -35.61 1.24 -4.47
CA THR C 265 -35.25 -0.08 -3.96
C THR C 265 -34.43 -0.86 -4.97
N VAL C 266 -34.81 -0.81 -6.25
CA VAL C 266 -34.08 -1.53 -7.27
C VAL C 266 -32.65 -1.03 -7.36
N LEU C 267 -32.47 0.29 -7.37
CA LEU C 267 -31.13 0.85 -7.42
C LEU C 267 -30.36 0.53 -6.15
N THR C 268 -31.03 0.56 -5.00
CA THR C 268 -30.37 0.24 -3.75
C THR C 268 -29.81 -1.17 -3.76
N MET C 269 -30.58 -2.13 -4.26
CA MET C 269 -30.09 -3.49 -4.37
C MET C 269 -28.94 -3.57 -5.36
N THR C 270 -29.00 -2.79 -6.43
CA THR C 270 -27.94 -2.80 -7.42
C THR C 270 -26.61 -2.38 -6.82
N THR C 271 -26.61 -1.27 -6.07
CA THR C 271 -25.38 -0.79 -5.47
C THR C 271 -24.87 -1.74 -4.39
N LEU C 272 -25.78 -2.40 -3.67
CA LEU C 272 -25.36 -3.36 -2.67
C LEU C 272 -24.57 -4.49 -3.29
N SER C 273 -24.99 -4.96 -4.47
CA SER C 273 -24.24 -5.99 -5.18
C SER C 273 -22.82 -5.51 -5.48
N ILE C 274 -22.68 -4.26 -5.91
CA ILE C 274 -21.36 -3.72 -6.21
C ILE C 274 -20.55 -3.58 -4.93
N SER C 275 -21.15 -2.97 -3.90
CA SER C 275 -20.44 -2.75 -2.66
C SER C 275 -20.04 -4.07 -2.02
N ALA C 276 -20.93 -5.06 -2.07
CA ALA C 276 -20.67 -6.33 -1.40
C ALA C 276 -19.42 -7.00 -1.93
N ARG C 277 -19.23 -6.97 -3.25
CA ARG C 277 -18.13 -7.66 -3.89
C ARG C 277 -16.84 -6.85 -3.91
N ASN C 278 -16.86 -5.63 -3.38
CA ASN C 278 -15.63 -4.83 -3.35
C ASN C 278 -14.55 -5.53 -2.53
N SER C 279 -14.91 -6.01 -1.34
CA SER C 279 -13.97 -6.75 -0.53
C SER C 279 -13.78 -8.17 -1.05
N LEU C 280 -14.82 -8.77 -1.59
CA LEU C 280 -14.74 -10.14 -2.06
C LEU C 280 -13.76 -10.25 -3.23
N PRO C 281 -13.07 -11.37 -3.36
CA PRO C 281 -12.18 -11.55 -4.51
C PRO C 281 -12.96 -11.60 -5.81
N LYS C 282 -12.28 -11.23 -6.90
CA LYS C 282 -12.90 -11.14 -8.22
C LYS C 282 -12.93 -12.53 -8.85
N VAL C 283 -13.73 -13.39 -8.24
CA VAL C 283 -13.90 -14.75 -8.74
C VAL C 283 -14.93 -14.76 -9.85
N ALA C 284 -14.71 -15.60 -10.86
CA ALA C 284 -15.56 -15.66 -12.03
C ALA C 284 -16.65 -16.72 -11.88
N TYR C 285 -17.33 -16.69 -10.74
CA TYR C 285 -18.47 -17.57 -10.52
C TYR C 285 -19.31 -17.02 -9.39
N ALA C 286 -20.54 -17.51 -9.31
CA ALA C 286 -21.52 -16.99 -8.36
C ALA C 286 -21.41 -17.70 -7.03
N THR C 287 -21.47 -16.92 -5.96
CA THR C 287 -21.46 -17.44 -4.60
C THR C 287 -22.88 -17.53 -4.06
N ALA C 288 -22.99 -18.10 -2.86
CA ALA C 288 -24.30 -18.19 -2.22
C ALA C 288 -24.85 -16.82 -1.92
N MET C 289 -23.98 -15.88 -1.51
CA MET C 289 -24.44 -14.53 -1.25
C MET C 289 -24.96 -13.87 -2.51
N ASP C 290 -24.32 -14.15 -3.64
CA ASP C 290 -24.78 -13.58 -4.90
C ASP C 290 -26.18 -14.06 -5.24
N TRP C 291 -26.46 -15.34 -5.01
CA TRP C 291 -27.81 -15.85 -5.25
C TRP C 291 -28.82 -15.16 -4.36
N PHE C 292 -28.47 -14.93 -3.09
CA PHE C 292 -29.37 -14.24 -2.19
C PHE C 292 -29.67 -12.84 -2.69
N ILE C 293 -28.64 -12.14 -3.17
CA ILE C 293 -28.84 -10.80 -3.71
C ILE C 293 -29.74 -10.85 -4.95
N ALA C 294 -29.49 -11.83 -5.82
CA ALA C 294 -30.27 -11.92 -7.05
C ALA C 294 -31.74 -12.12 -6.75
N VAL C 295 -32.05 -12.99 -5.79
CA VAL C 295 -33.44 -13.19 -5.38
C VAL C 295 -34.02 -11.91 -4.82
N CYS C 296 -33.27 -11.24 -3.94
CA CYS C 296 -33.75 -9.98 -3.38
C CYS C 296 -33.99 -8.96 -4.48
N TYR C 297 -33.13 -8.95 -5.50
CA TYR C 297 -33.34 -8.07 -6.65
C TYR C 297 -34.62 -8.44 -7.38
N ALA C 298 -34.90 -9.74 -7.50
CA ALA C 298 -36.12 -10.17 -8.17
C ALA C 298 -37.37 -9.71 -7.43
N PHE C 299 -37.35 -9.81 -6.11
CA PHE C 299 -38.51 -9.42 -5.33
C PHE C 299 -38.81 -7.93 -5.50
N VAL C 300 -37.79 -7.08 -5.34
CA VAL C 300 -38.00 -5.65 -5.50
C VAL C 300 -38.40 -5.33 -6.92
N PHE C 301 -37.74 -5.95 -7.90
CA PHE C 301 -38.09 -5.72 -9.29
C PHE C 301 -39.49 -6.24 -9.58
N SER C 302 -39.84 -7.40 -9.02
CA SER C 302 -41.16 -7.97 -9.24
C SER C 302 -42.24 -7.06 -8.67
N ALA C 303 -41.98 -6.45 -7.51
CA ALA C 303 -42.96 -5.53 -6.93
C ALA C 303 -43.23 -4.38 -7.86
N LEU C 304 -42.20 -3.83 -8.49
CA LEU C 304 -42.38 -2.73 -9.42
C LEU C 304 -43.23 -3.15 -10.61
N LEU C 305 -43.00 -4.36 -11.12
CA LEU C 305 -43.80 -4.85 -12.24
C LEU C 305 -45.26 -4.97 -11.85
N GLU C 306 -45.54 -5.43 -10.63
CA GLU C 306 -46.92 -5.52 -10.18
C GLU C 306 -47.60 -4.16 -10.22
N PHE C 307 -46.92 -3.12 -9.74
CA PHE C 307 -47.49 -1.78 -9.79
C PHE C 307 -47.71 -1.34 -11.23
N ALA C 308 -46.72 -1.59 -12.10
CA ALA C 308 -46.87 -1.22 -13.50
C ALA C 308 -48.02 -1.98 -14.15
N PHE C 309 -48.10 -3.28 -13.90
CA PHE C 309 -49.19 -4.08 -14.43
C PHE C 309 -50.53 -3.61 -13.88
N VAL C 310 -50.57 -3.30 -12.58
CA VAL C 310 -51.79 -2.83 -11.96
C VAL C 310 -52.21 -1.49 -12.56
N ASN C 311 -51.26 -0.57 -12.68
CA ASN C 311 -51.57 0.76 -13.23
C ASN C 311 -51.98 0.69 -14.68
N TYR C 312 -51.65 -0.39 -15.39
CA TYR C 312 -51.98 -0.54 -16.79
C TYR C 312 -53.38 -1.05 -17.03
N ILE C 313 -54.05 -1.56 -16.00
CA ILE C 313 -55.39 -2.14 -16.15
C ILE C 313 -56.30 -1.59 -15.06
N THR C 314 -55.85 -0.56 -14.35
CA THR C 314 -56.66 0.03 -13.30
C THR C 314 -57.92 0.69 -13.84
N LYS C 315 -57.98 0.93 -15.14
CA LYS C 315 -59.16 1.51 -15.79
C LYS C 315 -60.04 0.45 -16.44
N SER C 316 -59.46 -0.40 -17.27
CA SER C 316 -60.26 -1.38 -17.99
C SER C 316 -60.97 -2.33 -17.04
N GLN C 317 -60.22 -2.94 -16.12
CA GLN C 317 -60.76 -3.91 -15.16
C GLN C 317 -60.23 -3.56 -13.78
N PRO C 318 -60.79 -2.54 -13.14
CA PRO C 318 -60.32 -2.17 -11.79
C PRO C 318 -60.47 -3.28 -10.77
N ALA C 319 -61.49 -4.12 -10.91
CA ALA C 319 -61.76 -5.13 -9.90
C ALA C 319 -60.59 -6.07 -9.73
N ARG C 320 -60.03 -6.54 -10.84
CA ARG C 320 -58.90 -7.47 -10.75
C ARG C 320 -57.66 -6.78 -10.18
N ALA C 321 -57.49 -5.50 -10.47
CA ALA C 321 -56.31 -4.78 -9.98
C ALA C 321 -56.27 -4.78 -8.46
N ALA C 322 -57.43 -4.54 -7.83
CA ALA C 322 -57.48 -4.54 -6.37
C ALA C 322 -57.13 -5.90 -5.81
N LYS C 323 -57.64 -6.96 -6.43
CA LYS C 323 -57.34 -8.31 -5.96
C LYS C 323 -55.85 -8.58 -6.01
N ILE C 324 -55.20 -8.22 -7.12
CA ILE C 324 -53.78 -8.46 -7.28
C ILE C 324 -52.99 -7.67 -6.23
N ASP C 325 -53.34 -6.40 -6.06
CA ASP C 325 -52.65 -5.58 -5.08
C ASP C 325 -52.90 -6.11 -3.67
N LYS C 326 -54.14 -6.47 -3.37
CA LYS C 326 -54.45 -7.02 -2.05
C LYS C 326 -53.78 -8.37 -1.85
N MET C 327 -53.81 -9.22 -2.87
CA MET C 327 -53.19 -10.54 -2.76
C MET C 327 -51.69 -10.42 -2.58
N SER C 328 -51.06 -9.50 -3.31
CA SER C 328 -49.62 -9.35 -3.24
C SER C 328 -49.16 -8.98 -1.84
N ARG C 329 -50.03 -8.36 -1.04
CA ARG C 329 -49.66 -8.02 0.33
C ARG C 329 -49.35 -9.24 1.16
N ILE C 330 -49.81 -10.41 0.73
CA ILE C 330 -49.61 -11.66 1.46
C ILE C 330 -48.59 -12.56 0.77
N VAL C 331 -48.65 -12.64 -0.56
CA VAL C 331 -47.78 -13.58 -1.27
C VAL C 331 -46.32 -13.20 -1.11
N PHE C 332 -45.99 -11.93 -1.37
CA PHE C 332 -44.59 -11.52 -1.36
C PHE C 332 -43.92 -11.74 -0.02
N PRO C 333 -44.49 -11.31 1.11
CA PRO C 333 -43.84 -11.58 2.39
C PRO C 333 -43.66 -13.07 2.67
N ILE C 334 -44.64 -13.88 2.27
CA ILE C 334 -44.58 -15.30 2.54
C ILE C 334 -43.46 -15.95 1.75
N LEU C 335 -43.36 -15.64 0.46
CA LEU C 335 -42.33 -16.24 -0.36
C LEU C 335 -40.94 -15.86 0.11
N PHE C 336 -40.74 -14.58 0.45
CA PHE C 336 -39.44 -14.14 0.92
C PHE C 336 -39.07 -14.85 2.21
N GLY C 337 -40.02 -14.96 3.14
CA GLY C 337 -39.75 -15.71 4.36
C GLY C 337 -39.49 -17.17 4.07
N THR C 338 -40.25 -17.75 3.16
CA THR C 338 -40.04 -19.14 2.78
C THR C 338 -38.66 -19.33 2.17
N PHE C 339 -38.23 -18.41 1.30
CA PHE C 339 -36.94 -18.52 0.67
C PHE C 339 -35.81 -18.49 1.69
N ASN C 340 -35.92 -17.62 2.69
CA ASN C 340 -34.86 -17.51 3.67
C ASN C 340 -34.65 -18.82 4.41
N LEU C 341 -35.74 -19.48 4.80
CA LEU C 341 -35.61 -20.76 5.48
C LEU C 341 -34.88 -21.77 4.60
N VAL C 342 -35.25 -21.84 3.32
CA VAL C 342 -34.57 -22.74 2.40
C VAL C 342 -33.11 -22.35 2.26
N TYR C 343 -32.84 -21.06 2.09
CA TYR C 343 -31.48 -20.61 1.89
C TYR C 343 -30.62 -20.87 3.12
N TRP C 344 -31.07 -20.43 4.29
CA TRP C 344 -30.28 -20.59 5.49
C TRP C 344 -30.14 -22.07 5.86
N ALA C 345 -31.25 -22.81 5.81
CA ALA C 345 -31.19 -24.23 6.15
C ALA C 345 -30.27 -24.98 5.19
N THR C 346 -30.33 -24.64 3.90
CA THR C 346 -29.53 -25.34 2.91
C THR C 346 -28.04 -25.17 3.18
N TYR C 347 -27.61 -23.95 3.46
CA TYR C 347 -26.20 -23.65 3.63
C TYR C 347 -25.72 -23.81 5.07
N LEU C 348 -26.62 -24.02 6.02
CA LEU C 348 -26.26 -24.24 7.41
C LEU C 348 -26.41 -25.70 7.83
N ASN C 349 -26.59 -26.60 6.87
CA ASN C 349 -26.75 -28.02 7.18
C ASN C 349 -26.03 -28.88 6.13
N ASN D 14 49.26 9.18 25.17
CA ASN D 14 48.45 9.06 26.36
C ASN D 14 47.18 8.28 26.09
N ILE D 15 46.58 8.53 24.93
CA ILE D 15 45.37 7.83 24.53
C ILE D 15 45.61 6.34 24.36
N THR D 16 46.85 5.92 24.10
CA THR D 16 47.13 4.52 23.84
C THR D 16 46.77 3.65 25.04
N ILE D 17 46.66 4.23 26.23
CA ILE D 17 46.26 3.45 27.40
C ILE D 17 44.90 2.80 27.17
N PHE D 18 43.96 3.55 26.62
CA PHE D 18 42.63 3.01 26.38
C PHE D 18 42.68 1.85 25.40
N THR D 19 43.49 1.98 24.35
CA THR D 19 43.56 0.94 23.33
C THR D 19 43.99 -0.39 23.93
N ARG D 20 45.01 -0.36 24.80
CA ARG D 20 45.50 -1.59 25.39
C ARG D 20 44.43 -2.26 26.24
N ILE D 21 43.66 -1.48 26.98
CA ILE D 21 42.61 -2.05 27.82
C ILE D 21 41.59 -2.80 26.97
N LEU D 22 41.16 -2.18 25.87
CA LEU D 22 40.18 -2.83 25.01
C LEU D 22 40.72 -4.14 24.46
N ASP D 23 41.97 -4.15 24.01
CA ASP D 23 42.57 -5.38 23.52
C ASP D 23 42.67 -6.41 24.65
N GLY D 24 43.03 -5.96 25.85
CA GLY D 24 43.14 -6.89 26.96
C GLY D 24 41.84 -7.57 27.30
N LEU D 25 40.73 -6.83 27.24
CA LEU D 25 39.44 -7.40 27.60
C LEU D 25 39.08 -8.56 26.69
N LEU D 26 39.26 -8.40 25.38
CA LEU D 26 38.92 -9.46 24.44
C LEU D 26 39.87 -10.63 24.52
N ASP D 27 41.00 -10.49 25.23
CA ASP D 27 41.94 -11.59 25.35
C ASP D 27 41.32 -12.72 26.16
N GLY D 28 41.25 -13.90 25.56
CA GLY D 28 40.66 -15.03 26.26
C GLY D 28 39.21 -14.83 26.62
N TYR D 29 38.45 -14.15 25.76
CA TYR D 29 37.04 -13.90 25.98
C TYR D 29 36.24 -14.66 24.94
N ASP D 30 35.32 -15.51 25.41
CA ASP D 30 34.47 -16.30 24.53
C ASP D 30 33.10 -15.65 24.48
N ASN D 31 32.75 -15.10 23.33
CA ASN D 31 31.47 -14.44 23.16
C ASN D 31 30.30 -15.42 23.13
N ARG D 32 30.57 -16.71 23.08
CA ARG D 32 29.54 -17.73 23.00
C ARG D 32 29.09 -18.24 24.35
N LEU D 33 29.67 -17.72 25.44
CA LEU D 33 29.37 -18.19 26.78
C LEU D 33 28.85 -17.05 27.63
N ARG D 34 27.74 -17.29 28.32
CA ARG D 34 27.19 -16.28 29.19
C ARG D 34 28.05 -16.13 30.44
N PRO D 35 28.08 -14.94 31.03
CA PRO D 35 28.78 -14.78 32.30
C PRO D 35 28.12 -15.56 33.42
N GLY D 36 28.94 -16.01 34.37
CA GLY D 36 28.43 -16.80 35.47
C GLY D 36 28.08 -18.22 35.11
N LEU D 37 28.46 -18.68 33.92
CA LEU D 37 28.10 -20.01 33.47
C LEU D 37 28.66 -21.05 34.43
N GLY D 38 27.81 -21.98 34.85
CA GLY D 38 28.22 -22.99 35.80
C GLY D 38 28.57 -22.46 37.17
N GLU D 39 28.26 -21.19 37.45
CA GLU D 39 28.61 -20.57 38.72
C GLU D 39 27.39 -19.94 39.36
N ARG D 40 26.51 -19.37 38.54
CA ARG D 40 25.35 -18.64 39.04
C ARG D 40 24.38 -18.44 37.89
N ILE D 41 23.35 -17.64 38.12
CA ILE D 41 22.32 -17.34 37.13
C ILE D 41 22.53 -15.91 36.66
N THR D 42 22.61 -15.74 35.35
CA THR D 42 22.76 -14.42 34.77
C THR D 42 21.48 -13.62 34.99
N GLN D 43 21.63 -12.40 35.48
CA GLN D 43 20.51 -11.53 35.83
C GLN D 43 20.59 -10.27 34.98
N VAL D 44 19.49 -9.95 34.31
CA VAL D 44 19.43 -8.85 33.36
C VAL D 44 18.39 -7.85 33.83
N ARG D 45 18.80 -6.59 33.94
CA ARG D 45 17.89 -5.52 34.31
C ARG D 45 17.51 -4.73 33.08
N THR D 46 16.20 -4.59 32.87
CA THR D 46 15.66 -4.00 31.66
C THR D 46 14.90 -2.72 32.00
N ASP D 47 15.15 -1.68 31.22
CA ASP D 47 14.40 -0.45 31.27
C ASP D 47 14.07 -0.02 29.85
N MET D 48 12.97 0.69 29.71
CA MET D 48 12.44 1.07 28.41
C MET D 48 12.05 2.53 28.41
N TYR D 49 12.28 3.20 27.28
CA TYR D 49 11.82 4.55 27.05
C TYR D 49 11.12 4.59 25.71
N VAL D 50 9.86 5.05 25.71
CA VAL D 50 9.04 5.04 24.52
C VAL D 50 9.13 6.43 23.88
N ASN D 51 9.90 6.52 22.80
CA ASN D 51 10.06 7.79 22.09
C ASN D 51 8.75 8.23 21.47
N SER D 52 8.01 7.30 20.89
CA SER D 52 6.73 7.62 20.26
C SER D 52 5.89 6.36 20.18
N PHE D 53 4.69 6.39 20.75
CA PHE D 53 3.74 5.29 20.66
C PHE D 53 3.04 5.40 19.32
N GLY D 54 3.49 4.60 18.35
CA GLY D 54 3.06 4.73 16.98
C GLY D 54 1.59 4.49 16.81
N PRO D 55 1.13 4.51 15.56
CA PRO D 55 -0.29 4.33 15.29
C PRO D 55 -0.78 2.96 15.70
N VAL D 56 -2.07 2.91 16.05
CA VAL D 56 -2.75 1.67 16.39
C VAL D 56 -3.69 1.32 15.25
N SER D 57 -3.41 0.23 14.56
CA SER D 57 -4.26 -0.24 13.47
C SER D 57 -5.28 -1.21 14.03
N ASP D 58 -6.52 -0.73 14.18
CA ASP D 58 -7.58 -1.60 14.67
C ASP D 58 -7.84 -2.75 13.72
N THR D 59 -7.80 -2.48 12.41
CA THR D 59 -8.07 -3.51 11.42
C THR D 59 -7.09 -4.66 11.55
N GLU D 60 -5.81 -4.34 11.71
CA GLU D 60 -4.76 -5.35 11.82
C GLU D 60 -4.53 -5.79 13.26
N MET D 61 -5.20 -5.18 14.23
CA MET D 61 -5.04 -5.53 15.63
C MET D 61 -3.57 -5.45 16.04
N GLU D 62 -2.88 -4.44 15.54
CA GLU D 62 -1.48 -4.22 15.83
C GLU D 62 -1.27 -2.79 16.28
N TYR D 63 -0.04 -2.50 16.69
CA TYR D 63 0.34 -1.15 17.06
C TYR D 63 1.85 -1.02 16.92
N THR D 64 2.28 0.13 16.44
CA THR D 64 3.70 0.42 16.25
C THR D 64 4.21 1.22 17.44
N ILE D 65 5.45 0.95 17.82
CA ILE D 65 6.08 1.61 18.97
C ILE D 65 7.56 1.72 18.71
N ASP D 66 8.13 2.87 19.05
CA ASP D 66 9.56 3.13 18.95
C ASP D 66 10.10 3.32 20.36
N ILE D 67 11.13 2.55 20.71
CA ILE D 67 11.64 2.52 22.07
C ILE D 67 13.16 2.56 22.06
N PHE D 68 13.71 2.94 23.20
CA PHE D 68 15.12 2.79 23.51
C PHE D 68 15.22 1.68 24.54
N PHE D 69 15.60 0.48 24.08
CA PHE D 69 15.62 -0.70 24.91
C PHE D 69 17.00 -0.85 25.53
N ALA D 70 17.06 -0.82 26.86
CA ALA D 70 18.30 -0.89 27.61
C ALA D 70 18.33 -2.17 28.44
N GLN D 71 19.44 -2.89 28.36
CA GLN D 71 19.65 -4.09 29.16
C GLN D 71 20.96 -3.93 29.91
N THR D 72 20.93 -4.27 31.20
CA THR D 72 22.10 -4.19 32.05
C THR D 72 22.33 -5.54 32.70
N TRP D 73 23.59 -5.93 32.80
CA TRP D 73 23.94 -7.18 33.46
C TRP D 73 25.37 -7.08 33.98
N LYS D 74 25.92 -8.23 34.37
CA LYS D 74 27.23 -8.31 34.99
C LYS D 74 28.07 -9.37 34.31
N ASP D 75 29.33 -9.04 34.04
CA ASP D 75 30.26 -9.99 33.42
C ASP D 75 31.63 -9.74 34.02
N GLU D 76 32.08 -10.65 34.88
CA GLU D 76 33.37 -10.48 35.53
C GLU D 76 34.54 -10.57 34.56
N ARG D 77 34.33 -11.17 33.40
CA ARG D 77 35.39 -11.28 32.40
C ARG D 77 35.81 -9.93 31.84
N LEU D 78 35.02 -8.88 32.07
CA LEU D 78 35.29 -7.57 31.51
C LEU D 78 35.82 -6.58 32.54
N ARG D 79 36.22 -7.06 33.72
CA ARG D 79 36.79 -6.18 34.72
C ARG D 79 38.08 -5.56 34.20
N PHE D 80 38.33 -4.32 34.59
CA PHE D 80 39.52 -3.62 34.16
C PHE D 80 39.86 -2.53 35.17
N LYS D 81 41.08 -2.05 35.10
CA LYS D 81 41.56 -0.96 35.94
C LYS D 81 42.16 0.12 35.05
N GLY D 82 41.79 1.36 35.31
CA GLY D 82 42.26 2.47 34.52
C GLY D 82 41.86 3.80 35.11
N PRO D 83 42.34 4.89 34.51
CA PRO D 83 41.98 6.22 35.02
C PRO D 83 40.49 6.49 35.01
N MET D 84 39.77 5.98 34.02
CA MET D 84 38.35 6.22 33.89
C MET D 84 37.56 5.08 34.53
N GLN D 85 36.38 5.43 35.04
CA GLN D 85 35.47 4.46 35.63
C GLN D 85 34.49 3.91 34.62
N ARG D 86 34.57 4.33 33.36
CA ARG D 86 33.62 3.90 32.34
C ARG D 86 34.30 3.94 30.99
N LEU D 87 33.74 3.15 30.06
CA LEU D 87 34.26 3.04 28.69
C LEU D 87 33.12 3.20 27.71
N PRO D 88 32.74 4.43 27.38
CA PRO D 88 31.74 4.63 26.33
C PRO D 88 32.20 4.02 25.02
N LEU D 89 31.27 3.39 24.31
CA LEU D 89 31.58 2.71 23.07
C LEU D 89 30.35 2.77 22.17
N ASN D 90 30.30 1.91 21.17
CA ASN D 90 29.23 1.91 20.18
C ASN D 90 29.04 0.47 19.69
N ASN D 91 28.35 0.31 18.56
CA ASN D 91 28.06 -1.01 18.03
C ASN D 91 29.32 -1.75 17.57
N LEU D 92 30.46 -1.07 17.44
CA LEU D 92 31.65 -1.71 16.94
C LEU D 92 32.05 -2.90 17.79
N LEU D 93 32.02 -2.73 19.11
CA LEU D 93 32.46 -3.77 20.04
C LEU D 93 31.33 -4.69 20.49
N ALA D 94 30.08 -4.36 20.13
CA ALA D 94 28.96 -5.14 20.64
C ALA D 94 29.01 -6.57 20.15
N SER D 95 29.35 -6.78 18.87
CA SER D 95 29.39 -8.12 18.32
C SER D 95 30.51 -8.97 18.92
N LYS D 96 31.51 -8.33 19.54
CA LYS D 96 32.68 -9.03 20.04
C LYS D 96 32.45 -9.68 21.40
N ILE D 97 31.36 -9.34 22.08
CA ILE D 97 31.09 -9.90 23.41
C ILE D 97 29.75 -10.60 23.41
N TRP D 98 29.35 -11.10 24.57
CA TRP D 98 28.10 -11.82 24.72
C TRP D 98 26.98 -10.87 25.09
N THR D 99 25.87 -10.96 24.37
CA THR D 99 24.68 -10.21 24.68
C THR D 99 23.48 -11.14 24.71
N PRO D 100 22.48 -10.85 25.54
CA PRO D 100 21.33 -11.74 25.64
C PRO D 100 20.54 -11.79 24.34
N ASP D 101 19.95 -12.95 24.08
CA ASP D 101 19.17 -13.19 22.88
C ASP D 101 17.72 -12.75 23.05
N THR D 102 17.54 -11.52 23.50
CA THR D 102 16.21 -11.03 23.80
C THR D 102 15.39 -10.84 22.53
N PHE D 103 14.12 -11.24 22.60
CA PHE D 103 13.23 -11.14 21.47
C PHE D 103 11.82 -10.88 21.99
N PHE D 104 10.96 -10.40 21.09
CA PHE D 104 9.60 -10.01 21.43
C PHE D 104 8.64 -11.07 20.92
N HIS D 105 7.94 -11.73 21.84
CA HIS D 105 7.07 -12.84 21.48
C HIS D 105 5.94 -12.39 20.58
N ASN D 106 5.34 -11.24 20.88
CA ASN D 106 4.19 -10.74 20.15
C ASN D 106 4.57 -9.76 19.05
N GLY D 107 5.85 -9.55 18.81
CA GLY D 107 6.27 -8.65 17.76
C GLY D 107 6.18 -9.27 16.38
N LYS D 108 5.20 -8.83 15.61
CA LYS D 108 5.01 -9.37 14.26
C LYS D 108 6.18 -9.00 13.36
N LYS D 109 6.67 -7.76 13.48
CA LYS D 109 7.75 -7.30 12.62
C LYS D 109 8.48 -6.18 13.34
N SER D 110 9.78 -6.35 13.55
CA SER D 110 10.60 -5.37 14.24
C SER D 110 11.83 -5.09 13.41
N PHE D 111 12.28 -3.83 13.45
CA PHE D 111 13.48 -3.44 12.74
C PHE D 111 14.20 -2.38 13.55
N ALA D 112 15.49 -2.25 13.30
CA ALA D 112 16.33 -1.28 13.96
C ALA D 112 16.58 -0.08 13.06
N HIS D 113 17.28 0.91 13.59
CA HIS D 113 17.62 2.13 12.89
C HIS D 113 19.12 2.18 12.69
N TRP D 114 19.54 2.35 11.44
CA TRP D 114 20.95 2.24 11.07
C TRP D 114 21.52 3.53 10.51
N MET D 115 20.84 4.66 10.68
CA MET D 115 21.28 5.93 10.15
C MET D 115 21.38 6.95 11.29
N THR D 116 22.44 7.74 11.31
CA THR D 116 23.59 7.70 10.39
C THR D 116 24.45 6.51 10.72
N THR D 117 24.41 6.12 11.99
CA THR D 117 25.13 4.99 12.54
C THR D 117 24.15 4.14 13.32
N PRO D 118 24.36 2.82 13.38
CA PRO D 118 23.45 2.00 14.17
C PRO D 118 23.21 2.56 15.56
N ASN D 119 21.93 2.80 15.88
CA ASN D 119 21.56 3.42 17.15
C ASN D 119 21.75 2.38 18.25
N ARG D 120 23.01 2.18 18.61
CA ARG D 120 23.39 1.25 19.67
C ARG D 120 24.44 1.91 20.55
N MET D 121 24.48 1.46 21.80
CA MET D 121 25.46 1.95 22.75
C MET D 121 25.93 0.79 23.61
N LEU D 122 27.16 0.91 24.08
CA LEU D 122 27.76 -0.13 24.90
C LEU D 122 28.69 0.55 25.90
N ARG D 123 28.42 0.38 27.18
CA ARG D 123 29.20 1.00 28.23
C ARG D 123 29.61 -0.06 29.24
N ILE D 124 30.82 0.07 29.75
CA ILE D 124 31.40 -0.91 30.65
C ILE D 124 32.05 -0.17 31.83
N TRP D 125 31.84 -0.70 33.02
CA TRP D 125 32.43 -0.16 34.24
C TRP D 125 33.54 -1.06 34.73
N ASN D 126 34.26 -0.58 35.75
CA ASN D 126 35.37 -1.34 36.29
C ASN D 126 34.92 -2.68 36.84
N ASP D 127 33.80 -2.68 37.56
CA ASP D 127 33.31 -3.89 38.20
C ASP D 127 32.84 -4.94 37.20
N GLY D 128 32.72 -4.59 35.93
CA GLY D 128 32.23 -5.50 34.92
C GLY D 128 30.79 -5.30 34.55
N ARG D 129 30.11 -4.32 35.13
CA ARG D 129 28.74 -4.04 34.76
C ARG D 129 28.68 -3.56 33.32
N VAL D 130 27.70 -4.06 32.57
CA VAL D 130 27.56 -3.80 31.16
C VAL D 130 26.20 -3.18 30.90
N LEU D 131 26.19 -2.12 30.09
CA LEU D 131 24.97 -1.47 29.66
C LEU D 131 24.88 -1.55 28.14
N TYR D 132 23.80 -2.09 27.64
CA TYR D 132 23.57 -2.24 26.20
C TYR D 132 22.24 -1.58 25.87
N THR D 133 22.30 -0.47 25.15
CA THR D 133 21.13 0.30 24.78
C THR D 133 20.91 0.18 23.28
N LEU D 134 19.67 -0.05 22.88
CA LEU D 134 19.32 -0.26 21.49
C LEU D 134 18.02 0.46 21.20
N ARG D 135 17.89 0.97 19.97
CA ARG D 135 16.69 1.63 19.51
C ARG D 135 15.95 0.72 18.55
N LEU D 136 14.64 0.59 18.76
CA LEU D 136 13.83 -0.35 18.03
C LEU D 136 12.52 0.30 17.61
N THR D 137 11.93 -0.26 16.56
CA THR D 137 10.60 0.11 16.10
C THR D 137 9.83 -1.19 15.92
N ILE D 138 8.97 -1.50 16.88
CA ILE D 138 8.26 -2.76 16.91
C ILE D 138 6.88 -2.58 16.29
N SER D 139 6.34 -3.69 15.80
CA SER D 139 4.98 -3.77 15.28
C SER D 139 4.34 -4.98 15.95
N ALA D 140 3.74 -4.76 17.11
CA ALA D 140 3.18 -5.83 17.91
C ALA D 140 1.70 -5.99 17.66
N GLU D 141 1.15 -7.11 18.15
CA GLU D 141 -0.25 -7.43 17.99
C GLU D 141 -1.00 -7.10 19.27
N CYS D 142 -2.13 -6.41 19.14
CA CYS D 142 -2.94 -5.99 20.27
C CYS D 142 -4.36 -6.49 20.05
N PRO D 143 -4.67 -7.71 20.51
CA PRO D 143 -6.06 -8.18 20.40
C PRO D 143 -7.00 -7.27 21.16
N MET D 144 -8.18 -7.07 20.59
CA MET D 144 -9.13 -6.12 21.13
C MET D 144 -10.53 -6.72 21.09
N ASP D 145 -11.33 -6.36 22.09
CA ASP D 145 -12.73 -6.76 22.18
C ASP D 145 -13.56 -5.51 21.93
N LEU D 146 -14.04 -5.37 20.70
CA LEU D 146 -14.80 -4.19 20.28
C LEU D 146 -16.29 -4.36 20.57
N GLU D 147 -16.61 -4.75 21.79
CA GLU D 147 -18.00 -4.89 22.20
C GLU D 147 -18.59 -3.57 22.67
N ASP D 148 -17.79 -2.75 23.34
CA ASP D 148 -18.20 -1.44 23.79
C ASP D 148 -17.72 -0.34 22.85
N PHE D 149 -17.26 -0.71 21.67
CA PHE D 149 -16.75 0.27 20.73
C PHE D 149 -17.84 1.29 20.39
N PRO D 150 -17.51 2.58 20.32
CA PRO D 150 -16.20 3.20 20.50
C PRO D 150 -15.87 3.57 21.95
N MET D 151 -16.72 3.23 22.91
CA MET D 151 -16.42 3.49 24.32
C MET D 151 -15.67 2.29 24.92
N ASP D 152 -14.56 1.96 24.29
CA ASP D 152 -13.79 0.77 24.61
C ASP D 152 -12.43 1.16 25.15
N GLU D 153 -12.00 0.43 26.19
CA GLU D 153 -10.66 0.58 26.76
C GLU D 153 -9.85 -0.67 26.41
N GLN D 154 -8.66 -0.44 25.88
CA GLN D 154 -7.80 -1.52 25.40
C GLN D 154 -6.50 -1.56 26.19
N ASN D 155 -5.94 -2.75 26.31
CA ASN D 155 -4.71 -3.00 27.05
C ASN D 155 -3.74 -3.69 26.10
N CYS D 156 -3.00 -2.89 25.34
CA CYS D 156 -2.06 -3.43 24.36
C CYS D 156 -0.77 -3.82 25.06
N PRO D 157 -0.36 -5.09 25.02
CA PRO D 157 0.82 -5.52 25.75
C PRO D 157 2.09 -5.50 24.89
N LEU D 158 3.21 -5.79 25.54
CA LEU D 158 4.49 -5.91 24.87
C LEU D 158 5.32 -6.90 25.65
N LYS D 159 5.53 -8.07 25.07
CA LYS D 159 6.20 -9.19 25.73
C LYS D 159 7.57 -9.40 25.14
N PHE D 160 8.54 -9.68 26.01
CA PHE D 160 9.88 -10.00 25.54
C PHE D 160 10.55 -10.92 26.55
N GLY D 161 11.56 -11.63 26.07
CA GLY D 161 12.30 -12.54 26.90
C GLY D 161 13.38 -13.21 26.09
N SER D 162 14.05 -14.17 26.72
CA SER D 162 15.11 -14.88 26.05
C SER D 162 14.55 -15.93 25.10
N TYR D 163 15.31 -16.22 24.04
CA TYR D 163 14.93 -17.22 23.07
C TYR D 163 15.61 -18.56 23.29
N ALA D 164 16.79 -18.57 23.91
CA ALA D 164 17.55 -19.78 24.07
C ALA D 164 18.01 -20.04 25.50
N TYR D 165 17.91 -19.07 26.39
CA TYR D 165 18.39 -19.24 27.76
C TYR D 165 17.22 -19.37 28.71
N PRO D 166 17.00 -20.54 29.30
CA PRO D 166 15.84 -20.70 30.19
C PRO D 166 15.97 -19.92 31.49
N ASN D 167 14.95 -20.04 32.33
CA ASN D 167 14.90 -19.32 33.60
C ASN D 167 16.03 -19.75 34.52
N SER D 168 16.59 -20.93 34.32
CA SER D 168 17.68 -21.42 35.16
C SER D 168 19.02 -20.83 34.77
N GLU D 169 19.09 -20.08 33.68
CA GLU D 169 20.33 -19.50 33.20
C GLU D 169 20.27 -17.99 33.13
N VAL D 170 19.19 -17.44 32.58
CA VAL D 170 19.03 -16.01 32.40
C VAL D 170 17.68 -15.60 32.94
N VAL D 171 17.66 -14.52 33.73
CA VAL D 171 16.44 -13.98 34.30
C VAL D 171 16.38 -12.49 34.00
N TYR D 172 15.24 -12.03 33.54
CA TYR D 172 15.00 -10.61 33.29
C TYR D 172 14.19 -10.04 34.44
N VAL D 173 14.61 -8.88 34.93
CA VAL D 173 13.90 -8.17 36.00
C VAL D 173 13.89 -6.69 35.66
N TRP D 174 12.77 -6.05 35.92
CA TRP D 174 12.72 -4.60 35.78
C TRP D 174 13.58 -3.94 36.84
N THR D 175 14.09 -2.77 36.51
CA THR D 175 14.97 -2.02 37.40
C THR D 175 14.17 -0.98 38.16
N ASN D 176 14.41 -0.89 39.47
CA ASN D 176 13.73 0.07 40.34
C ASN D 176 12.23 -0.17 40.23
N GLY D 177 11.43 0.89 40.40
CA GLY D 177 10.00 0.77 40.38
C GLY D 177 9.44 0.76 38.96
N SER D 178 8.11 0.73 38.88
CA SER D 178 7.45 0.69 37.59
C SER D 178 7.68 1.97 36.80
N THR D 179 7.63 3.11 37.49
CA THR D 179 7.78 4.40 36.79
C THR D 179 9.14 4.49 36.10
N LYS D 180 10.21 4.13 36.80
CA LYS D 180 11.53 4.17 36.21
C LYS D 180 11.75 3.05 35.21
N SER D 181 10.97 1.98 35.29
CA SER D 181 11.19 0.84 34.40
C SER D 181 10.72 1.15 32.99
N VAL D 182 9.56 1.76 32.85
CA VAL D 182 9.01 2.14 31.56
C VAL D 182 8.67 3.63 31.60
N VAL D 183 9.14 4.36 30.61
CA VAL D 183 8.92 5.80 30.52
C VAL D 183 8.42 6.13 29.13
N VAL D 184 7.49 7.08 29.05
CA VAL D 184 6.90 7.50 27.79
C VAL D 184 7.13 9.00 27.64
N ALA D 185 7.64 9.40 26.48
CA ALA D 185 7.88 10.80 26.22
C ALA D 185 6.57 11.58 26.19
N GLU D 186 6.64 12.85 26.57
CA GLU D 186 5.43 13.67 26.63
C GLU D 186 4.75 13.76 25.28
N ASP D 187 5.54 13.99 24.22
CA ASP D 187 4.97 14.08 22.88
C ASP D 187 4.73 12.71 22.26
N GLY D 188 5.31 11.65 22.81
CA GLY D 188 5.08 10.34 22.26
C GLY D 188 3.66 9.86 22.44
N SER D 189 3.05 10.17 23.58
CA SER D 189 1.69 9.74 23.89
C SER D 189 0.67 10.63 23.17
N ARG D 190 0.78 10.63 21.84
CA ARG D 190 -0.09 11.40 20.98
C ARG D 190 -0.67 10.48 19.91
N LEU D 191 -1.98 10.28 19.95
CA LEU D 191 -2.67 9.46 18.97
C LEU D 191 -3.94 10.16 18.56
N ASN D 192 -4.40 9.86 17.35
CA ASN D 192 -5.58 10.51 16.80
C ASN D 192 -6.88 9.91 17.29
N GLN D 193 -6.83 8.70 17.87
CA GLN D 193 -8.06 8.04 18.29
C GLN D 193 -7.92 7.32 19.63
N TYR D 194 -6.87 7.60 20.39
CA TYR D 194 -6.68 6.93 21.66
C TYR D 194 -5.99 7.88 22.65
N HIS D 195 -6.21 7.60 23.93
CA HIS D 195 -5.51 8.25 25.02
C HIS D 195 -4.67 7.22 25.73
N LEU D 196 -3.42 7.55 26.00
CA LEU D 196 -2.50 6.66 26.70
C LEU D 196 -2.64 6.96 28.20
N MET D 197 -3.54 6.24 28.85
CA MET D 197 -3.84 6.52 30.25
C MET D 197 -2.63 6.23 31.14
N GLY D 198 -1.94 5.13 30.89
CA GLY D 198 -0.83 4.75 31.74
C GLY D 198 -0.22 3.46 31.28
N GLN D 199 0.75 2.99 32.07
CA GLN D 199 1.49 1.79 31.75
C GLN D 199 1.66 0.95 33.01
N THR D 200 1.80 -0.36 32.81
CA THR D 200 2.08 -1.28 33.88
C THR D 200 3.03 -2.35 33.37
N VAL D 201 3.77 -2.96 34.29
CA VAL D 201 4.77 -3.96 33.96
C VAL D 201 4.56 -5.18 34.84
N GLY D 202 5.07 -6.31 34.37
CA GLY D 202 4.96 -7.53 35.12
C GLY D 202 5.89 -8.59 34.56
N THR D 203 6.02 -9.67 35.31
CA THR D 203 6.83 -10.81 34.93
C THR D 203 6.04 -12.07 35.19
N GLU D 204 6.37 -13.12 34.44
CA GLU D 204 5.74 -14.41 34.65
C GLU D 204 6.50 -15.50 33.92
N ASN D 205 6.78 -16.60 34.60
CA ASN D 205 7.42 -17.74 33.97
C ASN D 205 6.46 -18.44 33.05
N ILE D 206 7.01 -19.08 32.01
CA ILE D 206 6.25 -19.89 31.08
C ILE D 206 6.99 -21.19 30.86
N SER D 207 6.24 -22.27 30.70
CA SER D 207 6.81 -23.58 30.43
C SER D 207 6.59 -23.93 28.96
N THR D 208 7.66 -24.36 28.30
CA THR D 208 7.60 -24.73 26.89
C THR D 208 8.28 -26.09 26.71
N SER D 209 8.35 -26.52 25.45
CA SER D 209 9.02 -27.76 25.14
C SER D 209 10.52 -27.66 25.39
N THR D 210 11.10 -26.49 25.15
CA THR D 210 12.53 -26.29 25.31
C THR D 210 12.93 -25.95 26.75
N GLY D 211 11.97 -25.68 27.63
CA GLY D 211 12.26 -25.39 29.01
C GLY D 211 11.42 -24.25 29.54
N GLU D 212 11.71 -23.86 30.78
CA GLU D 212 11.00 -22.76 31.41
C GLU D 212 11.72 -21.44 31.14
N TYR D 213 10.94 -20.42 30.81
CA TYR D 213 11.46 -19.10 30.50
C TYR D 213 10.68 -18.05 31.26
N THR D 214 11.34 -16.94 31.55
CA THR D 214 10.70 -15.80 32.19
C THR D 214 10.29 -14.80 31.13
N ILE D 215 9.07 -14.27 31.27
CA ILE D 215 8.49 -13.35 30.30
C ILE D 215 8.26 -12.03 30.98
N MET D 216 8.78 -10.96 30.37
CA MET D 216 8.59 -9.60 30.85
C MET D 216 7.51 -8.95 30.00
N THR D 217 6.51 -8.39 30.66
CA THR D 217 5.35 -7.83 29.97
C THR D 217 5.16 -6.38 30.39
N ALA D 218 4.87 -5.54 29.39
CA ALA D 218 4.50 -4.15 29.61
C ALA D 218 3.15 -3.90 28.95
N HIS D 219 2.21 -3.41 29.73
CA HIS D 219 0.85 -3.16 29.26
C HIS D 219 0.61 -1.67 29.17
N PHE D 220 0.02 -1.24 28.05
CA PHE D 220 -0.35 0.15 27.84
C PHE D 220 -1.87 0.24 27.85
N HIS D 221 -2.40 1.09 28.72
CA HIS D 221 -3.85 1.25 28.85
C HIS D 221 -4.30 2.34 27.89
N LEU D 222 -5.18 1.99 26.97
CA LEU D 222 -5.67 2.90 25.96
C LEU D 222 -7.15 3.18 26.18
N LYS D 223 -7.51 4.45 26.21
CA LYS D 223 -8.89 4.90 26.31
C LYS D 223 -9.22 5.64 25.03
N ARG D 224 -10.10 5.05 24.23
CA ARG D 224 -10.43 5.65 22.95
C ARG D 224 -11.03 7.03 23.15
N LYS D 225 -10.55 8.00 22.38
CA LYS D 225 -11.03 9.37 22.46
C LYS D 225 -12.14 9.52 21.43
N ILE D 226 -13.38 9.51 21.92
CA ILE D 226 -14.52 9.69 21.05
C ILE D 226 -14.59 11.14 20.57
N GLY D 227 -15.27 11.34 19.45
CA GLY D 227 -15.40 12.65 18.88
C GLY D 227 -15.27 12.61 17.37
N TYR D 228 -14.48 11.67 16.87
CA TYR D 228 -14.44 11.45 15.43
C TYR D 228 -15.69 10.72 14.96
N PHE D 229 -16.15 9.74 15.74
CA PHE D 229 -17.33 8.99 15.36
C PHE D 229 -18.60 9.79 15.60
N VAL D 230 -18.57 10.72 16.55
CA VAL D 230 -19.70 11.62 16.75
C VAL D 230 -19.93 12.47 15.51
N ILE D 231 -18.85 13.00 14.94
CA ILE D 231 -18.95 13.83 13.75
C ILE D 231 -19.15 12.98 12.50
N GLN D 232 -18.82 11.70 12.55
CA GLN D 232 -18.83 10.83 11.39
C GLN D 232 -20.09 9.98 11.29
N THR D 233 -20.56 9.41 12.40
CA THR D 233 -21.67 8.47 12.39
C THR D 233 -22.85 8.95 13.21
N TYR D 234 -22.63 9.30 14.48
CA TYR D 234 -23.76 9.57 15.37
C TYR D 234 -24.58 10.75 14.88
N LEU D 235 -23.93 11.87 14.61
CA LEU D 235 -24.67 13.06 14.19
C LEU D 235 -25.44 12.84 12.89
N PRO D 236 -24.83 12.33 11.83
CA PRO D 236 -25.63 12.03 10.63
C PRO D 236 -26.79 11.11 10.91
N CYS D 237 -26.59 10.11 11.77
CA CYS D 237 -27.69 9.25 12.16
C CYS D 237 -28.74 10.02 12.93
N ILE D 238 -28.32 10.89 13.84
CA ILE D 238 -29.27 11.63 14.67
C ILE D 238 -30.07 12.60 13.81
N MET D 239 -29.39 13.39 12.98
CA MET D 239 -30.09 14.37 12.16
C MET D 239 -30.99 13.70 11.13
N THR D 240 -30.59 12.53 10.65
CA THR D 240 -31.43 11.79 9.72
C THR D 240 -32.75 11.39 10.37
N VAL D 241 -32.70 10.97 11.63
CA VAL D 241 -33.92 10.63 12.35
C VAL D 241 -34.82 11.85 12.47
N ILE D 242 -34.25 12.99 12.85
CA ILE D 242 -35.02 14.21 12.98
C ILE D 242 -35.65 14.58 11.66
N LEU D 243 -34.92 14.37 10.56
CA LEU D 243 -35.47 14.64 9.24
C LEU D 243 -36.71 13.81 8.98
N SER D 244 -36.68 12.54 9.36
CA SER D 244 -37.83 11.68 9.12
C SER D 244 -39.05 12.16 9.89
N GLN D 245 -38.85 12.60 11.13
CA GLN D 245 -39.97 13.04 11.96
C GLN D 245 -40.68 14.25 11.37
N VAL D 246 -40.02 15.00 10.49
CA VAL D 246 -40.66 16.14 9.84
C VAL D 246 -41.85 15.69 9.03
N SER D 247 -41.84 14.45 8.54
CA SER D 247 -42.95 13.96 7.73
C SER D 247 -44.25 13.97 8.50
N PHE D 248 -44.17 13.87 9.83
CA PHE D 248 -45.38 13.86 10.65
C PHE D 248 -46.08 15.21 10.65
N TRP D 249 -45.39 16.27 10.28
CA TRP D 249 -45.95 17.61 10.25
C TRP D 249 -46.56 17.97 8.92
N LEU D 250 -46.56 17.05 7.96
CA LEU D 250 -47.18 17.24 6.67
C LEU D 250 -48.55 16.58 6.63
N ASN D 251 -49.39 17.06 5.72
CA ASN D 251 -50.73 16.51 5.58
C ASN D 251 -50.67 15.12 4.96
N ARG D 252 -51.68 14.31 5.28
CA ARG D 252 -51.70 12.94 4.79
C ARG D 252 -51.85 12.90 3.28
N GLU D 253 -52.64 13.80 2.71
CA GLU D 253 -52.87 13.79 1.27
C GLU D 253 -51.60 14.00 0.48
N SER D 254 -50.55 14.56 1.09
CA SER D 254 -49.28 14.75 0.42
C SER D 254 -48.49 13.43 0.44
N VAL D 255 -49.04 12.47 -0.29
CA VAL D 255 -48.48 11.11 -0.29
C VAL D 255 -47.07 11.11 -0.85
N ALA D 256 -46.87 11.79 -1.97
CA ALA D 256 -45.55 11.81 -2.60
C ALA D 256 -44.51 12.46 -1.69
N ALA D 257 -44.88 13.57 -1.06
CA ALA D 257 -43.94 14.28 -0.22
C ALA D 257 -43.47 13.43 0.95
N ARG D 258 -44.42 12.87 1.71
CA ARG D 258 -44.06 12.08 2.86
C ARG D 258 -43.31 10.81 2.47
N THR D 259 -43.58 10.30 1.27
CA THR D 259 -42.87 9.12 0.80
C THR D 259 -41.38 9.42 0.62
N VAL D 260 -41.06 10.60 0.08
CA VAL D 260 -39.66 10.96 -0.12
C VAL D 260 -38.92 11.01 1.21
N PHE D 261 -39.52 11.62 2.23
CA PHE D 261 -38.90 11.65 3.54
C PHE D 261 -38.56 10.26 4.02
N GLY D 262 -39.55 9.36 4.01
CA GLY D 262 -39.33 8.03 4.55
C GLY D 262 -38.33 7.22 3.74
N VAL D 263 -38.47 7.25 2.41
CA VAL D 263 -37.61 6.43 1.58
C VAL D 263 -36.18 6.91 1.64
N THR D 264 -35.96 8.21 1.45
CA THR D 264 -34.60 8.74 1.44
C THR D 264 -33.91 8.50 2.77
N THR D 265 -34.62 8.73 3.87
CA THR D 265 -34.03 8.56 5.19
C THR D 265 -33.62 7.12 5.43
N VAL D 266 -34.46 6.17 5.04
CA VAL D 266 -34.16 4.76 5.24
C VAL D 266 -32.89 4.39 4.50
N LEU D 267 -32.80 4.80 3.24
CA LEU D 267 -31.60 4.51 2.45
C LEU D 267 -30.39 5.22 3.02
N THR D 268 -30.56 6.46 3.50
CA THR D 268 -29.46 7.20 4.07
C THR D 268 -28.89 6.47 5.28
N MET D 269 -29.75 5.96 6.15
CA MET D 269 -29.28 5.19 7.29
C MET D 269 -28.58 3.92 6.82
N THR D 270 -29.09 3.30 5.76
CA THR D 270 -28.49 2.07 5.26
C THR D 270 -27.05 2.30 4.82
N THR D 271 -26.81 3.35 4.03
CA THR D 271 -25.47 3.63 3.56
C THR D 271 -24.54 4.04 4.69
N LEU D 272 -25.07 4.73 5.71
CA LEU D 272 -24.26 5.09 6.86
C LEU D 272 -23.71 3.85 7.57
N SER D 273 -24.54 2.82 7.69
CA SER D 273 -24.07 1.58 8.27
C SER D 273 -22.90 1.01 7.48
N ILE D 274 -23.00 1.04 6.15
CA ILE D 274 -21.91 0.54 5.31
C ILE D 274 -20.68 1.42 5.45
N SER D 275 -20.87 2.74 5.33
CA SER D 275 -19.75 3.65 5.40
C SER D 275 -19.07 3.59 6.76
N ALA D 276 -19.87 3.47 7.83
CA ALA D 276 -19.31 3.50 9.18
C ALA D 276 -18.33 2.35 9.40
N ARG D 277 -18.66 1.17 8.90
CA ARG D 277 -17.86 -0.02 9.15
C ARG D 277 -16.72 -0.18 8.14
N ASN D 278 -16.59 0.74 7.18
CA ASN D 278 -15.48 0.65 6.24
C ASN D 278 -14.14 0.74 6.94
N SER D 279 -13.99 1.70 7.85
CA SER D 279 -12.78 1.80 8.64
C SER D 279 -12.73 0.77 9.75
N LEU D 280 -13.88 0.43 10.31
CA LEU D 280 -13.92 -0.51 11.42
C LEU D 280 -13.46 -1.89 10.96
N PRO D 281 -12.82 -2.66 11.84
CA PRO D 281 -12.43 -4.02 11.46
C PRO D 281 -13.65 -4.90 11.22
N LYS D 282 -13.46 -5.93 10.40
CA LYS D 282 -14.53 -6.82 10.00
C LYS D 282 -14.74 -7.87 11.08
N VAL D 283 -15.20 -7.40 12.24
CA VAL D 283 -15.49 -8.27 13.36
C VAL D 283 -16.88 -8.89 13.20
N ALA D 284 -17.00 -10.15 13.61
CA ALA D 284 -18.25 -10.89 13.44
C ALA D 284 -19.13 -10.78 14.66
N TYR D 285 -19.34 -9.55 15.14
CA TYR D 285 -20.27 -9.31 16.23
C TYR D 285 -20.63 -7.83 16.24
N ALA D 286 -21.71 -7.53 16.95
CA ALA D 286 -22.27 -6.18 16.95
C ALA D 286 -21.63 -5.33 18.02
N THR D 287 -21.31 -4.10 17.66
CA THR D 287 -20.75 -3.12 18.58
C THR D 287 -21.85 -2.20 19.10
N ALA D 288 -21.47 -1.34 20.04
CA ALA D 288 -22.42 -0.38 20.57
C ALA D 288 -22.88 0.59 19.49
N MET D 289 -21.98 0.98 18.61
CA MET D 289 -22.35 1.88 17.51
C MET D 289 -23.35 1.20 16.59
N ASP D 290 -23.18 -0.10 16.35
CA ASP D 290 -24.11 -0.82 15.50
C ASP D 290 -25.51 -0.81 16.09
N TRP D 291 -25.62 -0.99 17.41
CA TRP D 291 -26.92 -0.93 18.05
C TRP D 291 -27.55 0.45 17.88
N PHE D 292 -26.76 1.50 18.02
CA PHE D 292 -27.27 2.84 17.83
C PHE D 292 -27.81 3.03 16.42
N ILE D 293 -27.08 2.53 15.43
CA ILE D 293 -27.53 2.63 14.05
C ILE D 293 -28.83 1.85 13.87
N ALA D 294 -28.89 0.64 14.43
CA ALA D 294 -30.08 -0.19 14.26
C ALA D 294 -31.31 0.50 14.82
N VAL D 295 -31.18 1.11 15.99
CA VAL D 295 -32.30 1.85 16.56
C VAL D 295 -32.67 3.02 15.66
N CYS D 296 -31.68 3.77 15.19
CA CYS D 296 -31.97 4.88 14.29
C CYS D 296 -32.66 4.38 13.03
N TYR D 297 -32.26 3.22 12.54
CA TYR D 297 -32.93 2.62 11.39
C TYR D 297 -34.38 2.29 11.72
N ALA D 298 -34.62 1.82 12.94
CA ALA D 298 -35.98 1.47 13.33
C ALA D 298 -36.87 2.71 13.38
N PHE D 299 -36.34 3.82 13.90
CA PHE D 299 -37.13 5.04 14.00
C PHE D 299 -37.55 5.53 12.62
N VAL D 300 -36.59 5.64 11.70
CA VAL D 300 -36.90 6.11 10.36
C VAL D 300 -37.84 5.13 9.67
N PHE D 301 -37.56 3.84 9.80
CA PHE D 301 -38.43 2.83 9.21
C PHE D 301 -39.81 2.86 9.85
N SER D 302 -39.87 3.04 11.17
CA SER D 302 -41.14 3.10 11.86
C SER D 302 -41.96 4.29 11.40
N ALA D 303 -41.31 5.42 11.17
CA ALA D 303 -42.02 6.60 10.69
C ALA D 303 -42.70 6.32 9.36
N LEU D 304 -41.99 5.62 8.46
CA LEU D 304 -42.58 5.28 7.16
C LEU D 304 -43.80 4.40 7.33
N LEU D 305 -43.73 3.43 8.24
CA LEU D 305 -44.87 2.56 8.48
C LEU D 305 -46.06 3.34 8.97
N GLU D 306 -45.83 4.32 9.84
CA GLU D 306 -46.93 5.16 10.33
C GLU D 306 -47.64 5.84 9.18
N PHE D 307 -46.87 6.42 8.25
CA PHE D 307 -47.48 7.05 7.09
C PHE D 307 -48.25 6.05 6.26
N ALA D 308 -47.67 4.87 6.02
CA ALA D 308 -48.36 3.85 5.25
C ALA D 308 -49.63 3.39 5.96
N PHE D 309 -49.54 3.16 7.26
CA PHE D 309 -50.72 2.78 8.02
C PHE D 309 -51.76 3.89 8.01
N VAL D 310 -51.32 5.13 8.16
CA VAL D 310 -52.23 6.26 8.14
C VAL D 310 -52.91 6.37 6.78
N ASN D 311 -52.12 6.29 5.70
CA ASN D 311 -52.68 6.42 4.37
C ASN D 311 -53.61 5.28 4.02
N TYR D 312 -53.53 4.16 4.74
CA TYR D 312 -54.36 3.00 4.47
C TYR D 312 -55.72 3.09 5.13
N ILE D 313 -55.92 4.01 6.06
CA ILE D 313 -57.17 4.13 6.79
C ILE D 313 -57.63 5.57 6.80
N THR D 314 -56.99 6.42 5.99
CA THR D 314 -57.37 7.82 5.95
C THR D 314 -58.76 8.02 5.38
N LYS D 315 -59.34 7.01 4.74
CA LYS D 315 -60.69 7.07 4.20
C LYS D 315 -61.71 6.42 5.13
N SER D 316 -61.45 5.18 5.55
CA SER D 316 -62.42 4.46 6.37
C SER D 316 -62.66 5.18 7.69
N GLN D 317 -61.60 5.49 8.42
CA GLN D 317 -61.68 6.15 9.72
C GLN D 317 -60.67 7.29 9.77
N PRO D 318 -60.99 8.41 9.12
CA PRO D 318 -60.06 9.55 9.13
C PRO D 318 -59.76 10.07 10.52
N ALA D 319 -60.72 9.99 11.44
CA ALA D 319 -60.53 10.60 12.76
C ALA D 319 -59.34 9.98 13.48
N ARG D 320 -59.23 8.66 13.44
CA ARG D 320 -58.11 8.00 14.13
C ARG D 320 -56.79 8.33 13.46
N ALA D 321 -56.79 8.50 12.13
CA ALA D 321 -55.56 8.78 11.42
C ALA D 321 -54.94 10.09 11.91
N ALA D 322 -55.77 11.12 12.10
CA ALA D 322 -55.26 12.39 12.58
C ALA D 322 -54.66 12.26 13.97
N LYS D 323 -55.31 11.50 14.84
CA LYS D 323 -54.80 11.31 16.19
C LYS D 323 -53.42 10.65 16.16
N ILE D 324 -53.27 9.61 15.34
CA ILE D 324 -52.01 8.90 15.25
C ILE D 324 -50.92 9.82 14.72
N ASP D 325 -51.23 10.56 13.65
CA ASP D 325 -50.25 11.49 13.09
C ASP D 325 -49.92 12.59 14.08
N LYS D 326 -50.94 13.14 14.75
CA LYS D 326 -50.69 14.18 15.74
C LYS D 326 -49.93 13.62 16.94
N MET D 327 -50.32 12.44 17.41
CA MET D 327 -49.64 11.83 18.55
C MET D 327 -48.19 11.52 18.22
N SER D 328 -47.94 11.01 17.02
CA SER D 328 -46.58 10.64 16.63
C SER D 328 -45.63 11.83 16.67
N ARG D 329 -46.17 13.05 16.52
CA ARG D 329 -45.31 14.23 16.58
C ARG D 329 -44.66 14.39 17.93
N ILE D 330 -45.18 13.74 18.96
CA ILE D 330 -44.67 13.85 20.31
C ILE D 330 -43.95 12.58 20.74
N VAL D 331 -44.50 11.41 20.39
CA VAL D 331 -43.94 10.15 20.86
C VAL D 331 -42.54 9.94 20.30
N PHE D 332 -42.40 10.06 18.99
CA PHE D 332 -41.12 9.74 18.35
C PHE D 332 -39.98 10.60 18.88
N PRO D 333 -40.09 11.92 18.94
CA PRO D 333 -38.99 12.72 19.49
C PRO D 333 -38.65 12.34 20.93
N ILE D 334 -39.67 12.04 21.73
CA ILE D 334 -39.45 11.72 23.13
C ILE D 334 -38.68 10.42 23.27
N LEU D 335 -39.10 9.38 22.54
CA LEU D 335 -38.43 8.09 22.64
C LEU D 335 -36.99 8.17 22.18
N PHE D 336 -36.74 8.87 21.08
CA PHE D 336 -35.38 8.99 20.59
C PHE D 336 -34.51 9.72 21.59
N GLY D 337 -35.01 10.81 22.18
CA GLY D 337 -34.28 11.49 23.22
C GLY D 337 -34.08 10.62 24.44
N THR D 338 -35.11 9.86 24.82
CA THR D 338 -34.98 8.95 25.95
C THR D 338 -33.93 7.88 25.67
N PHE D 339 -33.92 7.34 24.45
CA PHE D 339 -32.97 6.29 24.12
C PHE D 339 -31.54 6.81 24.22
N ASN D 340 -31.30 8.04 23.75
CA ASN D 340 -29.94 8.57 23.77
C ASN D 340 -29.41 8.65 25.20
N LEU D 341 -30.24 9.11 26.13
CA LEU D 341 -29.80 9.18 27.53
C LEU D 341 -29.41 7.80 28.03
N VAL D 342 -30.23 6.79 27.75
CA VAL D 342 -29.92 5.44 28.17
C VAL D 342 -28.65 4.96 27.50
N TYR D 343 -28.53 5.20 26.20
CA TYR D 343 -27.36 4.72 25.46
C TYR D 343 -26.09 5.40 25.95
N TRP D 344 -26.08 6.73 26.00
CA TRP D 344 -24.88 7.44 26.40
C TRP D 344 -24.54 7.17 27.86
N ALA D 345 -25.54 7.22 28.74
CA ALA D 345 -25.29 6.97 30.15
C ALA D 345 -24.78 5.56 30.37
N THR D 346 -25.35 4.59 29.65
CA THR D 346 -24.95 3.19 29.83
C THR D 346 -23.49 2.98 29.49
N TYR D 347 -23.04 3.54 28.36
CA TYR D 347 -21.68 3.30 27.89
C TYR D 347 -20.68 4.33 28.42
N LEU D 348 -21.14 5.39 29.09
CA LEU D 348 -20.26 6.38 29.69
C LEU D 348 -20.17 6.24 31.19
N ASN D 349 -20.67 5.15 31.75
CA ASN D 349 -20.63 4.93 33.20
C ASN D 349 -20.32 3.48 33.52
N ASN E 14 54.66 8.35 -9.27
CA ASN E 14 54.39 9.63 -8.63
C ASN E 14 53.14 9.53 -7.75
N ILE E 15 52.13 8.82 -8.27
CA ILE E 15 50.90 8.64 -7.52
C ILE E 15 51.12 7.85 -6.23
N THR E 16 52.18 7.06 -6.16
CA THR E 16 52.41 6.22 -4.99
C THR E 16 52.58 7.06 -3.72
N ILE E 17 52.90 8.34 -3.86
CA ILE E 17 53.02 9.20 -2.69
C ILE E 17 51.71 9.21 -1.91
N PHE E 18 50.59 9.34 -2.62
CA PHE E 18 49.29 9.38 -1.94
C PHE E 18 49.02 8.09 -1.20
N THR E 19 49.37 6.96 -1.80
CA THR E 19 49.08 5.67 -1.18
C THR E 19 49.77 5.54 0.17
N ARG E 20 51.04 5.96 0.23
CA ARG E 20 51.78 5.85 1.48
C ARG E 20 51.14 6.69 2.58
N ILE E 21 50.68 7.89 2.23
CA ILE E 21 50.07 8.77 3.22
C ILE E 21 48.83 8.11 3.83
N LEU E 22 47.99 7.53 2.98
CA LEU E 22 46.78 6.88 3.47
C LEU E 22 47.13 5.73 4.42
N ASP E 23 48.11 4.92 4.04
CA ASP E 23 48.54 3.84 4.93
C ASP E 23 49.10 4.39 6.22
N GLY E 24 49.87 5.48 6.13
CA GLY E 24 50.45 6.05 7.34
C GLY E 24 49.41 6.54 8.31
N LEU E 25 48.33 7.13 7.81
CA LEU E 25 47.31 7.68 8.69
C LEU E 25 46.67 6.59 9.54
N LEU E 26 46.33 5.46 8.93
CA LEU E 26 45.71 4.37 9.66
C LEU E 26 46.67 3.67 10.61
N ASP E 27 47.96 3.95 10.51
CA ASP E 27 48.94 3.33 11.39
C ASP E 27 48.72 3.83 12.82
N GLY E 28 48.49 2.90 13.74
CA GLY E 28 48.27 3.28 15.12
C GLY E 28 47.06 4.16 15.31
N TYR E 29 46.00 3.93 14.53
CA TYR E 29 44.77 4.70 14.63
C TYR E 29 43.67 3.78 15.14
N ASP E 30 43.04 4.18 16.25
CA ASP E 30 41.96 3.42 16.85
C ASP E 30 40.64 4.10 16.49
N ASN E 31 39.85 3.41 15.66
CA ASN E 31 38.57 3.95 15.22
C ASN E 31 37.53 3.97 16.33
N ARG E 32 37.82 3.35 17.47
CA ARG E 32 36.88 3.26 18.57
C ARG E 32 37.01 4.39 19.57
N LEU E 33 37.92 5.33 19.34
CA LEU E 33 38.20 6.41 20.28
C LEU E 33 37.99 7.75 19.58
N ARG E 34 37.25 8.63 20.23
CA ARG E 34 37.02 9.95 19.68
C ARG E 34 38.29 10.79 19.79
N PRO E 35 38.49 11.73 18.87
CA PRO E 35 39.62 12.65 19.00
C PRO E 35 39.47 13.54 20.22
N GLY E 36 40.61 13.92 20.78
CA GLY E 36 40.60 14.76 21.97
C GLY E 36 40.19 14.03 23.23
N LEU E 37 40.12 12.71 23.20
CA LEU E 37 39.68 11.96 24.37
C LEU E 37 40.61 12.21 25.54
N GLY E 38 40.03 12.52 26.69
CA GLY E 38 40.82 12.83 27.87
C GLY E 38 41.64 14.09 27.75
N GLU E 39 41.40 14.90 26.72
CA GLU E 39 42.18 16.11 26.50
C GLU E 39 41.28 17.32 26.33
N ARG E 40 40.13 17.12 25.71
CA ARG E 40 39.22 18.22 25.39
C ARG E 40 37.86 17.62 25.03
N ILE E 41 36.97 18.48 24.54
CA ILE E 41 35.63 18.08 24.13
C ILE E 41 35.57 18.12 22.61
N THR E 42 35.13 17.02 22.01
CA THR E 42 34.99 16.97 20.56
C THR E 42 33.86 17.89 20.13
N GLN E 43 34.14 18.72 19.13
CA GLN E 43 33.19 19.71 18.64
C GLN E 43 32.88 19.42 17.18
N VAL E 44 31.59 19.33 16.86
CA VAL E 44 31.12 18.94 15.55
C VAL E 44 30.30 20.07 14.97
N ARG E 45 30.64 20.49 13.75
CA ARG E 45 29.92 21.52 13.04
C ARG E 45 29.04 20.88 11.98
N THR E 46 27.75 21.20 12.02
CA THR E 46 26.76 20.56 11.17
C THR E 46 26.14 21.58 10.23
N ASP E 47 26.03 21.20 8.97
CA ASP E 47 25.30 21.97 7.98
C ASP E 47 24.42 21.01 7.19
N MET E 48 23.32 21.53 6.67
CA MET E 48 22.32 20.71 5.99
C MET E 48 21.89 21.39 4.71
N TYR E 49 21.64 20.58 3.69
CA TYR E 49 21.07 21.04 2.43
C TYR E 49 19.89 20.13 2.08
N VAL E 50 18.72 20.73 1.89
CA VAL E 50 17.50 19.98 1.66
C VAL E 50 17.29 19.91 0.14
N ASN E 51 17.58 18.74 -0.42
CA ASN E 51 17.39 18.55 -1.86
C ASN E 51 15.92 18.62 -2.23
N SER E 52 15.06 18.03 -1.42
CA SER E 52 13.62 18.04 -1.69
C SER E 52 12.88 17.79 -0.39
N PHE E 53 11.99 18.70 -0.04
CA PHE E 53 11.13 18.54 1.14
C PHE E 53 9.96 17.66 0.73
N GLY E 54 10.05 16.38 1.07
CA GLY E 54 9.11 15.39 0.59
C GLY E 54 7.70 15.65 1.03
N PRO E 55 6.80 14.73 0.68
CA PRO E 55 5.39 14.91 1.01
C PRO E 55 5.15 14.94 2.51
N VAL E 56 4.11 15.66 2.91
CA VAL E 56 3.67 15.72 4.29
C VAL E 56 2.39 14.93 4.40
N SER E 57 2.42 13.84 5.15
CA SER E 57 1.25 13.00 5.38
C SER E 57 0.56 13.48 6.65
N ASP E 58 -0.54 14.20 6.48
CA ASP E 58 -1.29 14.68 7.65
C ASP E 58 -1.84 13.51 8.44
N THR E 59 -2.33 12.47 7.76
CA THR E 59 -2.91 11.33 8.46
C THR E 59 -1.90 10.67 9.38
N GLU E 60 -0.68 10.49 8.90
CA GLU E 60 0.39 9.87 9.68
C GLU E 60 1.17 10.86 10.51
N MET E 61 0.90 12.15 10.38
CA MET E 61 1.60 13.19 11.14
C MET E 61 3.11 13.07 10.94
N GLU E 62 3.51 12.77 9.70
CA GLU E 62 4.90 12.63 9.34
C GLU E 62 5.20 13.47 8.12
N TYR E 63 6.47 13.52 7.76
CA TYR E 63 6.91 14.21 6.56
C TYR E 63 8.24 13.62 6.12
N THR E 64 8.40 13.47 4.82
CA THR E 64 9.62 12.95 4.23
C THR E 64 10.51 14.09 3.79
N ILE E 65 11.82 13.90 3.93
CA ILE E 65 12.79 14.91 3.58
C ILE E 65 14.07 14.24 3.12
N ASP E 66 14.67 14.76 2.06
CA ASP E 66 15.94 14.28 1.54
C ASP E 66 16.97 15.38 1.72
N ILE E 67 18.09 15.06 2.36
CA ILE E 67 19.08 16.04 2.73
C ILE E 67 20.48 15.54 2.43
N PHE E 68 21.40 16.47 2.34
CA PHE E 68 22.84 16.20 2.32
C PHE E 68 23.37 16.64 3.67
N PHE E 69 23.60 15.67 4.55
CA PHE E 69 23.99 15.95 5.92
C PHE E 69 25.51 15.96 6.01
N ALA E 70 26.07 17.10 6.41
CA ALA E 70 27.51 17.29 6.49
C ALA E 70 27.91 17.54 7.94
N GLN E 71 28.94 16.83 8.39
CA GLN E 71 29.49 16.99 9.71
C GLN E 71 30.99 17.26 9.59
N THR E 72 31.47 18.26 10.31
CA THR E 72 32.87 18.63 10.30
C THR E 72 33.40 18.61 11.73
N TRP E 73 34.62 18.13 11.90
CA TRP E 73 35.25 18.11 13.21
C TRP E 73 36.76 18.10 13.03
N LYS E 74 37.47 17.83 14.12
CA LYS E 74 38.92 17.90 14.15
C LYS E 74 39.47 16.63 14.77
N ASP E 75 40.52 16.09 14.16
CA ASP E 75 41.18 14.89 14.66
C ASP E 75 42.67 15.02 14.36
N GLU E 76 43.46 15.27 15.40
CA GLU E 76 44.89 15.47 15.24
C GLU E 76 45.60 14.20 14.79
N ARG E 77 44.98 13.03 15.00
CA ARG E 77 45.59 11.78 14.59
C ARG E 77 45.70 11.64 13.08
N LEU E 78 45.01 12.49 12.32
CA LEU E 78 44.98 12.42 10.87
C LEU E 78 45.82 13.49 10.20
N ARG E 79 46.66 14.19 10.95
CA ARG E 79 47.53 15.18 10.35
C ARG E 79 48.50 14.52 9.38
N PHE E 80 48.82 15.24 8.31
CA PHE E 80 49.72 14.72 7.30
C PHE E 80 50.36 15.88 6.57
N LYS E 81 51.45 15.58 5.87
CA LYS E 81 52.16 16.55 5.04
C LYS E 81 52.32 15.97 3.65
N GLY E 82 52.02 16.79 2.64
CA GLY E 82 52.11 16.35 1.27
C GLY E 82 51.90 17.49 0.30
N PRO E 83 52.06 17.21 -1.00
CA PRO E 83 51.87 18.27 -2.00
C PRO E 83 50.48 18.87 -1.98
N MET E 84 49.45 18.07 -1.70
CA MET E 84 48.08 18.52 -1.70
C MET E 84 47.65 18.93 -0.30
N GLN E 85 46.75 19.90 -0.24
CA GLN E 85 46.18 20.36 1.02
C GLN E 85 44.90 19.61 1.38
N ARG E 86 44.48 18.65 0.57
CA ARG E 86 43.23 17.95 0.80
C ARG E 86 43.33 16.55 0.21
N LEU E 87 42.51 15.65 0.73
CA LEU E 87 42.47 14.26 0.30
C LEU E 87 41.02 13.85 0.04
N PRO E 88 40.50 14.15 -1.14
CA PRO E 88 39.15 13.65 -1.49
C PRO E 88 39.11 12.14 -1.44
N LEU E 89 38.01 11.61 -0.91
CA LEU E 89 37.85 10.17 -0.74
C LEU E 89 36.37 9.85 -0.87
N ASN E 90 35.98 8.67 -0.38
CA ASN E 90 34.62 8.19 -0.51
C ASN E 90 34.32 7.30 0.70
N ASN E 91 33.26 6.50 0.61
CA ASN E 91 32.84 5.64 1.72
C ASN E 91 33.86 4.55 2.03
N LEU E 92 34.83 4.31 1.14
CA LEU E 92 35.77 3.21 1.36
C LEU E 92 36.52 3.38 2.67
N LEU E 93 36.99 4.59 2.94
CA LEU E 93 37.80 4.86 4.13
C LEU E 93 36.97 5.29 5.33
N ALA E 94 35.67 5.53 5.14
CA ALA E 94 34.85 6.07 6.22
C ALA E 94 34.78 5.10 7.40
N SER E 95 34.62 3.80 7.11
CA SER E 95 34.51 2.81 8.17
C SER E 95 35.82 2.64 8.94
N LYS E 96 36.94 3.07 8.37
CA LYS E 96 38.24 2.84 8.98
C LYS E 96 38.58 3.86 10.06
N ILE E 97 37.82 4.94 10.17
CA ILE E 97 38.11 5.97 11.16
C ILE E 97 36.90 6.17 12.06
N TRP E 98 37.00 7.13 12.97
CA TRP E 98 35.94 7.41 13.91
C TRP E 98 35.01 8.48 13.36
N THR E 99 33.71 8.20 13.41
CA THR E 99 32.70 9.16 13.03
C THR E 99 31.64 9.24 14.12
N PRO E 100 31.03 10.40 14.30
CA PRO E 100 30.05 10.55 15.37
C PRO E 100 28.82 9.68 15.13
N ASP E 101 28.22 9.23 16.24
CA ASP E 101 27.06 8.36 16.21
C ASP E 101 25.77 9.17 16.12
N THR E 102 25.72 10.08 15.16
CA THR E 102 24.59 10.97 15.03
C THR E 102 23.34 10.22 14.60
N PHE E 103 22.21 10.57 15.22
CA PHE E 103 20.95 9.93 14.92
C PHE E 103 19.84 10.95 15.10
N PHE E 104 18.68 10.65 14.53
CA PHE E 104 17.54 11.55 14.53
C PHE E 104 16.49 11.04 15.52
N HIS E 105 16.24 11.84 16.55
CA HIS E 105 15.35 11.40 17.62
C HIS E 105 13.94 11.18 17.11
N ASN E 106 13.45 12.07 16.27
CA ASN E 106 12.08 12.02 15.77
C ASN E 106 11.96 11.30 14.43
N GLY E 107 13.04 10.73 13.93
CA GLY E 107 12.99 10.01 12.67
C GLY E 107 12.41 8.62 12.81
N LYS E 108 11.18 8.45 12.33
CA LYS E 108 10.52 7.15 12.43
C LYS E 108 11.24 6.12 11.57
N LYS E 109 11.67 6.50 10.38
CA LYS E 109 12.32 5.57 9.48
C LYS E 109 13.22 6.36 8.54
N SER E 110 14.50 6.03 8.53
CA SER E 110 15.48 6.71 7.70
C SER E 110 16.29 5.68 6.94
N PHE E 111 16.66 6.03 5.72
CA PHE E 111 17.48 5.14 4.89
C PHE E 111 18.40 5.99 4.04
N ALA E 112 19.49 5.38 3.60
CA ALA E 112 20.47 6.03 2.77
C ALA E 112 20.30 5.61 1.31
N HIS E 113 21.11 6.20 0.45
CA HIS E 113 21.10 5.92 -0.97
C HIS E 113 22.41 5.26 -1.36
N TRP E 114 22.30 4.11 -2.00
CA TRP E 114 23.47 3.27 -2.28
C TRP E 114 23.72 3.06 -3.76
N MET E 115 23.10 3.85 -4.62
CA MET E 115 23.25 3.72 -6.06
C MET E 115 23.73 5.04 -6.65
N THR E 116 24.68 4.99 -7.58
CA THR E 116 25.38 3.79 -8.04
C THR E 116 26.37 3.34 -6.98
N THR E 117 26.83 4.31 -6.21
CA THR E 117 27.76 4.12 -5.11
C THR E 117 27.19 4.82 -3.89
N PRO E 118 27.47 4.30 -2.68
CA PRO E 118 26.97 5.00 -1.49
C PRO E 118 27.25 6.48 -1.52
N ASN E 119 26.19 7.29 -1.41
CA ASN E 119 26.30 8.74 -1.50
C ASN E 119 26.95 9.25 -0.21
N ARG E 120 28.26 9.05 -0.13
CA ARG E 120 29.06 9.49 1.00
C ARG E 120 30.33 10.14 0.48
N MET E 121 30.87 11.05 1.29
CA MET E 121 32.12 11.70 0.98
C MET E 121 32.93 11.86 2.25
N LEU E 122 34.25 11.90 2.08
CA LEU E 122 35.17 12.02 3.19
C LEU E 122 36.37 12.80 2.71
N ARG E 123 36.62 13.95 3.34
CA ARG E 123 37.71 14.82 2.96
C ARG E 123 38.52 15.17 4.19
N ILE E 124 39.83 15.24 4.02
CA ILE E 124 40.76 15.46 5.12
C ILE E 124 41.76 16.52 4.70
N TRP E 125 42.07 17.43 5.61
CA TRP E 125 43.05 18.48 5.41
C TRP E 125 44.30 18.20 6.20
N ASN E 126 45.33 19.01 5.95
CA ASN E 126 46.60 18.82 6.62
C ASN E 126 46.46 18.96 8.14
N ASP E 127 45.71 19.96 8.58
CA ASP E 127 45.55 20.23 10.00
C ASP E 127 44.79 19.14 10.73
N GLY E 128 44.17 18.21 10.01
CA GLY E 128 43.38 17.17 10.62
C GLY E 128 41.89 17.40 10.57
N ARG E 129 41.44 18.51 9.98
CA ARG E 129 40.01 18.75 9.85
C ARG E 129 39.40 17.71 8.94
N VAL E 130 38.23 17.21 9.35
CA VAL E 130 37.54 16.13 8.66
C VAL E 130 36.16 16.61 8.25
N LEU E 131 35.79 16.30 7.01
CA LEU E 131 34.47 16.58 6.49
C LEU E 131 33.82 15.28 6.08
N TYR E 132 32.63 15.01 6.63
CA TYR E 132 31.89 13.79 6.33
C TYR E 132 30.51 14.20 5.85
N THR E 133 30.23 13.96 4.58
CA THR E 133 28.97 14.33 3.96
C THR E 133 28.21 13.07 3.60
N LEU E 134 26.92 13.06 3.92
CA LEU E 134 26.07 11.91 3.73
C LEU E 134 24.73 12.35 3.20
N ARG E 135 24.12 11.52 2.36
CA ARG E 135 22.80 11.78 1.81
C ARG E 135 21.79 10.87 2.47
N LEU E 136 20.67 11.45 2.90
CA LEU E 136 19.68 10.73 3.69
C LEU E 136 18.29 11.07 3.18
N THR E 137 17.37 10.15 3.46
CA THR E 137 15.94 10.35 3.22
C THR E 137 15.23 9.97 4.51
N ILE E 138 14.82 10.97 5.26
CA ILE E 138 14.23 10.78 6.58
C ILE E 138 12.71 10.79 6.46
N SER E 139 12.07 10.13 7.42
CA SER E 139 10.62 10.12 7.57
C SER E 139 10.34 10.46 9.03
N ALA E 140 10.22 11.75 9.31
CA ALA E 140 10.07 12.24 10.67
C ALA E 140 8.61 12.47 11.01
N GLU E 141 8.35 12.66 12.29
CA GLU E 141 7.00 12.89 12.80
C GLU E 141 6.80 14.37 13.05
N CYS E 142 5.67 14.89 12.57
CA CYS E 142 5.33 16.31 12.70
C CYS E 142 3.96 16.41 13.35
N PRO E 143 3.91 16.48 14.68
CA PRO E 143 2.61 16.67 15.34
C PRO E 143 1.99 17.98 14.91
N MET E 144 0.67 17.97 14.74
CA MET E 144 -0.04 19.12 14.22
C MET E 144 -1.31 19.33 15.01
N ASP E 145 -1.69 20.60 15.15
CA ASP E 145 -2.93 21.01 15.80
C ASP E 145 -3.85 21.54 14.72
N LEU E 146 -4.77 20.69 14.27
CA LEU E 146 -5.68 21.02 13.18
C LEU E 146 -6.94 21.71 13.69
N GLU E 147 -6.75 22.74 14.52
CA GLU E 147 -7.86 23.51 15.04
C GLU E 147 -8.29 24.61 14.07
N ASP E 148 -7.33 25.22 13.39
CA ASP E 148 -7.60 26.24 12.38
C ASP E 148 -7.57 25.67 10.98
N PHE E 149 -7.58 24.35 10.85
CA PHE E 149 -7.52 23.73 9.53
C PHE E 149 -8.69 24.20 8.68
N PRO E 150 -8.49 24.48 7.39
CA PRO E 150 -7.22 24.44 6.64
C PRO E 150 -6.39 25.70 6.72
N MET E 151 -6.78 26.71 7.50
CA MET E 151 -5.98 27.91 7.67
C MET E 151 -5.01 27.72 8.83
N ASP E 152 -4.20 26.68 8.73
CA ASP E 152 -3.31 26.25 9.80
C ASP E 152 -1.87 26.40 9.37
N GLU E 153 -1.04 26.88 10.29
CA GLU E 153 0.39 26.97 10.12
C GLU E 153 1.07 25.94 11.00
N GLN E 154 1.96 25.15 10.41
CA GLN E 154 2.61 24.06 11.10
C GLN E 154 4.11 24.28 11.15
N ASN E 155 4.73 23.75 12.20
CA ASN E 155 6.17 23.88 12.45
C ASN E 155 6.73 22.47 12.60
N CYS E 156 7.08 21.86 11.47
CA CYS E 156 7.60 20.50 11.49
C CYS E 156 9.08 20.51 11.86
N PRO E 157 9.49 19.87 12.93
CA PRO E 157 10.89 19.94 13.36
C PRO E 157 11.71 18.76 12.83
N LEU E 158 13.02 18.84 13.10
CA LEU E 158 13.95 17.78 12.76
C LEU E 158 15.06 17.80 13.79
N LYS E 159 15.09 16.79 14.65
CA LYS E 159 16.01 16.74 15.78
C LYS E 159 17.06 15.67 15.54
N PHE E 160 18.30 15.99 15.90
CA PHE E 160 19.37 15.02 15.80
C PHE E 160 20.41 15.31 16.87
N GLY E 161 21.19 14.29 17.18
CA GLY E 161 22.24 14.42 18.17
C GLY E 161 22.95 13.10 18.33
N SER E 162 23.86 13.07 19.30
CA SER E 162 24.61 11.86 19.55
C SER E 162 23.77 10.84 20.31
N TYR E 163 24.09 9.57 20.10
CA TYR E 163 23.41 8.49 20.78
C TYR E 163 24.18 7.95 21.97
N ALA E 164 25.51 8.08 21.97
CA ALA E 164 26.34 7.52 23.01
C ALA E 164 27.31 8.49 23.63
N TYR E 165 27.52 9.66 23.04
CA TYR E 165 28.50 10.62 23.55
C TYR E 165 27.78 11.78 24.20
N PRO E 166 27.85 11.93 25.52
CA PRO E 166 27.15 13.04 26.16
C PRO E 166 27.73 14.41 25.84
N ASN E 167 27.10 15.44 26.41
CA ASN E 167 27.52 16.81 26.16
C ASN E 167 28.93 17.07 26.66
N SER E 168 29.42 16.27 27.58
CA SER E 168 30.77 16.44 28.11
C SER E 168 31.84 15.88 27.19
N GLU E 169 31.45 15.18 26.13
CA GLU E 169 32.39 14.56 25.21
C GLU E 169 32.23 15.08 23.80
N VAL E 170 31.00 15.17 23.30
CA VAL E 170 30.71 15.60 21.95
C VAL E 170 29.66 16.68 21.99
N VAL E 171 29.89 17.77 21.26
CA VAL E 171 28.95 18.88 21.16
C VAL E 171 28.72 19.18 19.68
N TYR E 172 27.47 19.35 19.32
CA TYR E 172 27.09 19.74 17.96
C TYR E 172 26.76 21.23 17.95
N VAL E 173 27.28 21.94 16.96
CA VAL E 173 27.00 23.35 16.78
C VAL E 173 26.80 23.62 15.30
N TRP E 174 25.84 24.47 14.98
CA TRP E 174 25.66 24.90 13.62
C TRP E 174 26.84 25.76 13.18
N THR E 175 27.12 25.73 11.89
CA THR E 175 28.24 26.48 11.32
C THR E 175 27.75 27.80 10.75
N ASN E 176 28.46 28.87 11.06
CA ASN E 176 28.13 30.21 10.56
C ASN E 176 26.71 30.54 11.03
N GLY E 177 26.00 31.36 10.25
CA GLY E 177 24.66 31.78 10.60
C GLY E 177 23.61 30.74 10.26
N SER E 178 22.35 31.12 10.51
CA SER E 178 21.25 30.21 10.24
C SER E 178 21.11 29.93 8.76
N THR E 179 21.27 30.96 7.92
CA THR E 179 21.08 30.77 6.49
C THR E 179 22.06 29.76 5.92
N LYS E 180 23.33 29.86 6.30
CA LYS E 180 24.33 28.91 5.82
C LYS E 180 24.21 27.56 6.49
N SER E 181 23.56 27.49 7.66
CA SER E 181 23.48 26.24 8.40
C SER E 181 22.49 25.28 7.73
N VAL E 182 21.34 25.79 7.32
CA VAL E 182 20.31 24.99 6.65
C VAL E 182 19.94 25.70 5.35
N VAL E 183 19.95 24.95 4.26
CA VAL E 183 19.67 25.48 2.93
C VAL E 183 18.65 24.57 2.26
N VAL E 184 17.72 25.18 1.53
CA VAL E 184 16.67 24.45 0.84
C VAL E 184 16.76 24.78 -0.64
N ALA E 185 16.76 23.76 -1.48
CA ALA E 185 16.82 23.98 -2.92
C ALA E 185 15.56 24.68 -3.40
N GLU E 186 15.72 25.45 -4.48
CA GLU E 186 14.59 26.22 -5.00
C GLU E 186 13.44 25.32 -5.40
N ASP E 187 13.75 24.22 -6.11
CA ASP E 187 12.71 23.29 -6.52
C ASP E 187 12.31 22.33 -5.41
N GLY E 188 13.11 22.22 -4.35
CA GLY E 188 12.74 21.33 -3.26
C GLY E 188 11.52 21.79 -2.51
N SER E 189 11.39 23.11 -2.32
CA SER E 189 10.28 23.67 -1.57
C SER E 189 9.01 23.73 -2.44
N ARG E 190 8.61 22.54 -2.90
CA ARG E 190 7.43 22.38 -3.73
C ARG E 190 6.54 21.31 -3.12
N LEU E 191 5.35 21.72 -2.68
CA LEU E 191 4.38 20.80 -2.11
C LEU E 191 3.00 21.14 -2.68
N ASN E 192 2.14 20.14 -2.69
CA ASN E 192 0.81 20.31 -3.27
C ASN E 192 -0.17 20.96 -2.31
N GLN E 193 0.15 21.00 -1.01
CA GLN E 193 -0.79 21.52 -0.03
C GLN E 193 -0.12 22.37 1.04
N TYR E 194 1.13 22.78 0.84
CA TYR E 194 1.83 23.57 1.83
C TYR E 194 2.79 24.54 1.15
N HIS E 195 3.10 25.62 1.87
CA HIS E 195 4.13 26.55 1.49
C HIS E 195 5.23 26.51 2.54
N LEU E 196 6.47 26.43 2.07
CA LEU E 196 7.63 26.40 2.97
C LEU E 196 8.06 27.85 3.19
N MET E 197 7.52 28.45 4.24
CA MET E 197 7.76 29.86 4.50
C MET E 197 9.23 30.12 4.83
N GLY E 198 9.82 29.27 5.65
CA GLY E 198 11.18 29.49 6.07
C GLY E 198 11.64 28.39 7.01
N GLN E 199 12.85 28.57 7.53
CA GLN E 199 13.47 27.61 8.41
C GLN E 199 14.15 28.32 9.56
N THR E 200 14.26 27.62 10.68
CA THR E 200 14.98 28.11 11.85
C THR E 200 15.70 26.94 12.49
N VAL E 201 16.76 27.26 13.23
CA VAL E 201 17.61 26.26 13.87
C VAL E 201 17.81 26.65 15.32
N GLY E 202 18.15 25.65 16.12
CA GLY E 202 18.39 25.88 17.53
C GLY E 202 19.07 24.69 18.15
N THR E 203 19.54 24.90 19.37
CA THR E 203 20.19 23.87 20.16
C THR E 203 19.62 23.89 21.57
N GLU E 204 19.69 22.75 22.24
CA GLU E 204 19.24 22.66 23.62
C GLU E 204 19.72 21.37 24.24
N ASN E 205 20.28 21.46 25.44
CA ASN E 205 20.69 20.28 26.17
C ASN E 205 19.48 19.53 26.70
N ILE E 206 19.62 18.22 26.85
CA ILE E 206 18.59 17.38 27.43
C ILE E 206 19.26 16.45 28.44
N SER E 207 18.56 16.18 29.53
CA SER E 207 19.04 15.26 30.55
C SER E 207 18.29 13.94 30.43
N THR E 208 19.04 12.84 30.43
CA THR E 208 18.46 11.51 30.33
C THR E 208 19.08 10.62 31.40
N SER E 209 18.68 9.35 31.38
CA SER E 209 19.24 8.39 32.32
C SER E 209 20.72 8.13 32.03
N THR E 210 21.10 8.16 30.76
CA THR E 210 22.47 7.89 30.37
C THR E 210 23.38 9.11 30.45
N GLY E 211 22.82 10.30 30.65
CA GLY E 211 23.60 11.51 30.79
C GLY E 211 22.98 12.67 30.05
N GLU E 212 23.70 13.79 30.04
CA GLU E 212 23.23 14.99 29.35
C GLU E 212 23.73 14.99 27.91
N TYR E 213 22.85 15.36 26.99
CA TYR E 213 23.14 15.39 25.58
C TYR E 213 22.67 16.71 24.99
N THR E 214 23.34 17.14 23.94
CA THR E 214 22.94 18.33 23.20
C THR E 214 22.11 17.92 22.00
N ILE E 215 21.02 18.65 21.77
CA ILE E 215 20.07 18.36 20.71
C ILE E 215 20.05 19.52 19.74
N MET E 216 20.24 19.21 18.46
CA MET E 216 20.20 20.19 17.40
C MET E 216 18.85 20.07 16.70
N THR E 217 18.15 21.18 16.58
CA THR E 217 16.79 21.19 16.05
C THR E 217 16.70 22.15 14.87
N ALA E 218 16.01 21.70 13.83
CA ALA E 218 15.70 22.52 12.67
C ALA E 218 14.19 22.50 12.48
N HIS E 219 13.59 23.68 12.45
CA HIS E 219 12.15 23.83 12.30
C HIS E 219 11.82 24.39 10.93
N PHE E 220 10.83 23.78 10.28
CA PHE E 220 10.34 24.25 8.99
C PHE E 220 8.95 24.80 9.19
N HIS E 221 8.75 26.05 8.79
CA HIS E 221 7.46 26.72 8.92
C HIS E 221 6.62 26.45 7.69
N LEU E 222 5.47 25.82 7.88
CA LEU E 222 4.59 25.44 6.79
C LEU E 222 3.30 26.25 6.87
N LYS E 223 2.92 26.86 5.76
CA LYS E 223 1.67 27.59 5.63
C LYS E 223 0.83 26.87 4.60
N ARG E 224 -0.26 26.26 5.03
CA ARG E 224 -1.09 25.48 4.12
C ARG E 224 -1.63 26.37 3.01
N LYS E 225 -1.51 25.90 1.77
CA LYS E 225 -1.99 26.64 0.62
C LYS E 225 -3.42 26.19 0.35
N ILE E 226 -4.37 27.02 0.73
CA ILE E 226 -5.77 26.72 0.50
C ILE E 226 -6.08 26.87 -0.99
N GLY E 227 -7.15 26.22 -1.41
CA GLY E 227 -7.55 26.24 -2.80
C GLY E 227 -8.01 24.88 -3.28
N TYR E 228 -7.42 23.83 -2.71
CA TYR E 228 -7.93 22.49 -2.98
C TYR E 228 -9.24 22.24 -2.22
N PHE E 229 -9.31 22.72 -0.99
CA PHE E 229 -10.51 22.51 -0.19
C PHE E 229 -11.62 23.44 -0.63
N VAL E 230 -11.27 24.60 -1.19
CA VAL E 230 -12.28 25.49 -1.75
C VAL E 230 -13.01 24.80 -2.90
N ILE E 231 -12.25 24.15 -3.78
CA ILE E 231 -12.85 23.45 -4.91
C ILE E 231 -13.47 22.13 -4.50
N GLN E 232 -13.09 21.59 -3.35
CA GLN E 232 -13.50 20.26 -2.92
C GLN E 232 -14.67 20.29 -1.93
N THR E 233 -14.64 21.20 -0.97
CA THR E 233 -15.63 21.22 0.11
C THR E 233 -16.43 22.52 0.15
N TYR E 234 -15.75 23.67 0.19
CA TYR E 234 -16.46 24.92 0.44
C TYR E 234 -17.46 25.21 -0.66
N LEU E 235 -17.02 25.17 -1.92
CA LEU E 235 -17.92 25.51 -3.01
C LEU E 235 -19.11 24.56 -3.09
N PRO E 236 -18.94 23.25 -3.07
CA PRO E 236 -20.12 22.38 -3.05
C PRO E 236 -21.04 22.67 -1.89
N CYS E 237 -20.48 22.98 -0.72
CA CYS E 237 -21.31 23.37 0.41
C CYS E 237 -22.02 24.68 0.14
N ILE E 238 -21.32 25.64 -0.46
CA ILE E 238 -21.91 26.95 -0.71
C ILE E 238 -23.03 26.85 -1.74
N MET E 239 -22.75 26.18 -2.86
CA MET E 239 -23.75 26.08 -3.91
C MET E 239 -24.95 25.26 -3.45
N THR E 240 -24.71 24.26 -2.60
CA THR E 240 -25.81 23.47 -2.06
C THR E 240 -26.76 24.34 -1.25
N VAL E 241 -26.21 25.25 -0.46
CA VAL E 241 -27.05 26.17 0.32
C VAL E 241 -27.88 27.03 -0.62
N ILE E 242 -27.26 27.58 -1.65
CA ILE E 242 -27.98 28.41 -2.60
C ILE E 242 -29.08 27.62 -3.27
N LEU E 243 -28.82 26.35 -3.55
CA LEU E 243 -29.84 25.50 -4.14
C LEU E 243 -31.06 25.38 -3.23
N SER E 244 -30.82 25.23 -1.93
CA SER E 244 -31.93 25.10 -1.00
C SER E 244 -32.79 26.36 -0.97
N GLN E 245 -32.16 27.53 -1.01
CA GLN E 245 -32.89 28.77 -0.95
C GLN E 245 -33.82 28.97 -2.13
N VAL E 246 -33.58 28.25 -3.22
CA VAL E 246 -34.47 28.33 -4.39
C VAL E 246 -35.88 27.87 -4.02
N SER E 247 -35.99 26.98 -3.03
CA SER E 247 -37.29 26.49 -2.64
C SER E 247 -38.20 27.60 -2.15
N PHE E 248 -37.62 28.69 -1.64
CA PHE E 248 -38.41 29.80 -1.15
C PHE E 248 -39.12 30.54 -2.27
N TRP E 249 -38.67 30.37 -3.51
CA TRP E 249 -39.26 31.04 -4.66
C TRP E 249 -40.36 30.22 -5.31
N LEU E 250 -40.68 29.06 -4.77
CA LEU E 250 -41.76 28.22 -5.26
C LEU E 250 -43.01 28.41 -4.40
N ASN E 251 -44.15 28.09 -4.99
CA ASN E 251 -45.41 28.22 -4.29
C ASN E 251 -45.53 27.15 -3.21
N ARG E 252 -46.30 27.47 -2.17
CA ARG E 252 -46.46 26.55 -1.06
C ARG E 252 -47.16 25.27 -1.49
N GLU E 253 -48.16 25.39 -2.36
CA GLU E 253 -48.92 24.22 -2.77
C GLU E 253 -48.06 23.17 -3.46
N SER E 254 -46.89 23.55 -3.97
CA SER E 254 -45.97 22.61 -4.60
C SER E 254 -45.18 21.88 -3.51
N VAL E 255 -45.92 21.06 -2.75
CA VAL E 255 -45.35 20.40 -1.60
C VAL E 255 -44.25 19.43 -2.04
N ALA E 256 -44.53 18.63 -3.06
CA ALA E 256 -43.55 17.65 -3.52
C ALA E 256 -42.29 18.32 -4.02
N ALA E 257 -42.43 19.40 -4.77
CA ALA E 257 -41.27 20.07 -5.34
C ALA E 257 -40.36 20.60 -4.25
N ARG E 258 -40.92 21.37 -3.32
CA ARG E 258 -40.10 21.96 -2.27
C ARG E 258 -39.50 20.90 -1.37
N THR E 259 -40.19 19.76 -1.22
CA THR E 259 -39.65 18.68 -0.41
C THR E 259 -38.37 18.12 -1.03
N VAL E 260 -38.33 17.99 -2.35
CA VAL E 260 -37.13 17.47 -3.01
C VAL E 260 -35.94 18.39 -2.74
N PHE E 261 -36.14 19.69 -2.88
CA PHE E 261 -35.06 20.63 -2.59
C PHE E 261 -34.50 20.41 -1.20
N GLY E 262 -35.38 20.41 -0.19
CA GLY E 262 -34.90 20.31 1.17
C GLY E 262 -34.26 18.97 1.48
N VAL E 263 -34.89 17.89 1.05
CA VAL E 263 -34.39 16.55 1.38
C VAL E 263 -33.06 16.30 0.69
N THR E 264 -32.99 16.55 -0.61
CA THR E 264 -31.77 16.27 -1.35
C THR E 264 -30.60 17.10 -0.82
N THR E 265 -30.85 18.38 -0.55
CA THR E 265 -29.80 19.25 -0.07
C THR E 265 -29.26 18.79 1.27
N VAL E 266 -30.14 18.38 2.18
CA VAL E 266 -29.72 17.94 3.50
C VAL E 266 -28.82 16.71 3.37
N LEU E 267 -29.23 15.75 2.56
CA LEU E 267 -28.42 14.56 2.35
C LEU E 267 -27.11 14.91 1.66
N THR E 268 -27.15 15.83 0.70
CA THR E 268 -25.94 16.23 -0.01
C THR E 268 -24.92 16.80 0.96
N MET E 269 -25.35 17.66 1.88
CA MET E 269 -24.45 18.19 2.88
C MET E 269 -23.93 17.09 3.78
N THR E 270 -24.77 16.12 4.11
CA THR E 270 -24.36 15.02 4.97
C THR E 270 -23.21 14.24 4.35
N THR E 271 -23.35 13.88 3.08
CA THR E 271 -22.30 13.10 2.42
C THR E 271 -21.02 13.93 2.24
N LEU E 272 -21.16 15.23 2.04
CA LEU E 272 -19.98 16.08 1.92
C LEU E 272 -19.16 16.06 3.19
N SER E 273 -19.82 16.04 4.35
CA SER E 273 -19.10 15.93 5.61
C SER E 273 -18.30 14.64 5.66
N ILE E 274 -18.91 13.53 5.22
CA ILE E 274 -18.20 12.26 5.21
C ILE E 274 -17.05 12.28 4.21
N SER E 275 -17.34 12.74 2.99
CA SER E 275 -16.31 12.75 1.96
C SER E 275 -15.16 13.67 2.34
N ALA E 276 -15.48 14.82 2.94
CA ALA E 276 -14.46 15.80 3.25
C ALA E 276 -13.41 15.24 4.20
N ARG E 277 -13.86 14.49 5.20
CA ARG E 277 -12.97 13.99 6.24
C ARG E 277 -12.29 12.67 5.85
N ASN E 278 -12.58 12.14 4.66
CA ASN E 278 -11.92 10.90 4.24
C ASN E 278 -10.41 11.10 4.16
N SER E 279 -9.98 12.18 3.53
CA SER E 279 -8.56 12.48 3.46
C SER E 279 -8.04 13.05 4.77
N LEU E 280 -8.87 13.80 5.48
CA LEU E 280 -8.44 14.43 6.72
C LEU E 280 -8.13 13.36 7.77
N PRO E 281 -7.16 13.62 8.65
CA PRO E 281 -6.89 12.66 9.72
C PRO E 281 -8.06 12.54 10.69
N LYS E 282 -8.15 11.38 11.33
CA LYS E 282 -9.26 11.07 12.24
C LYS E 282 -8.99 11.70 13.60
N VAL E 283 -9.00 13.02 13.62
CA VAL E 283 -8.78 13.77 14.85
C VAL E 283 -10.10 13.87 15.61
N ALA E 284 -10.01 13.80 16.93
CA ALA E 284 -11.18 13.81 17.79
C ALA E 284 -11.54 15.22 18.26
N TYR E 285 -11.59 16.15 17.31
CA TYR E 285 -12.04 17.49 17.60
C TYR E 285 -12.44 18.17 16.30
N ALA E 286 -13.18 19.27 16.45
CA ALA E 286 -13.76 19.95 15.31
C ALA E 286 -12.80 20.98 14.74
N THR E 287 -12.70 21.02 13.43
CA THR E 287 -11.88 21.98 12.72
C THR E 287 -12.73 23.14 12.23
N ALA E 288 -12.06 24.15 11.68
CA ALA E 288 -12.77 25.29 11.12
C ALA E 288 -13.66 24.86 9.96
N MET E 289 -13.18 23.94 9.13
CA MET E 289 -13.99 23.45 8.02
C MET E 289 -15.23 22.74 8.53
N ASP E 290 -15.10 22.00 9.63
CA ASP E 290 -16.26 21.31 10.19
C ASP E 290 -17.33 22.30 10.63
N TRP E 291 -16.92 23.42 11.24
CA TRP E 291 -17.87 24.43 11.63
C TRP E 291 -18.58 25.02 10.42
N PHE E 292 -17.84 25.25 9.34
CA PHE E 292 -18.45 25.77 8.12
C PHE E 292 -19.49 24.80 7.58
N ILE E 293 -19.18 23.50 7.60
CA ILE E 293 -20.13 22.50 7.14
C ILE E 293 -21.36 22.49 8.04
N ALA E 294 -21.14 22.56 9.36
CA ALA E 294 -22.27 22.51 10.28
C ALA E 294 -23.22 23.66 10.05
N VAL E 295 -22.69 24.86 9.84
CA VAL E 295 -23.52 26.01 9.53
C VAL E 295 -24.28 25.80 8.23
N CYS E 296 -23.57 25.33 7.20
CA CYS E 296 -24.23 25.06 5.93
C CYS E 296 -25.33 24.01 6.11
N TYR E 297 -25.10 23.02 6.96
CA TYR E 297 -26.13 22.04 7.26
C TYR E 297 -27.32 22.70 7.93
N ALA E 298 -27.06 23.65 8.82
CA ALA E 298 -28.14 24.34 9.51
C ALA E 298 -29.01 25.14 8.54
N PHE E 299 -28.37 25.82 7.58
CA PHE E 299 -29.12 26.62 6.63
C PHE E 299 -30.05 25.75 5.79
N VAL E 300 -29.52 24.66 5.22
CA VAL E 300 -30.35 23.78 4.41
C VAL E 300 -31.43 23.15 5.26
N PHE E 301 -31.07 22.70 6.46
CA PHE E 301 -32.05 22.10 7.36
C PHE E 301 -33.08 23.15 7.79
N SER E 302 -32.63 24.36 8.06
CA SER E 302 -33.54 25.42 8.47
C SER E 302 -34.53 25.74 7.36
N ALA E 303 -34.07 25.74 6.10
CA ALA E 303 -34.97 26.00 4.99
C ALA E 303 -36.09 24.98 4.94
N LEU E 304 -35.76 23.71 5.16
CA LEU E 304 -36.77 22.67 5.17
C LEU E 304 -37.79 22.89 6.26
N LEU E 305 -37.34 23.30 7.45
CA LEU E 305 -38.26 23.57 8.54
C LEU E 305 -39.20 24.70 8.19
N GLU E 306 -38.70 25.73 7.52
CA GLU E 306 -39.56 26.83 7.11
C GLU E 306 -40.69 26.33 6.22
N PHE E 307 -40.36 25.48 5.25
CA PHE E 307 -41.40 24.93 4.39
C PHE E 307 -42.39 24.09 5.19
N ALA E 308 -41.88 23.26 6.10
CA ALA E 308 -42.77 22.45 6.92
C ALA E 308 -43.65 23.32 7.80
N PHE E 309 -43.06 24.34 8.43
CA PHE E 309 -43.84 25.25 9.26
C PHE E 309 -44.86 26.00 8.41
N VAL E 310 -44.45 26.44 7.21
CA VAL E 310 -45.35 27.15 6.32
C VAL E 310 -46.50 26.25 5.90
N ASN E 311 -46.18 25.03 5.49
CA ASN E 311 -47.21 24.10 5.03
C ASN E 311 -48.15 23.69 6.16
N TYR E 312 -47.75 23.88 7.40
CA TYR E 312 -48.56 23.50 8.55
C TYR E 312 -49.58 24.56 8.93
N ILE E 313 -49.45 25.78 8.42
CA ILE E 313 -50.34 26.88 8.77
C ILE E 313 -50.81 27.58 7.51
N THR E 314 -50.57 26.98 6.35
CA THR E 314 -51.00 27.59 5.10
C THR E 314 -52.52 27.65 4.98
N LYS E 315 -53.24 26.91 5.82
CA LYS E 315 -54.70 26.93 5.84
C LYS E 315 -55.25 27.84 6.93
N SER E 316 -54.80 27.67 8.16
CA SER E 316 -55.34 28.44 9.27
C SER E 316 -55.09 29.93 9.08
N GLN E 317 -53.84 30.30 8.84
CA GLN E 317 -53.45 31.70 8.66
C GLN E 317 -52.56 31.81 7.43
N PRO E 318 -53.15 31.78 6.23
CA PRO E 318 -52.34 31.90 5.02
C PRO E 318 -51.55 33.19 4.94
N ALA E 319 -52.08 34.28 5.49
CA ALA E 319 -51.43 35.57 5.32
C ALA E 319 -50.02 35.57 5.90
N ARG E 320 -49.88 35.01 7.11
CA ARG E 320 -48.56 34.98 7.72
C ARG E 320 -47.60 34.07 6.97
N ALA E 321 -48.12 32.99 6.38
CA ALA E 321 -47.27 32.06 5.65
C ALA E 321 -46.58 32.74 4.49
N ALA E 322 -47.31 33.58 3.75
CA ALA E 322 -46.72 34.28 2.63
C ALA E 322 -45.63 35.23 3.10
N LYS E 323 -45.86 35.94 4.21
CA LYS E 323 -44.86 36.86 4.73
C LYS E 323 -43.58 36.11 5.07
N ILE E 324 -43.70 34.97 5.75
CA ILE E 324 -42.53 34.21 6.15
C ILE E 324 -41.78 33.72 4.92
N ASP E 325 -42.51 33.17 3.95
CA ASP E 325 -41.87 32.69 2.73
C ASP E 325 -41.23 33.85 1.97
N LYS E 326 -41.94 34.97 1.85
CA LYS E 326 -41.38 36.13 1.18
C LYS E 326 -40.20 36.69 1.95
N MET E 327 -40.31 36.80 3.27
CA MET E 327 -39.22 37.33 4.07
C MET E 327 -38.00 36.44 4.00
N SER E 328 -38.20 35.12 4.03
CA SER E 328 -37.08 34.19 4.00
C SER E 328 -36.25 34.34 2.73
N ARG E 329 -36.85 34.84 1.65
CA ARG E 329 -36.10 35.03 0.42
C ARG E 329 -34.98 36.04 0.59
N ILE E 330 -35.04 36.87 1.63
CA ILE E 330 -34.05 37.90 1.87
C ILE E 330 -33.17 37.55 3.07
N VAL E 331 -33.75 37.02 4.13
CA VAL E 331 -33.00 36.77 5.35
C VAL E 331 -31.92 35.72 5.11
N PHE E 332 -32.29 34.58 4.54
CA PHE E 332 -31.34 33.48 4.40
C PHE E 332 -30.13 33.87 3.57
N PRO E 333 -30.27 34.45 2.38
CA PRO E 333 -29.08 34.85 1.63
C PRO E 333 -28.20 35.83 2.38
N ILE E 334 -28.82 36.75 3.12
CA ILE E 334 -28.06 37.78 3.83
C ILE E 334 -27.24 37.15 4.94
N LEU E 335 -27.86 36.28 5.73
CA LEU E 335 -27.15 35.67 6.85
C LEU E 335 -25.99 34.81 6.36
N PHE E 336 -26.22 34.02 5.31
CA PHE E 336 -25.15 33.18 4.79
C PHE E 336 -24.00 34.02 4.27
N GLY E 337 -24.29 35.09 3.54
CA GLY E 337 -23.25 36.00 3.12
C GLY E 337 -22.55 36.66 4.29
N THR E 338 -23.32 37.07 5.30
CA THR E 338 -22.74 37.66 6.50
C THR E 338 -21.83 36.67 7.21
N PHE E 339 -22.25 35.41 7.31
CA PHE E 339 -21.45 34.41 7.99
C PHE E 339 -20.12 34.20 7.29
N ASN E 340 -20.13 34.16 5.96
CA ASN E 340 -18.90 33.92 5.22
C ASN E 340 -17.86 35.00 5.52
N LEU E 341 -18.29 36.27 5.54
CA LEU E 341 -17.35 37.34 5.85
C LEU E 341 -16.74 37.14 7.23
N VAL E 342 -17.56 36.80 8.22
CA VAL E 342 -17.05 36.55 9.56
C VAL E 342 -16.11 35.37 9.55
N TYR E 343 -16.51 34.29 8.88
CA TYR E 343 -15.70 33.08 8.87
C TYR E 343 -14.37 33.32 8.19
N TRP E 344 -14.40 33.85 6.96
CA TRP E 344 -13.17 34.05 6.21
C TRP E 344 -12.28 35.10 6.87
N ALA E 345 -12.87 36.21 7.29
CA ALA E 345 -12.08 37.26 7.94
C ALA E 345 -11.47 36.75 9.23
N THR E 346 -12.22 35.97 10.00
CA THR E 346 -11.73 35.48 11.28
C THR E 346 -10.49 34.60 11.10
N TYR E 347 -10.54 33.68 10.14
CA TYR E 347 -9.45 32.72 9.95
C TYR E 347 -8.38 33.22 8.99
N LEU E 348 -8.60 34.33 8.32
CA LEU E 348 -7.61 34.92 7.43
C LEU E 348 -6.93 36.15 8.03
N ASN E 349 -7.13 36.39 9.32
CA ASN E 349 -6.52 37.55 9.97
C ASN E 349 -6.05 37.19 11.38
C1 NAG F . 32.07 23.98 -16.91
C2 NAG F . 31.61 24.62 -18.21
C3 NAG F . 32.59 24.35 -19.34
C4 NAG F . 33.97 24.79 -18.91
C5 NAG F . 34.35 24.15 -17.58
C6 NAG F . 35.70 24.68 -17.10
C7 NAG F . 29.28 25.00 -18.78
C8 NAG F . 27.96 24.40 -19.17
N2 NAG F . 30.29 24.16 -18.58
O3 NAG F . 32.20 25.06 -20.48
O4 NAG F . 34.92 24.44 -19.89
O5 NAG F . 33.37 24.40 -16.59
O6 NAG F . 36.69 24.34 -18.03
O7 NAG F . 29.38 26.22 -18.65
H2 NAG F . 31.58 25.69 -18.06
H3 NAG F . 32.57 23.28 -19.54
H4 NAG F . 33.95 25.87 -18.78
H5 NAG F . 34.44 23.07 -17.73
H61 NAG F . 35.62 25.75 -16.96
H62 NAG F . 35.93 24.23 -16.13
H81 NAG F . 27.20 24.67 -18.43
H82 NAG F . 27.67 24.78 -20.14
H83 NAG F . 28.06 23.32 -19.23
HN2 NAG F . 30.16 23.17 -18.76
HO3 NAG F . 31.42 25.61 -20.26
HO4 NAG F . 34.45 24.00 -20.63
HO6 NAG F . 36.31 23.85 -18.78
N1 QKF G . 27.78 18.54 0.89
C2 QKF G . 27.37 16.44 -2.93
C4 QKF G . 27.27 18.31 -1.43
C5 QKF G . 27.53 19.12 -2.54
C6 QKF G . 27.01 18.89 -0.10
C8 QKF G . 25.59 20.83 2.65
N3 QKF G . 21.43 21.54 -6.59
C9 QKF G . 26.00 19.81 0.30
C10 QKF G . 24.92 20.40 -0.56
N QKF G . 27.69 18.65 -3.79
C QKF G . 27.71 16.83 -5.40
O QKF G . 27.28 19.25 2.01
C1 QKF G . 27.59 17.32 -3.99
C11 QKF G . 24.71 21.28 -2.76
C12 QKF G . 24.32 20.19 -3.51
C13 QKF G . 23.60 20.43 -4.66
C14 QKF G . 23.30 21.74 -5.03
C15 QKF G . 23.71 22.75 -4.17
C16 QKF G . 22.64 22.06 -6.32
C17 QKF G . 20.61 20.66 -5.76
C18 QKF G . 20.34 19.29 -6.36
C19 QKF G . 20.50 20.61 -8.74
C20 QKF G . 20.76 21.83 -7.87
C3 QKF G . 27.21 16.95 -1.65
C7 QKF G . 26.23 19.99 1.62
N2 QKF G . 24.41 22.54 -3.04
O1 QKF G . 25.52 21.01 -1.70
O2 QKF G . 23.21 22.80 -7.10
O3 QKF G . 18.20 20.05 -7.64
O4 QKF G . 19.51 18.19 -8.58
S QKF G . 19.48 19.45 -7.89
H3 QKF G . 27.31 15.37 -3.11
H5 QKF G . 27.63 20.19 -2.45
H8 QKF G . 25.56 21.89 2.39
H6 QKF G . 26.14 20.74 3.59
H7 QKF G . 24.57 20.51 2.84
H9 QKF G . 24.23 19.63 -0.88
H10 QKF G . 24.36 21.11 0.04
H1 QKF G . 27.51 17.62 -6.10
H2 QKF G . 27.03 16.02 -5.63
H QKF G . 28.72 16.47 -5.59
H11 QKF G . 24.57 19.17 -3.21
H12 QKF G . 23.28 19.61 -5.29
H13 QKF G . 23.48 23.79 -4.36
H15 QKF G . 21.03 20.54 -4.76
H14 QKF G . 19.64 21.13 -5.57
H16 QKF G . 21.29 18.79 -6.48
H17 QKF G . 19.85 18.64 -5.64
H19 QKF G . 20.06 20.93 -9.69
H18 QKF G . 21.44 20.18 -9.07
H20 QKF G . 19.81 22.31 -7.67
H21 QKF G . 21.32 22.56 -8.45
H4 QKF G . 27.05 16.27 -0.82
C1 NAG H . 22.02 -16.64 -33.57
C2 NAG H . 21.06 -17.37 -34.50
C3 NAG H . 21.55 -18.77 -34.80
C4 NAG H . 22.97 -18.71 -35.33
C5 NAG H . 23.85 -17.93 -34.36
C6 NAG H . 25.25 -17.77 -34.94
C7 NAG H . 18.67 -16.92 -34.63
C8 NAG H . 17.34 -17.03 -33.95
N2 NAG H . 19.71 -17.41 -33.96
O3 NAG H . 20.72 -19.35 -35.77
O4 NAG H . 23.47 -20.01 -35.49
O5 NAG H . 23.32 -16.65 -34.10
O6 NAG H . 25.83 -19.05 -35.12
O7 NAG H . 18.76 -16.40 -35.73
H2 NAG H . 21.05 -16.83 -35.46
H3 NAG H . 21.49 -19.35 -33.88
H4 NAG H . 22.95 -18.18 -36.29
H5 NAG H . 23.92 -18.49 -33.42
H61 NAG H . 25.19 -17.23 -35.88
H62 NAG H . 25.86 -17.19 -34.25
H81 NAG H . 16.91 -16.04 -33.83
H82 NAG H . 16.67 -17.63 -34.58
H83 NAG H . 17.46 -17.53 -32.99
HN2 NAG H . 19.58 -17.89 -33.08
HO3 NAG H . 20.05 -18.70 -36.06
HO4 NAG H . 22.78 -20.65 -35.24
HO6 NAG H . 25.20 -19.74 -34.83
N1 QKF I . 25.11 -1.82 -21.92
C2 QKF I . 23.37 -5.77 -21.15
C4 QKF I . 23.77 -3.75 -22.38
C5 QKF I . 23.55 -4.49 -23.53
C6 QKF I . 24.01 -2.29 -22.42
C8 QKF I . 23.67 1.30 -23.06
N3 QKF I . 16.25 -5.01 -26.01
C9 QKF I . 23.19 -1.27 -22.96
C10 QKF I . 21.85 -1.41 -23.60
N QKF I . 23.24 -5.79 -23.54
C QKF I . 22.73 -7.87 -22.38
O QKF I . 25.05 -0.43 -22.12
C1 QKF I . 23.14 -6.43 -22.35
C11 QKF I . 20.77 -2.91 -25.09
C12 QKF I . 20.17 -3.84 -24.26
C13 QKF I . 19.05 -4.50 -24.73
C14 QKF I . 18.57 -4.22 -26.01
C15 QKF I . 19.24 -3.24 -26.74
C16 QKF I . 17.45 -5.00 -26.62
C17 QKF I . 15.86 -4.33 -24.76
C18 QKF I . 15.44 -5.28 -23.64
C19 QKF I . 14.62 -6.90 -25.67
C20 QKF I . 15.13 -5.78 -26.57
C3 QKF I . 23.69 -4.43 -21.18
C7 QKF I . 23.90 -0.14 -22.74
N2 QKF I . 20.33 -2.59 -26.30
O1 QKF I . 21.93 -2.37 -24.65
O2 QKF I . 17.64 -5.60 -27.66
O3 QKF I . 12.94 -5.37 -24.38
O4 QKF I . 13.88 -7.32 -23.20
S QKF I . 14.05 -6.24 -24.14
H3 QKF I . 23.30 -6.30 -20.21
H5 QKF I . 23.63 -4.05 -24.52
H8 QKF I . 23.50 1.46 -24.13
H6 QKF I . 24.53 1.88 -22.77
H7 QKF I . 22.80 1.69 -22.53
H9 QKF I . 21.12 -1.75 -22.86
H10 QKF I . 21.52 -0.44 -23.96
H1 QKF I . 22.23 -8.11 -23.31
H2 QKF I . 22.05 -8.13 -21.58
H QKF I . 23.60 -8.51 -22.30
H11 QKF I . 20.56 -4.03 -23.26
H12 QKF I . 18.54 -5.23 -24.12
H13 QKF I . 18.90 -2.95 -27.73
H15 QKF I . 16.64 -3.66 -24.40
H14 QKF I . 15.02 -3.67 -24.95
H16 QKF I . 16.30 -5.90 -23.39
H17 QKF I . 15.29 -4.73 -22.71
H19 QKF I . 13.84 -7.44 -26.20
H18 QKF I . 15.38 -7.66 -25.55
H20 QKF I . 14.31 -5.10 -26.78
H21 QKF I . 15.40 -6.19 -27.53
H4 QKF I . 23.89 -3.90 -20.24
C1 NAG J . 8.19 -42.68 0.52
C2 NAG J . 6.98 -43.43 1.06
C3 NAG J . 7.38 -44.36 2.18
C4 NAG J . 8.50 -45.27 1.69
C5 NAG J . 9.65 -44.46 1.13
C6 NAG J . 10.71 -45.38 0.54
C7 NAG J . 4.72 -42.55 1.05
C8 NAG J . 3.75 -41.56 1.60
N2 NAG J . 5.96 -42.52 1.53
O3 NAG J . 6.28 -45.15 2.56
O4 NAG J . 8.96 -46.08 2.75
O5 NAG J . 9.20 -43.58 0.12
O6 NAG J . 11.24 -46.21 1.55
O7 NAG J . 4.36 -43.35 0.18
H2 NAG J . 6.58 -44.04 0.25
H3 NAG J . 7.72 -43.76 3.03
H4 NAG J . 8.09 -45.91 0.90
H5 NAG J . 10.09 -43.89 1.93
H61 NAG J . 10.26 -45.97 -0.26
H62 NAG J . 11.50 -44.77 0.11
H81 NAG J . 3.36 -40.94 0.80
H82 NAG J . 2.93 -42.09 2.08
H83 NAG J . 4.25 -40.95 2.35
HN2 NAG J . 6.19 -41.89 2.28
HO3 NAG J . 5.52 -44.93 1.98
HO4 NAG J . 8.45 -45.87 3.56
HO6 NAG J . 10.80 -46.00 2.41
N1 QKF K . 14.84 -28.19 -10.01
C2 QKF K . 13.71 -28.38 -5.78
C4 QKF K . 13.51 -28.83 -8.13
C5 QKF K . 12.90 -30.03 -7.77
C6 QKF K . 13.65 -28.43 -9.53
C8 QKF K . 12.92 -27.53 -13.01
N3 QKF K . 5.24 -29.87 -6.76
C9 QKF K . 12.64 -28.23 -10.52
C10 QKF K . 11.15 -28.37 -10.34
N QKF K . 12.67 -30.41 -6.51
C QKF K . 12.74 -30.01 -4.11
O QKF K . 14.64 -27.83 -11.36
C1 QKF K . 13.06 -29.59 -5.52
C11 QKF K . 9.67 -29.85 -9.24
C12 QKF K . 9.48 -29.26 -8.00
C13 QKF K . 8.29 -29.54 -7.34
C14 QKF K . 7.35 -30.37 -7.93
C15 QKF K . 7.63 -30.87 -9.19
C16 QKF K . 6.11 -30.81 -7.20
C17 QKF K . 5.32 -28.41 -6.92
C18 QKF K . 5.41 -27.65 -5.61
C19 QKF K . 3.96 -29.72 -4.61
C20 QKF K . 4.03 -30.26 -6.03
C3 QKF K . 13.94 -28.02 -7.10
C7 QKF K . 13.32 -27.86 -11.62
N2 QKF K . 8.77 -30.62 -9.85
O1 QKF K . 10.88 -29.66 -9.81
O2 QKF K . 5.92 -32.00 -7.02
O3 QKF K . 2.83 -27.47 -5.31
O4 QKF K . 4.23 -27.50 -3.28
S QKF K . 3.99 -27.96 -4.62
H3 QKF K . 14.04 -27.74 -4.97
H5 QKF K . 12.57 -30.75 -8.52
H8 QKF K . 12.35 -28.32 -13.49
H6 QKF K . 13.81 -27.36 -13.63
H7 QKF K . 12.32 -26.63 -13.04
H9 QKF K . 10.79 -27.61 -9.66
H10 QKF K . 10.68 -28.22 -11.30
H1 QKF K . 11.94 -30.74 -4.10
H2 QKF K . 12.44 -29.17 -3.48
H QKF K . 13.61 -30.47 -3.65
H11 QKF K . 10.23 -28.61 -7.57
H12 QKF K . 8.09 -29.11 -6.37
H13 QKF K . 6.93 -31.51 -9.72
H15 QKF K . 6.15 -28.12 -7.57
H14 QKF K . 4.45 -28.06 -7.45
H16 QKF K . 6.33 -27.96 -5.10
H17 QKF K . 5.62 -26.59 -5.79
H19 QKF K . 3.06 -30.12 -4.13
H18 QKF K . 4.74 -30.17 -4.00
H20 QKF K . 3.16 -29.91 -6.58
H21 QKF K . 3.92 -31.34 -6.01
H4 QKF K . 14.45 -27.08 -7.31
C1 NAG L . 9.73 -18.14 38.27
C2 NAG L . 8.86 -17.54 39.37
C3 NAG L . 9.70 -17.06 40.53
C4 NAG L . 10.58 -18.20 41.01
C5 NAG L . 11.38 -18.77 39.86
C6 NAG L . 12.18 -19.98 40.33
C7 NAG L . 6.72 -16.46 38.96
C8 NAG L . 6.00 -15.27 38.39
N2 NAG L . 8.04 -16.45 38.86
O3 NAG L . 8.86 -16.63 41.57
O4 NAG L . 11.44 -17.73 42.02
O5 NAG L . 10.54 -19.17 38.80
O6 NAG L . 13.09 -19.58 41.33
O7 NAG L . 6.09 -17.37 39.48
H2 NAG L . 8.21 -18.33 39.74
H3 NAG L . 10.30 -16.22 40.18
H4 NAG L . 9.93 -18.97 41.42
H5 NAG L . 12.08 -18.02 39.51
H61 NAG L . 11.49 -20.74 40.70
H62 NAG L . 12.72 -20.41 39.49
H81 NAG L . 5.30 -15.60 37.63
H82 NAG L . 5.44 -14.78 39.20
H83 NAG L . 6.72 -14.58 37.98
HN2 NAG L . 8.52 -15.65 38.47
HO3 NAG L . 7.92 -16.80 41.32
HO4 NAG L . 11.27 -16.78 42.17
HO6 NAG L . 13.00 -18.63 41.50
N1 QKF M . 11.15 -24.13 20.19
C2 QKF M . 11.74 -20.17 21.95
C4 QKF M . 10.69 -22.30 21.65
C5 QKF M . 10.31 -22.23 22.98
C6 QKF M . 10.24 -23.41 20.78
C8 QKF M . 8.21 -25.84 18.95
N3 QKF M . 3.62 -18.69 24.55
C9 QKF M . 8.93 -23.84 20.46
C10 QKF M . 7.64 -23.23 20.92
N QKF M . 10.60 -21.19 23.78
C QKF M . 11.56 -19.00 24.17
O QKF M . 10.44 -25.10 19.45
C1 QKF M . 11.30 -20.17 23.28
C11 QKF M . 6.75 -22.33 22.93
C12 QKF M . 7.03 -20.96 22.83
C13 QKF M . 6.20 -20.11 23.51
C14 QKF M . 5.14 -20.59 24.26
C15 QKF M . 4.95 -21.97 24.26
C16 QKF M . 4.31 -19.71 25.12
C17 QKF M . 3.58 -18.32 23.14
C18 QKF M . 4.13 -16.93 22.84
C19 QKF M . 3.25 -16.33 25.35
C20 QKF M . 2.80 -17.78 25.38
C3 QKF M . 11.43 -21.25 21.15
C7 QKF M . 9.12 -24.90 19.64
N2 QKF M . 5.73 -22.84 23.61
O1 QKF M . 7.64 -23.17 22.34
O2 QKF M . 4.25 -19.92 26.32
O3 QKF M . 1.84 -15.71 23.24
O4 QKF M . 3.92 -14.45 23.67
S QKF M . 3.20 -15.70 23.71
H3 QKF M . 12.32 -19.35 21.56
H5 QKF M . 9.75 -23.03 23.47
H8 QKF M . 7.53 -26.34 19.64
H6 QKF M . 8.77 -26.60 18.43
H7 QKF M . 7.60 -25.32 18.21
H9 QKF M . 7.53 -22.24 20.50
H10 QKF M . 6.82 -23.84 20.56
H1 QKF M . 10.86 -18.98 25.00
H2 QKF M . 11.48 -18.04 23.67
H QKF M . 12.57 -19.07 24.60
H11 QKF M . 7.86 -20.61 22.22
H12 QKF M . 6.37 -19.03 23.46
H13 QKF M . 4.12 -22.43 24.80
H15 QKF M . 4.08 -19.04 22.50
H14 QKF M . 2.55 -18.33 22.78
H16 QKF M . 5.18 -16.92 23.12
H17 QKF M . 4.20 -16.76 21.76
H19 QKF M . 2.63 -15.77 26.04
H18 QKF M . 4.23 -16.23 25.82
H20 QKF M . 1.77 -17.83 25.03
H21 QKF M . 2.77 -18.14 26.40
H4 QKF M . 11.77 -21.26 20.12
C1 NAG N . 24.48 23.06 27.52
C2 NAG N . 24.07 24.52 27.49
C3 NAG N . 25.27 25.42 27.25
C4 NAG N . 26.31 25.12 28.31
C5 NAG N . 26.65 23.63 28.33
C6 NAG N . 27.61 23.32 29.46
C7 NAG N . 21.89 25.30 26.74
C8 NAG N . 20.96 25.50 25.59
N2 NAG N . 23.08 24.77 26.45
O3 NAG N . 24.88 26.77 27.36
O4 NAG N . 27.48 25.86 28.06
O5 NAG N . 25.48 22.86 28.50
O6 NAG N . 28.82 24.02 29.26
O7 NAG N . 21.56 25.63 27.87
H2 NAG N . 23.65 24.79 28.45
H3 NAG N . 25.65 25.23 26.26
H4 NAG N . 25.91 25.41 29.28
H5 NAG N . 27.12 23.38 27.38
H61 NAG N . 27.16 23.60 30.41
H62 NAG N . 27.81 22.25 29.48
H81 NAG N . 20.03 24.95 25.78
H82 NAG N . 20.73 26.56 25.48
H83 NAG N . 21.44 25.16 24.67
HN2 NAG N . 23.33 24.57 25.50
HO3 NAG N . 23.92 26.80 27.60
HO4 NAG N . 27.34 26.41 27.25
HO6 NAG N . 28.77 24.55 28.43
N1 QKF O . 19.14 4.73 26.95
C2 QKF O . 20.18 7.52 23.73
C4 QKF O . 19.18 6.83 25.80
C5 QKF O . 19.34 8.14 26.24
C6 QKF O . 18.50 5.81 26.63
C8 QKF O . 16.03 4.03 28.65
N3 QKF O . 13.61 13.08 24.67
C9 QKF O . 17.18 5.83 27.16
C10 QKF O . 16.14 6.89 26.98
N QKF O . 19.87 9.11 25.49
C QKF O . 20.82 9.94 23.40
O QKF O . 18.24 3.97 27.73
C1 QKF O . 20.28 8.82 24.24
C11 QKF O . 16.05 9.26 26.96
C12 QKF O . 16.20 9.58 25.62
C13 QKF O . 15.66 10.77 25.18
C14 QKF O . 14.99 11.61 26.07
C15 QKF O . 14.87 11.16 27.38
C16 QKF O . 14.51 12.97 25.68
C17 QKF O . 13.01 12.01 23.88
C18 QKF O . 13.34 12.07 22.40
C19 QKF O . 13.48 14.77 22.82
C20 QKF O . 13.13 14.40 24.26
C3 QKF O . 19.63 6.53 24.53
C7 QKF O . 17.09 4.66 27.84
N2 QKF O . 15.38 10.00 27.83
O1 QKF O . 16.69 8.14 27.38
O2 QKF O . 14.93 13.94 26.28
O3 QKF O . 11.33 13.64 21.82
O4 QKF O . 13.36 13.77 20.41
S QKF O . 12.77 13.59 21.71
H3 QKF O . 20.53 7.29 22.73
H5 QKF O . 19.04 8.45 27.24
H8 QKF O . 15.69 4.67 29.48
H6 QKF O . 16.39 3.11 29.10
H7 QKF O . 15.15 3.79 28.04
H9 QKF O . 15.83 6.93 25.95
H10 QKF O . 15.27 6.62 27.58
H1 QKF O . 20.48 10.89 23.79
H2 QKF O . 20.50 9.88 22.36
H QKF O . 21.89 9.94 23.42
H11 QKF O . 16.71 8.91 24.94
H12 QKF O . 15.74 11.07 24.15
H13 QKF O . 14.34 11.74 28.14
H15 QKF O . 13.26 11.03 24.25
H14 QKF O . 11.93 12.05 23.97
H16 QKF O . 14.42 11.97 22.29
H17 QKF O . 12.98 11.19 21.88
H19 QKF O . 13.14 15.78 22.63
H18 QKF O . 14.55 14.87 22.71
H20 QKF O . 12.05 14.44 24.37
H21 QKF O . 13.50 15.18 24.93
H4 QKF O . 19.55 5.52 24.15
#